data_9ERF
#
_entry.id   9ERF
#
_cell.length_a   1.00
_cell.length_b   1.00
_cell.length_c   1.00
_cell.angle_alpha   90.00
_cell.angle_beta   90.00
_cell.angle_gamma   90.00
#
_symmetry.space_group_name_H-M   'P 1'
#
loop_
_entity.id
_entity.type
_entity.pdbx_description
1 polymer 'Schlafen family member 11'
2 polymer 'RNA (65-MER)'
3 polymer "RNA (5'-R(P*UP*CP*UP*GP*CP*UP*AP*CP*CP*A)-3')"
4 non-polymer 'ZINC ION'
5 non-polymer 'MANGANESE (II) ION'
6 non-polymer 'MAGNESIUM ION'
#
loop_
_entity_poly.entity_id
_entity_poly.type
_entity_poly.pdbx_seq_one_letter_code
_entity_poly.pdbx_strand_id
1 'polypeptide(L)'
;MADYKDDDDKGTDYKDDDDKLEVLFQGPMEANQCPLVVEPSYPDLVINVGEVTLGEENRKKLQKIQRDQEKERVMRAACA
LLNSGGGVIRMAKKVEHPVEMGLDLEQSLRELIQSSDLQAFFETKQQGRCFYIFVKSWSSGPFPEDRSVKPRLCSLSSSL
YRRSETSVRSMDSREAFCFLKTKRKPKILEEGPFHKIHKGVYQELPNSDPADPNSDPADLIFQKDYLEYGEILPFPESQL
VEFKQFSTKHFQEYVKRTIPEYVPAFANTGGGYLFIGVDDKSREVLGCAKENVDPDSLRRKIEQAIYKLPCVHFCQPQRP
ITFTLKIVNVLKRGELYGYACMIRVNPFCCAVFSEAPNSWIVEDKYVCSLTTEKWVGMMTDTDPDLLQLSEDFECQLSLS
SGPPLSRPVYSKKGLEHKKELQQLLFSVPPGYLRYTPESLWRDLISEHRGLEELINKQMQPFFRGILIFSRSWAVDLNLQ
EKPGVICDALLIAQNSTPILYTILREQDAEGQDYCTRTAFTLKQKLVNMGGYTGKVCVRAKVLCLSPESSAEALEAAVSP
MDYPASYSLAGTQHMEALLQSLVIVLLGFRSLLSDQLGCEVLNLLTAQQYEIFSRSLRKNRELFVHGLPGSGKTIMAMKI
MEKIRNVFHCEAHRILYVCENQPLRNFISDRNICRAETRKTFLRENFEHIQHIVIDEAQNFRTEDGDWYGKAKSITRRAK
GGPGILWIFLDYFQTSHLDCSGLPPLSDQYPREELTRIVRNADPIAKYLQKEMQVIRSNPSFNIPTGCLEVFPEAEWSQG
VQGTLRIKKYLTVEQIMTCVADTCRRFFDRGYSPKDVAVLVSTAKEVEHYKYELLKAMRKKRVVQLSDACDMLGDHIVLD
SVRRFSGLERSIVFGIHPRTADPAILPNVLICLASRAKQHLYIFPWGGH
;
A,B
2 'polyribonucleotide' AGCAGAGUGGCGCAGCGGAAGCGUGCUGGGCCCAUAACCCAGAGGUCGAUGGAUCGAAACCAUCC T
3 'polyribonucleotide' UCUGCUACCA U
#
# COMPACT_ATOMS: atom_id res chain seq x y z
N PRO A 35 -3.26 -40.08 18.25
CA PRO A 35 -2.95 -38.93 17.41
C PRO A 35 -3.78 -38.88 16.13
N LEU A 36 -3.61 -37.81 15.36
CA LEU A 36 -4.28 -37.65 14.08
C LEU A 36 -3.25 -37.82 12.97
N VAL A 37 -3.61 -38.59 11.94
CA VAL A 37 -2.73 -38.89 10.83
C VAL A 37 -3.44 -38.57 9.52
N VAL A 38 -2.70 -37.99 8.58
CA VAL A 38 -3.26 -37.70 7.27
C VAL A 38 -3.32 -38.98 6.45
N GLU A 39 -4.42 -39.18 5.75
CA GLU A 39 -4.58 -40.37 4.93
C GLU A 39 -3.68 -40.26 3.70
N PRO A 40 -2.92 -41.30 3.34
CA PRO A 40 -1.86 -41.14 2.35
C PRO A 40 -2.30 -41.22 0.90
N SER A 41 -3.45 -41.81 0.60
CA SER A 41 -3.81 -42.15 -0.76
C SER A 41 -4.81 -41.18 -1.37
N TYR A 42 -4.73 -39.90 -1.01
CA TYR A 42 -5.60 -38.89 -1.57
C TYR A 42 -4.78 -37.76 -2.19
N PRO A 43 -5.34 -37.07 -3.18
CA PRO A 43 -4.63 -35.93 -3.78
C PRO A 43 -4.80 -34.65 -2.96
N ASP A 44 -5.21 -34.79 -1.71
CA ASP A 44 -5.40 -33.66 -0.81
C ASP A 44 -4.95 -34.07 0.58
N LEU A 45 -4.96 -33.09 1.49
CA LEU A 45 -4.78 -33.37 2.91
C LEU A 45 -6.10 -33.87 3.48
N VAL A 46 -6.13 -35.13 3.92
CA VAL A 46 -7.32 -35.75 4.46
C VAL A 46 -6.98 -36.28 5.84
N ILE A 47 -7.64 -35.76 6.86
CA ILE A 47 -7.43 -36.18 8.24
C ILE A 47 -8.66 -36.95 8.69
N ASN A 48 -8.45 -38.18 9.13
CA ASN A 48 -9.50 -39.02 9.66
C ASN A 48 -9.55 -38.83 11.17
N VAL A 49 -10.67 -38.32 11.68
CA VAL A 49 -10.85 -38.11 13.12
C VAL A 49 -11.72 -39.18 13.76
N GLY A 50 -11.93 -40.30 13.08
CA GLY A 50 -12.61 -41.42 13.68
C GLY A 50 -14.08 -41.17 13.93
N GLU A 51 -14.60 -41.83 14.97
CA GLU A 51 -16.01 -41.71 15.32
C GLU A 51 -16.27 -40.40 16.04
N VAL A 52 -17.27 -39.67 15.56
CA VAL A 52 -17.69 -38.41 16.16
C VAL A 52 -19.21 -38.43 16.25
N THR A 53 -19.73 -37.98 17.38
CA THR A 53 -21.18 -37.88 17.55
C THR A 53 -21.65 -36.57 16.94
N LEU A 54 -22.61 -36.65 16.02
CA LEU A 54 -23.08 -35.51 15.27
C LEU A 54 -24.58 -35.34 15.48
N GLY A 55 -25.05 -34.13 15.26
CA GLY A 55 -26.43 -33.78 15.56
C GLY A 55 -26.53 -33.15 16.93
N GLU A 56 -27.33 -32.10 17.06
CA GLU A 56 -27.35 -31.38 18.33
C GLU A 56 -27.97 -32.21 19.44
N GLU A 57 -29.08 -32.90 19.15
CA GLU A 57 -29.67 -33.76 20.18
C GLU A 57 -28.72 -34.88 20.57
N ASN A 58 -28.08 -35.51 19.59
CA ASN A 58 -27.15 -36.60 19.87
C ASN A 58 -25.99 -36.12 20.71
N ARG A 59 -25.43 -34.95 20.41
CA ARG A 59 -24.30 -34.45 21.17
C ARG A 59 -24.73 -33.96 22.55
N LYS A 60 -25.97 -33.50 22.69
CA LYS A 60 -26.45 -33.08 24.00
C LYS A 60 -26.71 -34.29 24.89
N LYS A 61 -27.05 -35.43 24.30
CA LYS A 61 -27.23 -36.64 25.09
C LYS A 61 -25.93 -37.23 25.60
N LEU A 62 -24.78 -36.74 25.14
CA LEU A 62 -23.50 -37.25 25.61
C LEU A 62 -23.14 -36.65 26.95
N GLN A 63 -22.07 -37.19 27.54
CA GLN A 63 -21.47 -36.57 28.72
C GLN A 63 -20.43 -35.54 28.29
N LYS A 64 -20.31 -34.49 29.10
CA LYS A 64 -19.53 -33.33 28.67
C LYS A 64 -18.09 -33.68 28.40
N ILE A 65 -17.51 -34.64 29.13
CA ILE A 65 -16.10 -34.97 28.92
C ILE A 65 -15.88 -35.56 27.53
N GLN A 66 -16.74 -36.50 27.13
CA GLN A 66 -16.60 -37.10 25.81
C GLN A 66 -16.96 -36.10 24.72
N ARG A 67 -17.96 -35.26 24.99
CA ARG A 67 -18.34 -34.21 24.05
C ARG A 67 -17.15 -33.30 23.76
N ASP A 68 -16.47 -32.84 24.81
CA ASP A 68 -15.33 -31.97 24.66
C ASP A 68 -14.16 -32.68 23.99
N GLN A 69 -13.95 -33.96 24.28
CA GLN A 69 -12.87 -34.68 23.62
C GLN A 69 -13.10 -34.77 22.12
N GLU A 70 -14.32 -35.11 21.71
CA GLU A 70 -14.63 -35.16 20.28
C GLU A 70 -14.49 -33.79 19.65
N LYS A 71 -14.96 -32.74 20.33
CA LYS A 71 -14.84 -31.40 19.79
C LYS A 71 -13.38 -31.02 19.60
N GLU A 72 -12.53 -31.35 20.58
CA GLU A 72 -11.12 -31.01 20.47
C GLU A 72 -10.46 -31.77 19.32
N ARG A 73 -10.82 -33.04 19.13
CA ARG A 73 -10.28 -33.78 17.98
C ARG A 73 -10.62 -33.06 16.68
N VAL A 74 -11.90 -32.75 16.49
CA VAL A 74 -12.32 -32.10 15.26
C VAL A 74 -11.63 -30.75 15.10
N MET A 75 -11.43 -30.02 16.19
CA MET A 75 -10.88 -28.68 16.08
C MET A 75 -9.38 -28.71 15.82
N ARG A 76 -8.67 -29.70 16.37
CA ARG A 76 -7.27 -29.89 16.00
C ARG A 76 -7.15 -30.17 14.51
N ALA A 77 -8.03 -31.04 13.99
CA ALA A 77 -7.99 -31.33 12.55
C ALA A 77 -8.27 -30.08 11.73
N ALA A 78 -9.28 -29.31 12.12
CA ALA A 78 -9.63 -28.11 11.38
C ALA A 78 -8.51 -27.07 11.42
N CYS A 79 -7.88 -26.90 12.58
CA CYS A 79 -6.78 -25.97 12.71
C CYS A 79 -5.60 -26.40 11.84
N ALA A 80 -5.26 -27.69 11.86
CA ALA A 80 -4.16 -28.17 11.04
C ALA A 80 -4.42 -27.93 9.57
N LEU A 81 -5.65 -28.21 9.11
CA LEU A 81 -5.97 -27.99 7.70
C LEU A 81 -5.97 -26.52 7.34
N LEU A 82 -6.48 -25.67 8.23
CA LEU A 82 -6.44 -24.23 7.98
C LEU A 82 -5.01 -23.73 7.84
N ASN A 83 -4.11 -24.23 8.69
CA ASN A 83 -2.74 -23.76 8.70
C ASN A 83 -1.85 -24.46 7.68
N SER A 84 -2.33 -25.52 7.02
CA SER A 84 -1.48 -26.33 6.14
C SER A 84 -1.91 -26.30 4.68
N GLY A 85 -2.82 -25.41 4.28
CA GLY A 85 -3.24 -25.32 2.91
C GLY A 85 -4.60 -25.89 2.59
N GLY A 86 -5.36 -26.31 3.60
CA GLY A 86 -6.69 -26.82 3.39
C GLY A 86 -6.70 -28.33 3.21
N GLY A 87 -7.90 -28.88 3.25
CA GLY A 87 -8.05 -30.33 3.13
C GLY A 87 -9.45 -30.75 3.47
N VAL A 88 -9.59 -32.02 3.85
CA VAL A 88 -10.87 -32.62 4.18
C VAL A 88 -10.76 -33.30 5.53
N ILE A 89 -11.74 -33.07 6.39
CA ILE A 89 -11.86 -33.82 7.63
C ILE A 89 -12.87 -34.94 7.39
N ARG A 90 -12.46 -36.17 7.63
CA ARG A 90 -13.32 -37.32 7.48
C ARG A 90 -13.66 -37.86 8.87
N MET A 91 -14.96 -37.93 9.17
CA MET A 91 -15.43 -38.51 10.43
C MET A 91 -16.58 -39.45 10.15
N ALA A 92 -16.52 -40.63 10.76
CA ALA A 92 -17.62 -41.58 10.66
C ALA A 92 -18.73 -41.17 11.63
N LYS A 93 -19.96 -41.15 11.13
CA LYS A 93 -21.12 -40.87 11.95
C LYS A 93 -21.89 -42.15 12.21
N LYS A 94 -22.49 -42.23 13.39
CA LYS A 94 -23.05 -43.48 13.90
C LYS A 94 -24.41 -43.80 13.31
N VAL A 95 -25.01 -42.91 12.52
CA VAL A 95 -26.33 -43.10 11.98
C VAL A 95 -26.31 -42.84 10.48
N GLU A 96 -27.26 -43.44 9.77
CA GLU A 96 -27.30 -43.32 8.32
C GLU A 96 -27.86 -41.98 7.87
N HIS A 97 -28.84 -41.45 8.57
CA HIS A 97 -29.61 -40.32 8.07
C HIS A 97 -28.84 -39.01 8.20
N PRO A 98 -29.10 -38.04 7.34
CA PRO A 98 -28.35 -36.78 7.38
C PRO A 98 -28.58 -36.04 8.70
N VAL A 99 -27.51 -35.43 9.21
CA VAL A 99 -27.54 -34.79 10.52
C VAL A 99 -26.94 -33.40 10.39
N GLU A 100 -27.32 -32.52 11.32
CA GLU A 100 -26.62 -31.25 11.46
C GLU A 100 -25.35 -31.46 12.26
N MET A 101 -24.38 -30.59 12.04
CA MET A 101 -23.06 -30.76 12.66
C MET A 101 -23.16 -30.67 14.18
N GLY A 102 -23.83 -29.65 14.69
CA GLY A 102 -23.90 -29.42 16.12
C GLY A 102 -23.54 -27.99 16.48
N LEU A 103 -24.23 -27.42 17.47
CA LEU A 103 -24.00 -26.02 17.82
C LEU A 103 -22.62 -25.79 18.42
N ASP A 104 -22.15 -26.71 19.26
CA ASP A 104 -20.83 -26.53 19.85
C ASP A 104 -19.73 -26.59 18.79
N LEU A 105 -19.84 -27.52 17.85
CA LEU A 105 -18.87 -27.60 16.76
C LEU A 105 -18.94 -26.34 15.88
N GLU A 106 -20.16 -25.90 15.56
CA GLU A 106 -20.33 -24.66 14.82
C GLU A 106 -19.62 -23.51 15.50
N GLN A 107 -19.84 -23.36 16.81
CA GLN A 107 -19.30 -22.23 17.53
C GLN A 107 -17.79 -22.32 17.65
N SER A 108 -17.25 -23.53 17.80
CA SER A 108 -15.80 -23.69 17.83
C SER A 108 -15.18 -23.33 16.50
N LEU A 109 -15.81 -23.70 15.38
CA LEU A 109 -15.30 -23.27 14.08
C LEU A 109 -15.37 -21.76 13.93
N ARG A 110 -16.46 -21.15 14.41
CA ARG A 110 -16.57 -19.70 14.37
C ARG A 110 -15.46 -19.04 15.15
N GLU A 111 -15.16 -19.55 16.35
CA GLU A 111 -14.06 -19.00 17.13
C GLU A 111 -12.72 -19.23 16.43
N LEU A 112 -12.58 -20.36 15.75
CA LEU A 112 -11.34 -20.68 15.07
C LEU A 112 -11.05 -19.67 13.97
N ILE A 113 -12.06 -19.29 13.18
CA ILE A 113 -11.85 -18.34 12.10
C ILE A 113 -12.21 -16.91 12.49
N GLN A 114 -12.60 -16.68 13.75
CA GLN A 114 -12.95 -15.34 14.24
C GLN A 114 -14.00 -14.67 13.36
N SER A 115 -15.01 -15.43 12.97
CA SER A 115 -16.02 -14.92 12.06
C SER A 115 -17.21 -15.86 12.04
N SER A 116 -18.38 -15.30 11.76
CA SER A 116 -19.57 -16.12 11.56
C SER A 116 -19.72 -16.58 10.11
N ASP A 117 -18.82 -16.18 9.23
CA ASP A 117 -18.85 -16.60 7.83
C ASP A 117 -18.19 -17.98 7.68
N LEU A 118 -18.90 -18.99 8.19
CA LEU A 118 -18.38 -20.34 8.17
C LEU A 118 -18.23 -20.86 6.75
N GLN A 119 -19.19 -20.53 5.88
CA GLN A 119 -19.20 -21.05 4.53
C GLN A 119 -17.97 -20.62 3.73
N ALA A 120 -17.28 -19.56 4.17
CA ALA A 120 -16.10 -19.10 3.45
C ALA A 120 -14.93 -20.06 3.62
N PHE A 121 -14.90 -20.83 4.71
CA PHE A 121 -13.81 -21.74 5.00
C PHE A 121 -14.22 -23.18 5.21
N PHE A 122 -15.49 -23.45 5.48
CA PHE A 122 -15.96 -24.78 5.82
C PHE A 122 -17.19 -25.12 5.00
N GLU A 123 -17.19 -26.30 4.40
CA GLU A 123 -18.34 -26.84 3.70
C GLU A 123 -18.42 -28.32 4.01
N THR A 124 -19.63 -28.80 4.26
CA THR A 124 -19.83 -30.18 4.70
C THR A 124 -20.61 -30.96 3.67
N LYS A 125 -20.24 -32.22 3.50
CA LYS A 125 -21.00 -33.20 2.76
C LYS A 125 -21.05 -34.48 3.59
N GLN A 126 -22.11 -35.26 3.42
CA GLN A 126 -22.22 -36.52 4.12
C GLN A 126 -22.85 -37.55 3.20
N GLN A 127 -22.37 -38.79 3.30
CA GLN A 127 -22.87 -39.89 2.48
C GLN A 127 -22.85 -41.15 3.33
N GLY A 128 -24.00 -41.82 3.43
CA GLY A 128 -24.05 -43.04 4.22
C GLY A 128 -23.64 -42.77 5.65
N ARG A 129 -22.61 -43.48 6.11
CA ARG A 129 -22.08 -43.32 7.45
C ARG A 129 -20.86 -42.40 7.50
N CYS A 130 -20.75 -41.46 6.57
CA CYS A 130 -19.57 -40.62 6.44
C CYS A 130 -19.97 -39.15 6.45
N PHE A 131 -19.20 -38.36 7.20
CA PHE A 131 -19.41 -36.92 7.29
C PHE A 131 -18.09 -36.24 6.97
N TYR A 132 -18.12 -35.31 6.02
CA TYR A 132 -16.92 -34.66 5.51
C TYR A 132 -16.99 -33.17 5.79
N ILE A 133 -15.89 -32.59 6.23
CA ILE A 133 -15.73 -31.15 6.35
C ILE A 133 -14.59 -30.74 5.43
N PHE A 134 -14.91 -30.02 4.36
CA PHE A 134 -13.90 -29.49 3.46
C PHE A 134 -13.42 -28.15 3.98
N VAL A 135 -12.12 -28.03 4.21
CA VAL A 135 -11.52 -26.87 4.87
C VAL A 135 -10.71 -26.11 3.84
N LYS A 136 -10.94 -24.81 3.76
CA LYS A 136 -10.12 -23.94 2.94
C LYS A 136 -8.94 -23.41 3.75
N SER A 137 -7.86 -23.08 3.04
CA SER A 137 -6.68 -22.53 3.70
C SER A 137 -6.98 -21.16 4.29
N TRP A 138 -6.50 -20.94 5.50
CA TRP A 138 -6.63 -19.62 6.13
C TRP A 138 -5.80 -18.59 5.38
N SER A 139 -4.53 -18.90 5.14
CA SER A 139 -3.64 -18.01 4.42
C SER A 139 -2.97 -18.79 3.30
N SER A 140 -2.59 -18.09 2.24
CA SER A 140 -2.01 -18.73 1.07
C SER A 140 -0.88 -17.88 0.54
N GLY A 141 0.19 -18.54 0.11
CA GLY A 141 1.30 -17.88 -0.53
C GLY A 141 2.31 -17.38 0.47
N PRO A 142 3.55 -17.11 0.00
CA PRO A 142 4.56 -16.55 0.89
C PRO A 142 4.34 -15.07 1.17
N PHE A 143 3.66 -14.35 0.28
CA PHE A 143 3.46 -12.90 0.40
C PHE A 143 1.98 -12.59 0.18
N PRO A 144 1.13 -12.87 1.17
CA PRO A 144 -0.28 -12.53 1.03
C PRO A 144 -0.51 -11.03 1.02
N GLU A 145 -1.65 -10.63 0.45
CA GLU A 145 -2.06 -9.23 0.52
C GLU A 145 -2.31 -8.82 1.97
N ASP A 146 -2.93 -9.69 2.75
CA ASP A 146 -3.25 -9.42 4.14
C ASP A 146 -2.06 -9.61 5.07
N ARG A 147 -0.85 -9.68 4.52
CA ARG A 147 0.31 -10.09 5.30
C ARG A 147 0.48 -9.24 6.56
N SER A 148 0.30 -7.93 6.45
CA SER A 148 0.41 -7.04 7.59
C SER A 148 -0.93 -6.73 8.24
N VAL A 149 -2.02 -7.33 7.76
CA VAL A 149 -3.35 -7.05 8.27
C VAL A 149 -3.87 -8.18 9.14
N LYS A 150 -3.72 -9.43 8.69
CA LYS A 150 -4.28 -10.58 9.39
C LYS A 150 -3.17 -11.53 9.84
N PRO A 151 -3.41 -12.29 10.90
CA PRO A 151 -2.40 -13.28 11.32
C PRO A 151 -2.16 -14.43 10.37
N ARG A 152 -0.93 -14.96 10.43
CA ARG A 152 -0.56 -16.06 9.55
C ARG A 152 -1.23 -17.40 9.91
N LEU A 153 -1.48 -17.60 11.20
CA LEU A 153 -2.07 -18.82 11.71
C LEU A 153 -3.45 -18.67 12.30
N CYS A 154 -4.18 -19.79 12.34
CA CYS A 154 -5.33 -19.95 13.20
C CYS A 154 -4.93 -20.81 14.39
N SER A 155 -5.48 -20.49 15.55
CA SER A 155 -5.15 -21.20 16.78
C SER A 155 -6.42 -21.53 17.55
N LEU A 156 -6.40 -22.68 18.21
CA LEU A 156 -7.45 -22.96 19.19
C LEU A 156 -7.33 -22.02 20.38
N SER A 157 -6.10 -21.75 20.80
CA SER A 157 -5.81 -20.77 21.83
C SER A 157 -4.42 -20.21 21.58
N SER A 158 -4.26 -18.92 21.87
CA SER A 158 -2.94 -18.29 21.77
C SER A 158 -2.16 -18.38 23.07
N SER A 159 -2.82 -18.66 24.19
CA SER A 159 -2.21 -18.69 25.52
C SER A 159 -1.67 -17.33 25.93
N LEU A 160 -2.12 -16.27 25.28
CA LEU A 160 -1.74 -14.90 25.62
C LEU A 160 -2.91 -14.23 26.33
N TYR A 161 -2.63 -13.68 27.50
CA TYR A 161 -3.65 -13.02 28.32
C TYR A 161 -3.18 -11.62 28.66
N ARG A 162 -4.13 -10.70 28.77
CA ARG A 162 -3.84 -9.37 29.27
C ARG A 162 -4.87 -8.98 30.31
N ARG A 163 -4.45 -8.09 31.20
CA ARG A 163 -5.33 -7.49 32.19
C ARG A 163 -6.16 -6.41 31.52
N SER A 164 -7.49 -6.54 31.61
CA SER A 164 -8.43 -5.57 31.08
C SER A 164 -9.26 -5.08 32.25
N GLU A 165 -8.82 -3.98 32.86
CA GLU A 165 -9.40 -3.54 34.12
C GLU A 165 -9.27 -4.65 35.15
N THR A 166 -10.38 -5.14 35.69
CA THR A 166 -10.34 -6.11 36.77
C THR A 166 -10.42 -7.55 36.29
N SER A 167 -10.28 -7.81 35.00
CA SER A 167 -10.47 -9.14 34.46
C SER A 167 -9.29 -9.53 33.59
N VAL A 168 -9.09 -10.83 33.44
CA VAL A 168 -8.05 -11.40 32.60
C VAL A 168 -8.71 -11.95 31.35
N ARG A 169 -8.26 -11.49 30.18
CA ARG A 169 -8.89 -11.84 28.92
C ARG A 169 -7.86 -12.44 27.99
N SER A 170 -8.22 -13.56 27.37
CA SER A 170 -7.35 -14.18 26.39
C SER A 170 -7.40 -13.41 25.08
N MET A 171 -6.24 -13.25 24.44
CA MET A 171 -6.18 -12.58 23.16
C MET A 171 -6.52 -13.55 22.04
N ASP A 172 -7.45 -13.18 21.18
CA ASP A 172 -7.71 -14.00 20.01
C ASP A 172 -6.56 -13.86 19.03
N SER A 173 -6.69 -14.47 17.86
CA SER A 173 -5.58 -14.48 16.92
C SER A 173 -5.23 -13.06 16.48
N ARG A 174 -6.23 -12.23 16.19
CA ARG A 174 -5.99 -10.87 15.74
C ARG A 174 -5.39 -10.00 16.85
N GLU A 175 -5.94 -10.09 18.06
CA GLU A 175 -5.39 -9.33 19.18
C GLU A 175 -3.95 -9.75 19.46
N ALA A 176 -3.68 -11.05 19.44
CA ALA A 176 -2.32 -11.53 19.67
C ALA A 176 -1.38 -11.05 18.58
N PHE A 177 -1.86 -11.03 17.33
CA PHE A 177 -1.05 -10.51 16.24
C PHE A 177 -0.65 -9.06 16.49
N CYS A 178 -1.64 -8.22 16.81
CA CYS A 178 -1.35 -6.81 17.07
C CYS A 178 -0.44 -6.64 18.28
N PHE A 179 -0.68 -7.42 19.34
CA PHE A 179 0.11 -7.31 20.55
C PHE A 179 1.56 -7.70 20.31
N LEU A 180 1.78 -8.79 19.56
CA LEU A 180 3.14 -9.20 19.25
C LEU A 180 3.82 -8.20 18.33
N LYS A 181 3.08 -7.58 17.41
CA LYS A 181 3.66 -6.53 16.60
C LYS A 181 4.14 -5.37 17.47
N THR A 182 3.29 -4.95 18.41
CA THR A 182 3.66 -3.87 19.32
C THR A 182 4.89 -4.22 20.14
N LYS A 183 4.92 -5.44 20.69
CA LYS A 183 6.09 -5.85 21.48
C LYS A 183 7.34 -5.96 20.62
N ARG A 184 7.19 -6.33 19.34
CA ARG A 184 8.35 -6.50 18.48
C ARG A 184 8.94 -5.18 18.05
N LYS A 185 8.12 -4.17 17.78
CA LYS A 185 8.70 -2.90 17.32
C LYS A 185 9.58 -2.33 18.41
N PRO A 186 10.81 -1.88 18.08
CA PRO A 186 11.72 -1.37 19.10
C PRO A 186 11.38 0.04 19.58
N ASP A 216 1.00 4.15 44.23
CA ASP A 216 -0.22 3.38 44.33
C ASP A 216 -0.46 2.94 45.78
N PRO A 217 -1.69 3.02 46.26
CA PRO A 217 -1.97 2.55 47.63
C PRO A 217 -1.73 1.06 47.81
N ALA A 218 -1.68 0.29 46.73
CA ALA A 218 -1.39 -1.13 46.85
C ALA A 218 0.03 -1.37 47.36
N ASP A 219 0.97 -0.52 46.97
CA ASP A 219 2.34 -0.66 47.44
C ASP A 219 2.43 -0.49 48.96
N LEU A 220 1.58 0.36 49.54
CA LEU A 220 1.59 0.55 50.98
C LEU A 220 1.29 -0.75 51.71
N ILE A 221 0.25 -1.47 51.26
CA ILE A 221 -0.07 -2.75 51.87
C ILE A 221 1.00 -3.79 51.54
N PHE A 222 1.56 -3.72 50.34
CA PHE A 222 2.63 -4.64 49.98
C PHE A 222 3.84 -4.48 50.89
N GLN A 223 4.07 -3.26 51.39
CA GLN A 223 5.19 -3.00 52.28
C GLN A 223 4.97 -3.51 53.69
N LYS A 224 3.73 -3.75 54.10
CA LYS A 224 3.47 -4.26 55.43
C LYS A 224 4.01 -5.67 55.58
N ASP A 225 4.62 -5.95 56.74
CA ASP A 225 5.16 -7.27 57.03
C ASP A 225 4.18 -8.15 57.79
N TYR A 226 2.99 -7.65 58.12
CA TYR A 226 1.96 -8.45 58.75
C TYR A 226 0.62 -7.75 58.54
N LEU A 227 -0.45 -8.53 58.66
CA LEU A 227 -1.80 -8.03 58.43
C LEU A 227 -2.73 -8.54 59.51
N GLU A 228 -3.70 -7.71 59.87
CA GLU A 228 -4.71 -8.10 60.84
C GLU A 228 -5.83 -8.88 60.16
N TYR A 229 -6.20 -10.02 60.75
CA TYR A 229 -7.31 -10.78 60.23
C TYR A 229 -8.57 -9.91 60.20
N GLY A 230 -9.28 -9.94 59.08
CA GLY A 230 -10.45 -9.10 58.92
C GLY A 230 -10.15 -7.67 58.52
N GLU A 231 -8.88 -7.32 58.29
CA GLU A 231 -8.56 -5.97 57.87
C GLU A 231 -9.18 -5.69 56.50
N ILE A 232 -9.52 -4.43 56.28
CA ILE A 232 -10.14 -4.00 55.03
C ILE A 232 -9.12 -3.22 54.23
N LEU A 233 -8.83 -3.68 53.01
CA LEU A 233 -7.91 -2.97 52.16
C LEU A 233 -8.57 -1.70 51.62
N PRO A 234 -7.86 -0.58 51.56
CA PRO A 234 -8.49 0.70 51.19
C PRO A 234 -8.64 0.95 49.70
N PHE A 235 -8.51 -0.07 48.85
CA PHE A 235 -8.63 0.12 47.41
C PHE A 235 -9.36 -1.07 46.82
N PRO A 236 -9.99 -0.90 45.65
CA PRO A 236 -10.64 -2.03 44.99
C PRO A 236 -9.70 -2.74 44.03
N GLU A 237 -10.20 -3.83 43.45
CA GLU A 237 -9.53 -4.44 42.31
C GLU A 237 -9.55 -3.48 41.14
N SER A 238 -8.50 -3.52 40.33
CA SER A 238 -8.37 -2.58 39.23
C SER A 238 -7.42 -3.16 38.19
N GLN A 239 -6.98 -2.31 37.27
CA GLN A 239 -6.02 -2.74 36.26
C GLN A 239 -4.73 -3.26 36.87
N LEU A 240 -4.44 -2.86 38.11
CA LEU A 240 -3.18 -3.21 38.75
C LEU A 240 -3.33 -4.13 39.95
N VAL A 241 -4.56 -4.39 40.43
CA VAL A 241 -4.78 -5.10 41.67
C VAL A 241 -5.73 -6.25 41.42
N GLU A 242 -5.47 -7.38 42.07
CA GLU A 242 -6.34 -8.55 42.05
C GLU A 242 -6.41 -9.15 43.45
N PHE A 243 -7.61 -9.47 43.89
CA PHE A 243 -7.84 -10.12 45.19
C PHE A 243 -8.33 -11.54 44.95
N LYS A 244 -7.64 -12.51 45.55
CA LYS A 244 -8.02 -13.91 45.48
C LYS A 244 -8.07 -14.49 46.88
N GLN A 245 -9.06 -15.35 47.13
CA GLN A 245 -9.07 -16.14 48.34
C GLN A 245 -8.32 -17.44 48.11
N PHE A 246 -7.98 -18.12 49.21
CA PHE A 246 -7.39 -19.44 49.12
C PHE A 246 -8.48 -20.49 48.93
N SER A 247 -8.19 -21.46 48.08
CA SER A 247 -9.06 -22.62 47.96
C SER A 247 -9.09 -23.35 49.30
N THR A 248 -10.27 -23.87 49.66
CA THR A 248 -10.41 -24.55 50.93
C THR A 248 -9.89 -25.98 50.92
N LYS A 249 -9.69 -26.58 49.74
CA LYS A 249 -9.37 -27.99 49.64
C LYS A 249 -7.89 -28.26 49.40
N HIS A 250 -7.33 -27.74 48.29
CA HIS A 250 -5.96 -28.07 47.87
C HIS A 250 -5.23 -26.74 47.64
N PHE A 251 -4.49 -26.31 48.66
CA PHE A 251 -3.93 -24.96 48.66
C PHE A 251 -2.77 -24.82 47.68
N GLN A 252 -1.84 -25.76 47.69
CA GLN A 252 -0.70 -25.68 46.78
C GLN A 252 -1.13 -25.90 45.34
N GLU A 253 -2.01 -26.86 45.09
CA GLU A 253 -2.55 -27.03 43.75
C GLU A 253 -3.29 -25.78 43.31
N TYR A 254 -3.95 -25.10 44.26
CA TYR A 254 -4.68 -23.89 43.93
C TYR A 254 -3.74 -22.77 43.49
N VAL A 255 -2.64 -22.56 44.23
CA VAL A 255 -1.71 -21.51 43.83
C VAL A 255 -1.04 -21.88 42.51
N LYS A 256 -0.75 -23.17 42.31
CA LYS A 256 -0.20 -23.60 41.04
C LYS A 256 -1.15 -23.30 39.89
N ARG A 257 -2.44 -23.50 40.09
CA ARG A 257 -3.44 -23.17 39.08
C ARG A 257 -3.58 -21.67 38.88
N THR A 258 -3.45 -20.89 39.96
CA THR A 258 -3.75 -19.46 39.91
C THR A 258 -2.62 -18.67 39.26
N ILE A 259 -1.37 -19.04 39.51
CA ILE A 259 -0.25 -18.23 39.01
C ILE A 259 -0.30 -18.06 37.50
N PRO A 260 -0.48 -19.12 36.69
CA PRO A 260 -0.52 -18.94 35.23
C PRO A 260 -1.63 -18.03 34.75
N GLU A 261 -2.73 -17.92 35.49
CA GLU A 261 -3.85 -17.11 35.03
C GLU A 261 -3.56 -15.62 35.17
N TYR A 262 -2.91 -15.23 36.26
CA TYR A 262 -2.79 -13.82 36.59
C TYR A 262 -1.41 -13.24 36.36
N VAL A 263 -0.34 -13.98 36.66
CA VAL A 263 0.99 -13.38 36.55
C VAL A 263 1.26 -12.99 35.09
N PRO A 264 1.01 -13.87 34.12
CA PRO A 264 1.21 -13.45 32.71
C PRO A 264 0.38 -12.26 32.31
N ALA A 265 -0.87 -12.16 32.80
CA ALA A 265 -1.72 -11.03 32.42
C ALA A 265 -1.14 -9.72 32.93
N PHE A 266 -0.66 -9.69 34.17
CA PHE A 266 0.00 -8.49 34.68
C PHE A 266 1.28 -8.20 33.91
N ALA A 267 2.08 -9.24 33.64
CA ALA A 267 3.35 -9.03 32.96
C ALA A 267 3.15 -8.47 31.57
N ASN A 268 2.07 -8.89 30.89
CA ASN A 268 1.82 -8.43 29.53
C ASN A 268 1.27 -7.01 29.47
N THR A 269 0.76 -6.48 30.59
CA THR A 269 0.19 -5.14 30.62
C THR A 269 0.57 -4.46 31.94
N GLY A 270 1.69 -3.75 31.93
CA GLY A 270 2.01 -2.80 32.99
C GLY A 270 2.26 -3.37 34.37
N GLY A 271 2.21 -4.69 34.54
CA GLY A 271 2.41 -5.24 35.86
C GLY A 271 1.20 -5.03 36.75
N GLY A 272 1.37 -5.41 38.01
CA GLY A 272 0.31 -5.27 38.98
C GLY A 272 0.55 -6.11 40.20
N TYR A 273 -0.42 -6.07 41.10
CA TYR A 273 -0.34 -6.74 42.39
C TYR A 273 -1.37 -7.87 42.45
N LEU A 274 -0.94 -9.03 42.91
CA LEU A 274 -1.83 -10.16 43.18
C LEU A 274 -1.84 -10.42 44.67
N PHE A 275 -3.00 -10.25 45.30
CA PHE A 275 -3.19 -10.54 46.72
C PHE A 275 -4.01 -11.81 46.83
N ILE A 276 -3.44 -12.84 47.45
CA ILE A 276 -4.12 -14.11 47.68
C ILE A 276 -4.46 -14.19 49.15
N GLY A 277 -5.72 -14.39 49.46
CA GLY A 277 -6.18 -14.39 50.83
C GLY A 277 -6.94 -13.16 51.14
N VAL A 278 -7.59 -12.58 50.15
CA VAL A 278 -8.39 -11.39 50.35
C VAL A 278 -9.77 -11.56 49.73
N ASP A 279 -10.83 -11.36 50.48
CA ASP A 279 -12.19 -11.43 49.95
C ASP A 279 -12.30 -10.35 48.95
N ASP A 280 -12.89 -10.63 47.81
CA ASP A 280 -12.87 -9.64 46.79
C ASP A 280 -14.19 -8.92 46.72
N LYS A 281 -15.03 -9.18 47.70
CA LYS A 281 -16.31 -8.55 47.76
C LYS A 281 -16.23 -7.63 48.93
N SER A 282 -15.35 -7.92 49.86
CA SER A 282 -15.29 -7.14 51.06
C SER A 282 -13.98 -6.49 51.20
N ARG A 283 -12.96 -7.04 50.61
CA ARG A 283 -11.62 -6.55 50.71
C ARG A 283 -11.14 -6.90 52.04
N GLU A 284 -11.65 -8.01 52.59
CA GLU A 284 -11.18 -8.45 53.90
C GLU A 284 -9.96 -9.33 53.75
N VAL A 285 -9.00 -9.17 54.68
CA VAL A 285 -7.84 -10.06 54.71
C VAL A 285 -8.18 -11.32 55.48
N LEU A 286 -8.04 -12.47 54.83
CA LEU A 286 -8.41 -13.73 55.44
C LEU A 286 -7.21 -14.69 55.49
N GLY A 287 -6.45 -14.75 54.41
CA GLY A 287 -5.28 -15.60 54.41
C GLY A 287 -5.65 -17.08 54.44
N CYS A 288 -4.63 -17.88 54.72
CA CYS A 288 -4.76 -19.33 54.84
C CYS A 288 -4.32 -19.75 56.23
N ALA A 289 -5.12 -20.62 56.86
CA ALA A 289 -4.80 -21.08 58.20
C ALA A 289 -3.41 -21.72 58.23
N LYS A 290 -2.66 -21.41 59.29
CA LYS A 290 -1.30 -21.92 59.40
C LYS A 290 -1.25 -23.44 59.43
N GLU A 291 -2.31 -24.10 59.89
CA GLU A 291 -2.33 -25.55 59.90
C GLU A 291 -2.41 -26.13 58.49
N ASN A 292 -2.70 -25.29 57.50
CA ASN A 292 -2.94 -25.74 56.14
C ASN A 292 -1.82 -25.46 55.17
N VAL A 293 -0.92 -24.52 55.48
CA VAL A 293 0.11 -24.10 54.54
C VAL A 293 1.43 -23.91 55.29
N ASP A 294 2.53 -24.27 54.62
CA ASP A 294 3.87 -23.98 55.10
C ASP A 294 4.49 -22.89 54.25
N PRO A 295 4.85 -21.73 54.82
CA PRO A 295 5.23 -20.60 53.97
C PRO A 295 6.36 -20.90 53.00
N ASP A 296 7.36 -21.68 53.40
CA ASP A 296 8.46 -21.97 52.49
C ASP A 296 7.98 -22.82 51.31
N SER A 297 7.17 -23.84 51.58
CA SER A 297 6.64 -24.65 50.49
C SER A 297 5.77 -23.82 49.57
N LEU A 298 4.94 -22.95 50.12
CA LEU A 298 4.08 -22.10 49.30
C LEU A 298 4.91 -21.19 48.41
N ARG A 299 5.94 -20.56 48.99
CA ARG A 299 6.81 -19.68 48.22
C ARG A 299 7.52 -20.45 47.11
N ARG A 300 8.02 -21.65 47.42
CA ARG A 300 8.73 -22.44 46.42
C ARG A 300 7.81 -22.82 45.28
N LYS A 301 6.58 -23.25 45.60
CA LYS A 301 5.62 -23.58 44.55
C LYS A 301 5.33 -22.38 43.68
N ILE A 302 5.12 -21.21 44.30
CA ILE A 302 4.79 -20.02 43.54
C ILE A 302 5.94 -19.64 42.61
N GLU A 303 7.17 -19.67 43.13
CA GLU A 303 8.32 -19.31 42.32
C GLU A 303 8.51 -20.28 41.16
N GLN A 304 8.34 -21.59 41.41
CA GLN A 304 8.47 -22.56 40.34
C GLN A 304 7.41 -22.35 39.27
N ALA A 305 6.17 -22.09 39.68
CA ALA A 305 5.13 -21.82 38.70
C ALA A 305 5.45 -20.58 37.88
N ILE A 306 5.93 -19.52 38.53
CA ILE A 306 6.23 -18.30 37.79
C ILE A 306 7.36 -18.52 36.80
N TYR A 307 8.41 -19.22 37.22
CA TYR A 307 9.53 -19.49 36.32
C TYR A 307 9.18 -20.50 35.23
N LYS A 308 8.10 -21.26 35.41
CA LYS A 308 7.68 -22.22 34.39
C LYS A 308 6.97 -21.57 33.21
N LEU A 309 6.54 -20.33 33.33
CA LEU A 309 5.76 -19.68 32.29
C LEU A 309 6.61 -19.42 31.05
N PRO A 310 6.20 -19.86 29.86
CA PRO A 310 6.98 -19.56 28.66
C PRO A 310 7.02 -18.07 28.36
N CYS A 311 8.18 -17.60 27.94
CA CYS A 311 8.39 -16.22 27.53
C CYS A 311 9.17 -16.19 26.22
N VAL A 312 8.81 -15.25 25.35
CA VAL A 312 9.49 -15.05 24.08
C VAL A 312 9.98 -13.62 24.03
N HIS A 313 11.25 -13.43 23.69
CA HIS A 313 11.89 -12.14 23.70
C HIS A 313 12.11 -11.63 22.28
N PHE A 314 11.74 -10.38 22.04
CA PHE A 314 12.06 -9.67 20.82
C PHE A 314 13.18 -8.66 21.02
N CYS A 315 13.97 -8.83 22.08
CA CYS A 315 14.92 -7.81 22.50
C CYS A 315 16.15 -8.46 23.11
N GLN A 316 17.08 -7.62 23.53
CA GLN A 316 18.17 -7.95 24.42
C GLN A 316 18.26 -6.88 25.52
N PRO A 317 18.55 -7.27 26.76
CA PRO A 317 18.80 -8.61 27.28
C PRO A 317 17.50 -9.40 27.45
N GLN A 318 17.62 -10.69 27.77
CA GLN A 318 16.47 -11.58 27.80
C GLN A 318 16.21 -12.04 29.22
N ARG A 319 16.22 -11.09 30.16
CA ARG A 319 16.11 -11.43 31.57
C ARG A 319 14.74 -12.03 31.88
N PRO A 320 14.66 -12.96 32.84
CA PRO A 320 13.38 -13.60 33.13
C PRO A 320 12.38 -12.58 33.68
N ILE A 321 11.19 -13.08 34.00
CA ILE A 321 10.15 -12.24 34.57
C ILE A 321 10.62 -11.70 35.91
N THR A 322 10.38 -10.41 36.13
CA THR A 322 10.79 -9.73 37.34
C THR A 322 9.58 -9.60 38.26
N PHE A 323 9.71 -10.08 39.49
CA PHE A 323 8.59 -10.08 40.42
C PHE A 323 9.11 -10.12 41.86
N THR A 324 8.29 -9.62 42.77
CA THR A 324 8.56 -9.66 44.20
C THR A 324 7.44 -10.45 44.87
N LEU A 325 7.82 -11.48 45.64
CA LEU A 325 6.86 -12.33 46.32
C LEU A 325 7.08 -12.19 47.82
N LYS A 326 6.03 -11.82 48.54
CA LYS A 326 6.08 -11.65 50.00
C LYS A 326 4.99 -12.50 50.63
N ILE A 327 5.39 -13.40 51.52
CA ILE A 327 4.46 -14.14 52.37
C ILE A 327 4.43 -13.46 53.73
N VAL A 328 3.27 -12.99 54.14
CA VAL A 328 3.13 -12.21 55.36
C VAL A 328 2.23 -12.97 56.33
N ASN A 329 2.38 -12.64 57.61
CA ASN A 329 1.58 -13.28 58.65
C ASN A 329 0.22 -12.61 58.76
N VAL A 330 -0.81 -13.41 58.99
CA VAL A 330 -2.14 -12.91 59.31
C VAL A 330 -2.37 -13.11 60.80
N LEU A 331 -2.42 -12.02 61.55
CA LEU A 331 -2.49 -12.06 62.99
C LEU A 331 -3.93 -11.87 63.46
N LYS A 332 -4.43 -12.84 64.20
CA LYS A 332 -5.77 -12.78 64.78
C LYS A 332 -5.64 -12.44 66.25
N ARG A 333 -6.09 -11.25 66.63
CA ARG A 333 -5.91 -10.74 67.99
C ARG A 333 -4.44 -10.68 68.35
N GLY A 334 -3.60 -10.36 67.35
CA GLY A 334 -2.18 -10.19 67.56
C GLY A 334 -1.34 -11.45 67.52
N GLU A 335 -1.96 -12.61 67.32
CA GLU A 335 -1.26 -13.88 67.28
C GLU A 335 -1.42 -14.53 65.92
N LEU A 336 -0.38 -15.25 65.50
CA LEU A 336 -0.33 -15.85 64.16
C LEU A 336 -1.52 -16.76 63.92
N TYR A 337 -2.38 -16.37 62.96
CA TYR A 337 -3.49 -17.20 62.54
C TYR A 337 -3.22 -17.91 61.22
N GLY A 338 -2.51 -17.25 60.31
CA GLY A 338 -2.29 -17.82 59.00
C GLY A 338 -1.35 -16.96 58.19
N TYR A 339 -1.23 -17.30 56.91
CA TYR A 339 -0.34 -16.61 55.99
C TYR A 339 -1.12 -16.10 54.79
N ALA A 340 -0.75 -14.91 54.33
CA ALA A 340 -1.31 -14.34 53.11
C ALA A 340 -0.19 -14.09 52.11
N CYS A 341 -0.49 -14.33 50.83
CA CYS A 341 0.47 -14.23 49.76
C CYS A 341 0.29 -12.90 49.03
N MET A 342 1.40 -12.24 48.74
CA MET A 342 1.40 -11.04 47.91
C MET A 342 2.49 -11.15 46.86
N ILE A 343 2.12 -10.95 45.60
CA ILE A 343 3.05 -10.99 44.48
C ILE A 343 2.95 -9.66 43.74
N ARG A 344 4.08 -9.01 43.52
CA ARG A 344 4.15 -7.81 42.71
C ARG A 344 4.82 -8.16 41.38
N VAL A 345 4.03 -8.15 40.31
CA VAL A 345 4.52 -8.48 38.98
C VAL A 345 4.91 -7.18 38.30
N ASN A 346 6.17 -7.07 37.93
CA ASN A 346 6.63 -5.91 37.19
C ASN A 346 6.42 -6.12 35.70
N PRO A 347 6.21 -5.05 34.94
CA PRO A 347 5.95 -5.21 33.50
C PRO A 347 7.09 -5.94 32.81
N PHE A 348 6.73 -6.86 31.93
CA PHE A 348 7.70 -7.65 31.21
C PHE A 348 7.97 -7.02 29.85
N CYS A 349 9.22 -7.12 29.39
CA CYS A 349 9.63 -6.43 28.17
C CYS A 349 8.92 -6.98 26.94
N CYS A 350 8.50 -8.24 26.98
CA CYS A 350 7.99 -8.93 25.80
C CYS A 350 6.76 -9.76 26.16
N ALA A 351 6.39 -10.70 25.30
CA ALA A 351 5.22 -11.54 25.50
C ALA A 351 5.50 -12.62 26.55
N VAL A 352 4.56 -12.83 27.46
CA VAL A 352 4.58 -13.94 28.40
C VAL A 352 3.37 -14.82 28.09
N PHE A 353 3.62 -16.12 27.97
CA PHE A 353 2.56 -17.08 27.74
C PHE A 353 2.26 -17.84 29.03
N SER A 354 0.97 -18.15 29.23
CA SER A 354 0.62 -19.04 30.33
C SER A 354 1.09 -20.45 30.04
N GLU A 355 1.10 -20.84 28.77
CA GLU A 355 1.59 -22.14 28.34
C GLU A 355 1.82 -22.05 26.84
N ALA A 356 2.19 -23.17 26.25
CA ALA A 356 2.42 -23.20 24.81
C ALA A 356 1.10 -22.89 24.07
N PRO A 357 1.15 -22.13 22.99
CA PRO A 357 -0.08 -21.87 22.23
C PRO A 357 -0.69 -23.16 21.70
N ASN A 358 -2.02 -23.17 21.58
CA ASN A 358 -2.74 -24.33 21.08
C ASN A 358 -3.01 -24.14 19.60
N SER A 359 -2.00 -24.40 18.79
CA SER A 359 -2.08 -24.27 17.34
C SER A 359 -1.46 -25.50 16.70
N TRP A 360 -2.07 -25.96 15.61
CA TRP A 360 -1.71 -27.23 15.00
C TRP A 360 -1.43 -27.02 13.52
N ILE A 361 -0.64 -27.94 12.97
CA ILE A 361 -0.21 -27.87 11.57
C ILE A 361 0.11 -29.28 11.12
N VAL A 362 0.10 -29.49 9.80
CA VAL A 362 0.46 -30.77 9.22
C VAL A 362 1.93 -30.75 8.85
N GLU A 363 2.70 -31.68 9.41
CA GLU A 363 4.09 -31.88 9.06
C GLU A 363 4.28 -33.30 8.55
N ASP A 364 4.77 -33.43 7.33
CA ASP A 364 4.85 -34.73 6.66
C ASP A 364 3.50 -35.43 6.67
N LYS A 365 3.36 -36.49 7.45
CA LYS A 365 2.12 -37.26 7.52
C LYS A 365 1.47 -37.19 8.91
N TYR A 366 1.87 -36.25 9.75
CA TYR A 366 1.36 -36.14 11.10
C TYR A 366 0.81 -34.74 11.39
N VAL A 367 -0.20 -34.69 12.27
CA VAL A 367 -0.71 -33.42 12.77
C VAL A 367 0.09 -33.07 14.02
N CYS A 368 0.85 -31.98 13.95
CA CYS A 368 1.82 -31.63 14.97
C CYS A 368 1.49 -30.26 15.55
N SER A 369 1.62 -30.14 16.87
CA SER A 369 1.45 -28.86 17.54
C SER A 369 2.70 -28.00 17.35
N LEU A 370 2.49 -26.69 17.33
CA LEU A 370 3.60 -25.76 17.19
C LEU A 370 4.19 -25.43 18.55
N THR A 371 5.51 -25.31 18.60
CA THR A 371 6.16 -24.83 19.81
C THR A 371 5.91 -23.33 19.96
N THR A 372 6.22 -22.81 21.15
CA THR A 372 5.96 -21.40 21.43
C THR A 372 6.76 -20.50 20.48
N GLU A 373 8.05 -20.76 20.35
CA GLU A 373 8.89 -19.90 19.51
C GLU A 373 8.52 -20.06 18.03
N LYS A 374 8.20 -21.27 17.60
CA LYS A 374 7.76 -21.47 16.21
C LYS A 374 6.47 -20.71 15.94
N TRP A 375 5.51 -20.79 16.88
CA TRP A 375 4.25 -20.07 16.75
C TRP A 375 4.49 -18.56 16.67
N VAL A 376 5.34 -18.04 17.54
CA VAL A 376 5.62 -16.60 17.52
C VAL A 376 6.31 -16.21 16.23
N GLY A 377 7.22 -17.04 15.73
CA GLY A 377 7.87 -16.75 14.46
C GLY A 377 6.88 -16.68 13.32
N MET A 378 5.95 -17.63 13.26
CA MET A 378 4.93 -17.58 12.21
C MET A 378 3.99 -16.40 12.39
N MET A 379 3.72 -16.01 13.63
CA MET A 379 2.77 -14.93 13.89
C MET A 379 3.37 -13.55 13.76
N THR A 380 4.71 -13.43 13.74
CA THR A 380 5.36 -12.13 13.60
C THR A 380 6.14 -11.96 12.31
N ASP A 381 6.59 -13.03 11.66
CA ASP A 381 7.34 -12.92 10.42
C ASP A 381 6.40 -13.03 9.21
N VAL A 409 11.06 -22.44 -5.41
CA VAL A 409 11.79 -21.19 -5.25
C VAL A 409 10.87 -20.03 -5.61
N TYR A 410 10.48 -19.24 -4.61
CA TYR A 410 9.56 -18.15 -4.84
C TYR A 410 10.17 -17.11 -5.77
N SER A 411 9.31 -16.48 -6.58
CA SER A 411 9.73 -15.49 -7.55
C SER A 411 8.86 -14.26 -7.42
N LYS A 412 9.48 -13.11 -7.16
CA LYS A 412 8.72 -11.87 -7.03
C LYS A 412 8.22 -11.38 -8.38
N LYS A 413 8.99 -11.63 -9.45
CA LYS A 413 8.57 -11.20 -10.78
C LYS A 413 7.30 -11.92 -11.21
N GLY A 414 7.19 -13.20 -10.90
CA GLY A 414 5.96 -13.91 -11.20
C GLY A 414 4.77 -13.32 -10.46
N LEU A 415 4.94 -13.04 -9.17
CA LEU A 415 3.84 -12.45 -8.42
C LEU A 415 3.46 -11.09 -9.00
N GLU A 416 4.46 -10.31 -9.43
CA GLU A 416 4.19 -8.99 -9.98
C GLU A 416 3.44 -9.07 -11.31
N HIS A 417 3.86 -9.96 -12.20
CA HIS A 417 3.35 -9.99 -13.57
C HIS A 417 2.36 -11.11 -13.84
N LYS A 418 1.86 -11.80 -12.81
CA LYS A 418 1.06 -13.00 -13.01
C LYS A 418 -0.08 -12.79 -14.00
N LYS A 419 -0.78 -11.65 -13.92
CA LYS A 419 -1.91 -11.45 -14.81
C LYS A 419 -1.47 -11.38 -16.27
N GLU A 420 -0.42 -10.61 -16.55
CA GLU A 420 0.09 -10.51 -17.92
C GLU A 420 0.62 -11.85 -18.41
N LEU A 421 1.35 -12.55 -17.55
CA LEU A 421 1.92 -13.84 -17.94
C LEU A 421 0.83 -14.85 -18.22
N GLN A 422 -0.24 -14.85 -17.42
CA GLN A 422 -1.36 -15.74 -17.67
C GLN A 422 -2.06 -15.39 -18.97
N GLN A 423 -2.30 -14.09 -19.21
CA GLN A 423 -2.93 -13.70 -20.47
C GLN A 423 -2.07 -14.09 -21.66
N LEU A 424 -0.75 -14.08 -21.50
CA LEU A 424 0.14 -14.44 -22.61
C LEU A 424 0.12 -15.94 -22.86
N LEU A 425 0.41 -16.75 -21.84
CA LEU A 425 0.56 -18.19 -22.04
C LEU A 425 -0.76 -18.96 -21.90
N PHE A 426 -1.46 -18.77 -20.78
CA PHE A 426 -2.63 -19.57 -20.43
C PHE A 426 -3.93 -18.81 -20.65
N SER A 427 -4.02 -18.02 -21.71
CA SER A 427 -5.29 -17.35 -22.02
C SER A 427 -6.38 -18.40 -22.24
N VAL A 428 -7.50 -18.24 -21.54
CA VAL A 428 -8.59 -19.20 -21.59
C VAL A 428 -9.58 -18.74 -22.66
N PRO A 429 -9.82 -19.53 -23.70
CA PRO A 429 -10.63 -19.05 -24.81
C PRO A 429 -12.11 -19.15 -24.50
N PRO A 430 -12.96 -18.44 -25.26
CA PRO A 430 -14.41 -18.58 -25.09
C PRO A 430 -14.94 -19.73 -25.92
N GLY A 431 -15.50 -20.73 -25.26
CA GLY A 431 -16.31 -21.73 -25.94
C GLY A 431 -15.57 -22.84 -26.63
N TYR A 432 -14.27 -23.05 -26.36
CA TYR A 432 -13.60 -24.23 -26.86
C TYR A 432 -12.45 -24.60 -25.93
N LEU A 433 -12.04 -25.86 -25.99
CA LEU A 433 -11.02 -26.40 -25.13
C LEU A 433 -9.68 -26.36 -25.85
N ARG A 434 -8.67 -25.82 -25.20
CA ARG A 434 -7.38 -25.53 -25.82
C ARG A 434 -6.31 -26.44 -25.23
N TYR A 435 -5.46 -27.00 -26.10
CA TYR A 435 -4.36 -27.86 -25.69
C TYR A 435 -3.06 -27.08 -25.81
N THR A 436 -2.28 -27.06 -24.75
CA THR A 436 -0.98 -26.41 -24.74
C THR A 436 0.02 -27.30 -24.00
N PRO A 437 1.31 -27.24 -24.36
CA PRO A 437 1.87 -26.54 -25.52
C PRO A 437 1.51 -27.24 -26.82
N GLU A 438 1.20 -26.48 -27.88
CA GLU A 438 0.76 -27.08 -29.13
C GLU A 438 1.84 -27.97 -29.74
N SER A 439 3.10 -27.52 -29.69
CA SER A 439 4.18 -28.31 -30.26
C SER A 439 4.31 -29.66 -29.54
N LEU A 440 4.28 -29.63 -28.20
CA LEU A 440 4.39 -30.86 -27.44
C LEU A 440 3.21 -31.78 -27.69
N TRP A 441 2.01 -31.21 -27.79
CA TRP A 441 0.82 -32.01 -28.08
C TRP A 441 0.94 -32.72 -29.43
N ARG A 442 1.38 -31.97 -30.45
CA ARG A 442 1.54 -32.56 -31.78
C ARG A 442 2.60 -33.66 -31.75
N ASP A 443 3.72 -33.41 -31.05
CA ASP A 443 4.75 -34.42 -30.91
C ASP A 443 4.19 -35.68 -30.26
N LEU A 444 3.45 -35.52 -29.17
CA LEU A 444 2.95 -36.67 -28.43
C LEU A 444 2.01 -37.51 -29.28
N ILE A 445 1.05 -36.84 -29.94
CA ILE A 445 0.12 -37.59 -30.77
C ILE A 445 0.82 -38.24 -31.96
N SER A 446 1.93 -37.65 -32.45
CA SER A 446 2.68 -38.30 -33.51
C SER A 446 3.42 -39.54 -33.00
N GLU A 447 4.04 -39.47 -31.82
CA GLU A 447 4.78 -40.64 -31.33
C GLU A 447 3.87 -41.76 -30.84
N HIS A 448 2.67 -41.45 -30.36
CA HIS A 448 1.83 -42.47 -29.73
C HIS A 448 0.55 -42.69 -30.51
N ARG A 449 0.23 -43.95 -30.78
CA ARG A 449 -0.94 -44.33 -31.56
C ARG A 449 -2.18 -44.38 -30.68
N GLY A 450 -3.21 -43.64 -31.05
CA GLY A 450 -4.45 -43.61 -30.29
C GLY A 450 -4.48 -42.63 -29.15
N LEU A 451 -3.37 -41.94 -28.88
CA LEU A 451 -3.36 -40.96 -27.79
C LEU A 451 -4.33 -39.82 -28.07
N GLU A 452 -4.38 -39.34 -29.31
CA GLU A 452 -5.30 -38.26 -29.65
C GLU A 452 -6.74 -38.71 -29.44
N GLU A 453 -7.08 -39.92 -29.86
CA GLU A 453 -8.43 -40.42 -29.67
C GLU A 453 -8.77 -40.55 -28.19
N LEU A 454 -7.84 -41.10 -27.40
CA LEU A 454 -8.07 -41.22 -25.97
C LEU A 454 -8.35 -39.86 -25.33
N ILE A 455 -7.49 -38.89 -25.62
CA ILE A 455 -7.64 -37.57 -25.00
C ILE A 455 -8.93 -36.91 -25.45
N ASN A 456 -9.21 -36.93 -26.75
CA ASN A 456 -10.42 -36.29 -27.25
C ASN A 456 -11.68 -36.96 -26.69
N LYS A 457 -11.65 -38.27 -26.49
CA LYS A 457 -12.77 -38.95 -25.86
C LYS A 457 -12.93 -38.48 -24.41
N GLN A 458 -11.82 -38.36 -23.68
CA GLN A 458 -11.90 -37.92 -22.29
C GLN A 458 -12.35 -36.47 -22.18
N MET A 459 -12.11 -35.66 -23.20
CA MET A 459 -12.39 -34.23 -23.14
C MET A 459 -13.78 -33.87 -23.64
N GLN A 460 -14.61 -34.84 -24.00
CA GLN A 460 -15.95 -34.54 -24.46
C GLN A 460 -16.78 -33.77 -23.44
N PRO A 461 -16.77 -34.10 -22.15
CA PRO A 461 -17.64 -33.39 -21.20
C PRO A 461 -17.34 -31.91 -21.08
N PHE A 462 -16.15 -31.46 -21.46
CA PHE A 462 -15.68 -30.11 -21.19
C PHE A 462 -15.75 -29.29 -22.46
N PHE A 463 -16.38 -28.12 -22.38
CA PHE A 463 -16.58 -27.27 -23.54
C PHE A 463 -15.65 -26.06 -23.57
N ARG A 464 -15.19 -25.59 -22.42
CA ARG A 464 -14.33 -24.42 -22.34
C ARG A 464 -13.26 -24.66 -21.29
N GLY A 465 -12.02 -24.34 -21.62
CA GLY A 465 -10.94 -24.50 -20.68
C GLY A 465 -9.61 -24.62 -21.40
N ILE A 466 -8.64 -25.16 -20.68
CA ILE A 466 -7.28 -25.33 -21.19
C ILE A 466 -6.74 -26.64 -20.63
N LEU A 467 -6.08 -27.42 -21.50
CA LEU A 467 -5.48 -28.69 -21.10
C LEU A 467 -3.97 -28.57 -21.31
N ILE A 468 -3.23 -28.51 -20.21
CA ILE A 468 -1.82 -28.18 -20.21
C ILE A 468 -1.04 -29.49 -20.14
N PHE A 469 -0.29 -29.79 -21.19
CA PHE A 469 0.42 -31.05 -21.28
C PHE A 469 1.84 -30.92 -20.76
N SER A 470 2.47 -32.07 -20.56
CA SER A 470 3.85 -32.14 -20.13
C SER A 470 4.29 -33.59 -20.17
N ARG A 471 5.59 -33.79 -20.39
CA ARG A 471 6.12 -35.15 -20.35
C ARG A 471 5.98 -35.76 -18.97
N SER A 472 6.21 -34.97 -17.92
CA SER A 472 6.01 -35.44 -16.56
C SER A 472 5.80 -34.22 -15.67
N TRP A 473 4.54 -33.94 -15.32
CA TRP A 473 4.27 -32.91 -14.34
C TRP A 473 4.98 -33.19 -13.02
N ALA A 474 5.17 -34.46 -12.69
CA ALA A 474 5.95 -34.82 -11.51
C ALA A 474 7.35 -34.23 -11.59
N VAL A 475 8.04 -34.45 -12.71
CA VAL A 475 9.38 -33.89 -12.87
C VAL A 475 9.32 -32.37 -12.89
N ASP A 476 8.28 -31.82 -13.50
CA ASP A 476 8.10 -30.36 -13.49
C ASP A 476 8.01 -29.81 -12.09
N LEU A 477 7.52 -30.61 -11.14
CA LEU A 477 7.38 -30.19 -9.75
C LEU A 477 8.47 -30.76 -8.86
N ASN A 478 9.62 -31.11 -9.42
CA ASN A 478 10.76 -31.67 -8.70
C ASN A 478 10.43 -33.01 -8.04
N LEU A 479 9.51 -33.76 -8.61
CA LEU A 479 9.25 -35.13 -8.16
C LEU A 479 9.93 -36.12 -9.08
N GLN A 480 9.94 -37.38 -8.66
CA GLN A 480 10.66 -38.41 -9.41
C GLN A 480 9.91 -38.78 -10.69
N GLU A 481 10.66 -39.00 -11.75
CA GLU A 481 10.08 -39.46 -13.01
C GLU A 481 9.68 -40.93 -12.88
N LYS A 482 8.64 -41.30 -13.62
CA LYS A 482 8.13 -42.65 -13.62
C LYS A 482 8.20 -43.24 -15.03
N PRO A 483 9.00 -44.27 -15.28
CA PRO A 483 8.94 -44.94 -16.58
C PRO A 483 7.56 -45.53 -16.82
N GLY A 484 7.11 -45.49 -18.06
CA GLY A 484 5.79 -45.94 -18.43
C GLY A 484 4.75 -44.86 -18.54
N VAL A 485 5.01 -43.68 -17.98
CA VAL A 485 4.07 -42.57 -18.12
C VAL A 485 4.34 -41.87 -19.44
N ILE A 486 3.37 -41.93 -20.35
CA ILE A 486 3.50 -41.25 -21.64
C ILE A 486 3.56 -39.74 -21.43
N CYS A 487 2.64 -39.21 -20.64
CA CYS A 487 2.56 -37.78 -20.43
C CYS A 487 1.59 -37.50 -19.28
N ASP A 488 1.61 -36.27 -18.81
CA ASP A 488 0.65 -35.77 -17.85
C ASP A 488 -0.03 -34.53 -18.43
N ALA A 489 -1.31 -34.37 -18.15
CA ALA A 489 -2.07 -33.22 -18.60
C ALA A 489 -2.85 -32.66 -17.43
N LEU A 490 -2.86 -31.33 -17.31
CA LEU A 490 -3.63 -30.65 -16.28
C LEU A 490 -4.81 -29.95 -16.94
N LEU A 491 -6.02 -30.32 -16.56
CA LEU A 491 -7.23 -29.75 -17.12
C LEU A 491 -7.75 -28.64 -16.20
N ILE A 492 -7.97 -27.47 -16.78
CA ILE A 492 -8.55 -26.33 -16.08
C ILE A 492 -9.72 -25.87 -16.93
N ALA A 493 -10.91 -26.40 -16.65
CA ALA A 493 -12.07 -26.19 -17.50
C ALA A 493 -13.24 -25.69 -16.65
N GLN A 494 -14.14 -24.97 -17.31
CA GLN A 494 -15.29 -24.39 -16.62
C GLN A 494 -16.26 -25.47 -16.16
N ASN A 495 -16.92 -25.20 -15.03
CA ASN A 495 -17.89 -26.12 -14.45
C ASN A 495 -17.27 -27.46 -14.09
N SER A 496 -15.98 -27.45 -13.75
CA SER A 496 -15.27 -28.66 -13.36
C SER A 496 -14.16 -28.29 -12.40
N THR A 497 -13.79 -29.25 -11.55
CA THR A 497 -12.61 -29.08 -10.72
C THR A 497 -11.36 -29.32 -11.57
N PRO A 498 -10.22 -28.78 -11.14
CA PRO A 498 -8.97 -29.14 -11.81
C PRO A 498 -8.74 -30.64 -11.76
N ILE A 499 -8.32 -31.20 -12.89
CA ILE A 499 -8.01 -32.61 -13.00
C ILE A 499 -6.59 -32.75 -13.56
N LEU A 500 -5.78 -33.56 -12.90
CA LEU A 500 -4.49 -33.97 -13.42
C LEU A 500 -4.65 -35.35 -14.03
N TYR A 501 -4.36 -35.47 -15.32
CA TYR A 501 -4.40 -36.74 -16.03
C TYR A 501 -2.99 -37.28 -16.18
N THR A 502 -2.81 -38.56 -15.86
CA THR A 502 -1.58 -39.28 -16.13
C THR A 502 -1.87 -40.38 -17.14
N ILE A 503 -1.17 -40.35 -18.28
CA ILE A 503 -1.39 -41.30 -19.36
C ILE A 503 -0.34 -42.39 -19.26
N LEU A 504 -0.80 -43.63 -19.25
CA LEU A 504 0.09 -44.80 -19.23
C LEU A 504 -0.03 -45.55 -20.54
N ARG A 505 1.07 -46.10 -20.97
CA ARG A 505 1.04 -46.96 -22.15
C ARG A 505 0.28 -48.16 -21.75
N GLU A 506 0.75 -48.78 -20.70
CA GLU A 506 0.11 -49.99 -20.18
C GLU A 506 -0.12 -49.79 -18.70
N GLN A 507 -1.16 -50.46 -18.18
CA GLN A 507 -1.55 -50.26 -16.79
C GLN A 507 -0.44 -50.69 -15.85
N ASP A 508 -0.28 -49.93 -14.77
CA ASP A 508 0.69 -50.22 -13.72
C ASP A 508 0.03 -50.06 -12.37
N ALA A 509 0.53 -50.79 -11.38
CA ALA A 509 0.01 -50.67 -10.03
C ALA A 509 0.33 -49.31 -9.42
N GLU A 510 1.51 -48.77 -9.72
CA GLU A 510 1.95 -47.51 -9.13
C GLU A 510 1.44 -46.29 -9.88
N GLY A 511 0.69 -46.48 -10.97
CA GLY A 511 0.23 -45.34 -11.74
C GLY A 511 -0.67 -44.42 -10.94
N GLN A 512 -1.65 -45.00 -10.24
CA GLN A 512 -2.57 -44.18 -9.45
C GLN A 512 -1.85 -43.48 -8.31
N ASP A 513 -0.91 -44.15 -7.65
CA ASP A 513 -0.16 -43.51 -6.58
C ASP A 513 0.67 -42.36 -7.12
N TYR A 514 1.29 -42.55 -8.28
CA TYR A 514 2.08 -41.49 -8.90
C TYR A 514 1.20 -40.29 -9.24
N CYS A 515 0.04 -40.54 -9.84
CA CYS A 515 -0.86 -39.45 -10.20
C CYS A 515 -1.37 -38.73 -8.96
N THR A 516 -1.73 -39.48 -7.91
CA THR A 516 -2.22 -38.86 -6.68
C THR A 516 -1.13 -38.02 -6.04
N ARG A 517 0.10 -38.52 -6.01
CA ARG A 517 1.20 -37.74 -5.45
C ARG A 517 1.40 -36.44 -6.22
N THR A 518 1.38 -36.52 -7.55
CA THR A 518 1.58 -35.32 -8.36
C THR A 518 0.44 -34.32 -8.15
N ALA A 519 -0.80 -34.80 -8.09
CA ALA A 519 -1.93 -33.89 -7.87
C ALA A 519 -1.86 -33.25 -6.50
N PHE A 520 -1.50 -34.02 -5.48
CA PHE A 520 -1.37 -33.45 -4.14
C PHE A 520 -0.30 -32.38 -4.10
N THR A 521 0.87 -32.67 -4.69
CA THR A 521 1.94 -31.68 -4.73
C THR A 521 1.51 -30.43 -5.48
N LEU A 522 0.81 -30.60 -6.60
CA LEU A 522 0.38 -29.46 -7.39
C LEU A 522 -0.61 -28.59 -6.62
N LYS A 523 -1.56 -29.23 -5.93
CA LYS A 523 -2.54 -28.46 -5.17
C LYS A 523 -1.87 -27.70 -4.02
N GLN A 524 -0.97 -28.38 -3.30
CA GLN A 524 -0.27 -27.72 -2.21
C GLN A 524 0.58 -26.56 -2.72
N LYS A 525 1.21 -26.72 -3.88
CA LYS A 525 1.95 -25.62 -4.47
C LYS A 525 1.03 -24.48 -4.88
N LEU A 526 -0.11 -24.80 -5.48
CA LEU A 526 -1.04 -23.75 -5.91
C LEU A 526 -1.45 -22.89 -4.72
N VAL A 527 -1.60 -23.50 -3.55
CA VAL A 527 -2.01 -22.73 -2.38
C VAL A 527 -0.82 -22.03 -1.74
N ASN A 528 0.22 -22.80 -1.36
CA ASN A 528 1.29 -22.29 -0.52
C ASN A 528 2.33 -21.48 -1.29
N MET A 529 2.59 -21.81 -2.54
CA MET A 529 3.55 -21.08 -3.37
C MET A 529 2.87 -20.14 -4.34
N GLY A 530 1.77 -20.57 -4.97
CA GLY A 530 1.06 -19.74 -5.92
C GLY A 530 0.14 -18.73 -5.30
N GLY A 531 -0.16 -18.86 -4.01
CA GLY A 531 -0.99 -17.90 -3.31
C GLY A 531 -2.45 -17.89 -3.74
N TYR A 532 -3.01 -19.05 -4.04
CA TYR A 532 -4.42 -19.12 -4.40
C TYR A 532 -5.28 -19.07 -3.14
N THR A 533 -6.21 -18.12 -3.09
CA THR A 533 -7.02 -17.88 -1.91
C THR A 533 -8.40 -18.51 -2.00
N GLY A 534 -8.74 -19.14 -3.12
CA GLY A 534 -10.03 -19.78 -3.27
C GLY A 534 -10.02 -21.22 -2.83
N LYS A 535 -11.15 -21.88 -3.06
CA LYS A 535 -11.28 -23.31 -2.78
C LYS A 535 -10.77 -24.10 -3.97
N VAL A 536 -9.73 -24.90 -3.74
CA VAL A 536 -9.02 -25.58 -4.82
C VAL A 536 -8.89 -27.06 -4.49
N CYS A 537 -9.09 -27.89 -5.50
CA CYS A 537 -8.77 -29.31 -5.43
C CYS A 537 -8.32 -29.75 -6.81
N VAL A 538 -7.40 -30.71 -6.85
CA VAL A 538 -6.94 -31.31 -8.10
C VAL A 538 -7.23 -32.79 -8.03
N ARG A 539 -8.12 -33.26 -8.90
CA ARG A 539 -8.44 -34.67 -8.99
C ARG A 539 -7.39 -35.39 -9.81
N ALA A 540 -6.99 -36.58 -9.34
CA ALA A 540 -5.98 -37.39 -9.99
C ALA A 540 -6.67 -38.54 -10.71
N LYS A 541 -6.52 -38.58 -12.03
CA LYS A 541 -7.11 -39.62 -12.86
C LYS A 541 -6.04 -40.25 -13.73
N VAL A 542 -6.01 -41.58 -13.75
CA VAL A 542 -5.04 -42.31 -14.56
C VAL A 542 -5.73 -42.86 -15.80
N LEU A 543 -5.18 -42.54 -16.97
CA LEU A 543 -5.68 -43.03 -18.24
C LEU A 543 -4.67 -44.00 -18.83
N CYS A 544 -5.17 -45.01 -19.52
CA CYS A 544 -4.33 -46.03 -20.14
C CYS A 544 -4.57 -46.04 -21.64
N LEU A 545 -3.51 -46.23 -22.40
CA LEU A 545 -3.62 -46.25 -23.86
C LEU A 545 -4.02 -47.63 -24.36
N SER A 546 -3.30 -48.66 -23.95
CA SER A 546 -3.62 -50.01 -24.38
C SER A 546 -4.75 -50.59 -23.51
N PRO A 547 -5.50 -51.56 -24.04
CA PRO A 547 -6.58 -52.19 -23.26
C PRO A 547 -6.05 -53.21 -22.25
N VAL A 558 -9.61 -46.78 -2.08
CA VAL A 558 -10.00 -45.38 -2.01
C VAL A 558 -10.71 -44.97 -3.29
N SER A 559 -11.80 -44.20 -3.15
CA SER A 559 -12.56 -43.69 -4.27
C SER A 559 -12.56 -42.16 -4.23
N PRO A 560 -12.58 -41.50 -5.39
CA PRO A 560 -12.48 -40.03 -5.39
C PRO A 560 -13.61 -39.39 -4.60
N MET A 561 -13.26 -38.38 -3.80
CA MET A 561 -14.26 -37.65 -3.04
C MET A 561 -15.08 -36.77 -3.96
N ASP A 562 -16.37 -36.63 -3.64
CA ASP A 562 -17.22 -35.65 -4.30
C ASP A 562 -17.09 -34.33 -3.55
N TYR A 563 -16.41 -33.37 -4.17
CA TYR A 563 -16.22 -32.08 -3.53
C TYR A 563 -17.47 -31.23 -3.67
N PRO A 564 -17.64 -30.24 -2.80
CA PRO A 564 -18.76 -29.30 -2.96
C PRO A 564 -18.70 -28.59 -4.31
N ALA A 565 -19.84 -28.03 -4.71
CA ALA A 565 -19.91 -27.33 -5.99
C ALA A 565 -19.02 -26.08 -6.01
N SER A 566 -18.66 -25.55 -4.84
CA SER A 566 -17.81 -24.37 -4.81
C SER A 566 -16.39 -24.67 -5.25
N TYR A 567 -16.01 -25.94 -5.34
CA TYR A 567 -14.70 -26.33 -5.79
C TYR A 567 -14.60 -26.46 -7.31
N SER A 568 -15.72 -26.34 -8.02
CA SER A 568 -15.70 -26.33 -9.47
C SER A 568 -15.48 -24.92 -9.99
N LEU A 569 -14.64 -24.80 -11.01
CA LEU A 569 -14.34 -23.49 -11.58
C LEU A 569 -15.59 -22.93 -12.25
N ALA A 570 -16.17 -21.91 -11.63
CA ALA A 570 -17.44 -21.37 -12.10
C ALA A 570 -17.32 -20.69 -13.45
N GLY A 571 -16.30 -19.86 -13.63
CA GLY A 571 -16.17 -19.14 -14.88
C GLY A 571 -14.80 -18.50 -15.04
N THR A 572 -14.79 -17.43 -15.83
CA THR A 572 -13.53 -16.82 -16.27
C THR A 572 -12.71 -16.32 -15.09
N GLN A 573 -13.35 -15.68 -14.12
CA GLN A 573 -12.61 -15.13 -12.99
C GLN A 573 -11.89 -16.24 -12.23
N HIS A 574 -12.61 -17.32 -11.92
CA HIS A 574 -11.99 -18.44 -11.20
C HIS A 574 -10.86 -19.06 -12.00
N MET A 575 -11.11 -19.33 -13.28
CA MET A 575 -10.07 -19.97 -14.09
C MET A 575 -8.85 -19.09 -14.20
N GLU A 576 -9.03 -17.77 -14.37
CA GLU A 576 -7.89 -16.88 -14.50
C GLU A 576 -7.11 -16.77 -13.20
N ALA A 577 -7.81 -16.71 -12.07
CA ALA A 577 -7.11 -16.66 -10.79
C ALA A 577 -6.30 -17.93 -10.56
N LEU A 578 -6.89 -19.08 -10.85
CA LEU A 578 -6.16 -20.33 -10.68
C LEU A 578 -4.99 -20.42 -11.65
N LEU A 579 -5.15 -19.93 -12.87
CA LEU A 579 -4.06 -19.97 -13.85
C LEU A 579 -2.95 -19.00 -13.49
N GLN A 580 -3.27 -17.87 -12.87
CA GLN A 580 -2.23 -16.96 -12.40
C GLN A 580 -1.45 -17.58 -11.24
N SER A 581 -2.15 -18.26 -10.33
CA SER A 581 -1.44 -19.01 -9.29
C SER A 581 -0.55 -20.09 -9.91
N LEU A 582 -1.03 -20.75 -10.97
CA LEU A 582 -0.22 -21.73 -11.66
C LEU A 582 1.01 -21.08 -12.30
N VAL A 583 0.85 -19.89 -12.86
CA VAL A 583 1.99 -19.16 -13.40
C VAL A 583 3.05 -18.95 -12.32
N ILE A 584 2.60 -18.48 -11.16
CA ILE A 584 3.54 -18.24 -10.06
C ILE A 584 4.23 -19.54 -9.66
N VAL A 585 3.47 -20.63 -9.57
CA VAL A 585 4.03 -21.92 -9.17
C VAL A 585 5.07 -22.38 -10.19
N LEU A 586 4.74 -22.29 -11.48
CA LEU A 586 5.64 -22.77 -12.53
C LEU A 586 6.93 -21.97 -12.56
N LEU A 587 6.84 -20.66 -12.31
CA LEU A 587 8.05 -19.84 -12.35
C LEU A 587 9.06 -20.26 -11.29
N GLY A 588 8.64 -21.01 -10.27
CA GLY A 588 9.55 -21.51 -9.27
C GLY A 588 10.20 -22.83 -9.56
N PHE A 589 9.97 -23.41 -10.74
CA PHE A 589 10.50 -24.71 -11.11
C PHE A 589 11.13 -24.64 -12.49
N ARG A 590 11.91 -25.66 -12.81
CA ARG A 590 12.55 -25.79 -14.12
C ARG A 590 11.67 -26.69 -14.98
N SER A 591 11.16 -26.13 -16.08
CA SER A 591 10.32 -26.89 -16.99
C SER A 591 10.15 -26.07 -18.26
N LEU A 592 9.53 -26.70 -19.27
CA LEU A 592 9.31 -26.01 -20.53
C LEU A 592 8.42 -24.79 -20.33
N LEU A 593 7.32 -24.94 -19.61
CA LEU A 593 6.42 -23.83 -19.37
C LEU A 593 7.07 -22.77 -18.50
N SER A 594 7.88 -23.21 -17.53
CA SER A 594 8.61 -22.26 -16.70
C SER A 594 9.57 -21.42 -17.53
N ASP A 595 10.26 -22.05 -18.48
CA ASP A 595 11.20 -21.31 -19.33
C ASP A 595 10.45 -20.36 -20.27
N GLN A 596 9.31 -20.78 -20.80
CA GLN A 596 8.51 -19.87 -21.62
C GLN A 596 8.03 -18.67 -20.80
N LEU A 597 7.61 -18.91 -19.57
CA LEU A 597 7.22 -17.82 -18.69
C LEU A 597 8.39 -16.90 -18.39
N GLY A 598 9.59 -17.47 -18.21
CA GLY A 598 10.76 -16.65 -17.98
C GLY A 598 11.10 -15.77 -19.18
N CYS A 599 10.96 -16.33 -20.39
CA CYS A 599 11.13 -15.52 -21.58
C CYS A 599 10.14 -14.36 -21.60
N GLU A 600 8.88 -14.63 -21.27
CA GLU A 600 7.90 -13.56 -21.26
C GLU A 600 8.19 -12.54 -20.17
N VAL A 601 8.75 -12.97 -19.05
CA VAL A 601 9.10 -12.02 -17.98
C VAL A 601 10.24 -11.12 -18.45
N LEU A 602 11.23 -11.70 -19.12
CA LEU A 602 12.30 -10.88 -19.69
C LEU A 602 11.75 -9.88 -20.69
N ASN A 603 10.79 -10.32 -21.53
CA ASN A 603 10.17 -9.40 -22.47
C ASN A 603 9.44 -8.27 -21.74
N LEU A 604 8.75 -8.57 -20.65
CA LEU A 604 8.04 -7.54 -19.91
C LEU A 604 9.01 -6.55 -19.26
N LEU A 605 10.12 -7.05 -18.73
CA LEU A 605 11.13 -6.15 -18.18
C LEU A 605 11.71 -5.24 -19.25
N THR A 606 11.99 -5.81 -20.43
CA THR A 606 12.47 -4.99 -21.54
C THR A 606 11.44 -3.95 -21.93
N ALA A 607 10.16 -4.32 -21.88
CA ALA A 607 9.11 -3.37 -22.22
C ALA A 607 9.03 -2.24 -21.21
N GLN A 608 9.20 -2.54 -19.92
CA GLN A 608 9.24 -1.49 -18.91
C GLN A 608 10.39 -0.53 -19.17
N GLN A 609 11.59 -1.09 -19.39
CA GLN A 609 12.74 -0.24 -19.65
C GLN A 609 12.57 0.56 -20.92
N TYR A 610 11.93 -0.01 -21.94
CA TYR A 610 11.69 0.75 -23.16
C TYR A 610 10.69 1.87 -22.94
N GLU A 611 9.67 1.62 -22.11
CA GLU A 611 8.73 2.69 -21.81
C GLU A 611 9.43 3.86 -21.14
N ILE A 612 10.34 3.56 -20.21
CA ILE A 612 11.13 4.63 -19.61
C ILE A 612 12.00 5.31 -20.66
N PHE A 613 12.61 4.51 -21.53
CA PHE A 613 13.62 5.01 -22.46
C PHE A 613 13.01 5.87 -23.57
N SER A 614 11.81 5.52 -24.04
CA SER A 614 11.23 6.17 -25.20
C SER A 614 10.82 7.61 -24.94
N ARG A 615 10.83 8.06 -23.68
CA ARG A 615 10.54 9.46 -23.39
C ARG A 615 11.63 10.38 -23.92
N SER A 616 12.79 9.83 -24.31
CA SER A 616 13.86 10.63 -24.88
C SER A 616 13.63 10.99 -26.34
N LEU A 617 12.65 10.38 -26.99
CA LEU A 617 12.43 10.65 -28.42
C LEU A 617 11.98 12.09 -28.64
N ARG A 618 11.11 12.60 -27.77
CA ARG A 618 10.62 13.96 -27.91
C ARG A 618 11.69 14.99 -27.54
N LYS A 619 12.79 14.55 -26.93
CA LYS A 619 13.76 15.46 -26.34
C LYS A 619 15.11 15.49 -27.05
N ASN A 620 15.40 14.53 -27.93
CA ASN A 620 16.65 14.48 -28.65
C ASN A 620 16.41 14.28 -30.13
N ARG A 621 17.23 14.91 -30.96
CA ARG A 621 17.28 14.60 -32.38
C ARG A 621 18.47 13.67 -32.62
N GLU A 622 19.66 14.13 -32.24
CA GLU A 622 20.81 13.25 -32.15
C GLU A 622 20.92 12.70 -30.74
N LEU A 623 21.19 11.40 -30.62
CA LEU A 623 21.34 10.77 -29.32
C LEU A 623 22.33 9.62 -29.46
N PHE A 624 23.26 9.54 -28.50
CA PHE A 624 24.17 8.42 -28.39
C PHE A 624 23.72 7.55 -27.23
N VAL A 625 23.40 6.30 -27.52
CA VAL A 625 22.88 5.37 -26.53
C VAL A 625 23.99 4.40 -26.18
N HIS A 626 24.47 4.48 -24.94
CA HIS A 626 25.52 3.58 -24.45
C HIS A 626 24.85 2.50 -23.62
N GLY A 627 24.65 1.34 -24.22
CA GLY A 627 24.03 0.22 -23.53
C GLY A 627 25.06 -0.76 -23.00
N LEU A 628 24.72 -1.40 -21.89
CA LEU A 628 25.54 -2.48 -21.35
C LEU A 628 25.11 -3.81 -21.94
N PRO A 629 25.97 -4.82 -21.86
CA PRO A 629 25.57 -6.16 -22.31
C PRO A 629 24.31 -6.63 -21.61
N GLY A 630 23.38 -7.18 -22.39
CA GLY A 630 22.12 -7.64 -21.85
C GLY A 630 21.13 -6.56 -21.52
N SER A 631 21.37 -5.33 -21.98
CA SER A 631 20.50 -4.19 -21.65
C SER A 631 19.39 -3.98 -22.67
N GLY A 632 19.29 -4.82 -23.70
CA GLY A 632 18.22 -4.73 -24.66
C GLY A 632 18.42 -3.74 -25.78
N LYS A 633 19.65 -3.31 -26.03
CA LYS A 633 19.96 -2.30 -27.03
C LYS A 633 19.18 -2.47 -28.32
N THR A 634 19.22 -3.68 -28.90
CA THR A 634 18.58 -3.90 -30.20
C THR A 634 17.05 -3.89 -30.10
N ILE A 635 16.49 -4.43 -29.02
CA ILE A 635 15.05 -4.34 -28.82
C ILE A 635 14.63 -2.88 -28.73
N MET A 636 15.41 -2.08 -27.99
CA MET A 636 15.13 -0.65 -27.89
C MET A 636 15.19 0.00 -29.26
N ALA A 637 16.17 -0.36 -30.08
CA ALA A 637 16.29 0.23 -31.40
C ALA A 637 15.07 -0.10 -32.26
N MET A 638 14.64 -1.36 -32.25
CA MET A 638 13.48 -1.73 -33.05
C MET A 638 12.22 -0.99 -32.56
N LYS A 639 12.00 -0.97 -31.25
CA LYS A 639 10.81 -0.31 -30.73
C LYS A 639 10.85 1.19 -30.98
N ILE A 640 12.04 1.79 -30.96
CA ILE A 640 12.13 3.23 -31.20
C ILE A 640 11.90 3.53 -32.67
N MET A 641 12.34 2.65 -33.57
CA MET A 641 11.99 2.84 -34.98
C MET A 641 10.48 2.75 -35.17
N GLU A 642 9.84 1.78 -34.53
CA GLU A 642 8.38 1.72 -34.55
C GLU A 642 7.77 3.03 -34.07
N LYS A 643 8.22 3.52 -32.91
CA LYS A 643 7.64 4.74 -32.35
C LYS A 643 7.89 5.94 -33.24
N ILE A 644 9.06 6.01 -33.88
CA ILE A 644 9.32 7.08 -34.84
C ILE A 644 8.27 7.04 -35.93
N ARG A 645 7.93 5.84 -36.40
CA ARG A 645 6.90 5.74 -37.43
C ARG A 645 5.62 6.46 -37.03
N ASN A 646 5.08 6.13 -35.85
CA ASN A 646 3.82 6.73 -35.42
C ASN A 646 3.95 8.18 -34.98
N VAL A 647 5.11 8.61 -34.54
CA VAL A 647 5.25 9.98 -34.03
C VAL A 647 5.50 10.98 -35.15
N PHE A 648 6.43 10.67 -36.07
CA PHE A 648 6.68 11.55 -37.19
C PHE A 648 5.83 11.22 -38.41
N HIS A 649 4.97 10.21 -38.33
CA HIS A 649 4.03 9.87 -39.39
C HIS A 649 4.71 9.58 -40.71
N CYS A 650 6.02 9.33 -40.70
CA CYS A 650 6.73 9.01 -41.94
C CYS A 650 6.55 7.54 -42.27
N GLU A 651 6.54 7.25 -43.57
CA GLU A 651 6.38 5.88 -44.03
C GLU A 651 7.58 5.04 -43.62
N ALA A 652 7.33 3.76 -43.34
CA ALA A 652 8.33 2.93 -42.68
C ALA A 652 9.65 2.93 -43.43
N HIS A 653 9.61 2.87 -44.76
CA HIS A 653 10.84 2.82 -45.54
C HIS A 653 11.62 4.12 -45.50
N ARG A 654 11.03 5.21 -44.98
CA ARG A 654 11.79 6.44 -44.78
C ARG A 654 12.76 6.36 -43.61
N ILE A 655 12.65 5.34 -42.78
CA ILE A 655 13.52 5.13 -41.62
C ILE A 655 14.57 4.10 -42.01
N LEU A 656 15.83 4.41 -41.73
CA LEU A 656 16.93 3.55 -42.11
C LEU A 656 17.61 2.98 -40.87
N TYR A 657 17.98 1.71 -40.95
CA TYR A 657 18.72 1.02 -39.91
C TYR A 657 20.06 0.58 -40.48
N VAL A 658 21.15 0.91 -39.78
CA VAL A 658 22.49 0.59 -40.23
C VAL A 658 23.17 -0.23 -39.14
N CYS A 659 23.80 -1.33 -39.54
CA CYS A 659 24.55 -2.18 -38.62
C CYS A 659 25.77 -2.70 -39.36
N GLU A 660 26.56 -3.52 -38.67
CA GLU A 660 27.80 -4.02 -39.24
C GLU A 660 27.69 -5.44 -39.75
N ASN A 661 26.68 -6.20 -39.32
CA ASN A 661 26.61 -7.63 -39.56
C ASN A 661 25.38 -8.01 -40.37
N GLN A 662 25.60 -8.85 -41.37
CA GLN A 662 24.51 -9.31 -42.23
C GLN A 662 23.44 -10.10 -41.48
N PRO A 663 23.77 -11.00 -40.55
CA PRO A 663 22.70 -11.69 -39.82
C PRO A 663 21.77 -10.74 -39.07
N LEU A 664 22.34 -9.75 -38.39
CA LEU A 664 21.50 -8.75 -37.72
C LEU A 664 20.71 -7.94 -38.74
N ARG A 665 21.32 -7.58 -39.86
CA ARG A 665 20.59 -6.87 -40.90
C ARG A 665 19.37 -7.66 -41.35
N ASN A 666 19.55 -8.95 -41.62
CA ASN A 666 18.45 -9.78 -42.07
C ASN A 666 17.38 -9.89 -41.00
N PHE A 667 17.79 -10.08 -39.74
CA PHE A 667 16.83 -10.18 -38.66
C PHE A 667 15.97 -8.92 -38.57
N ILE A 668 16.60 -7.75 -38.70
CA ILE A 668 15.85 -6.50 -38.64
C ILE A 668 14.96 -6.35 -39.87
N SER A 669 15.45 -6.76 -41.04
CA SER A 669 14.66 -6.65 -42.26
C SER A 669 13.40 -7.50 -42.19
N ASP A 670 13.48 -8.66 -41.53
CA ASP A 670 12.33 -9.56 -41.50
C ASP A 670 11.10 -8.92 -40.86
N ARG A 671 11.26 -7.88 -40.05
CA ARG A 671 10.14 -7.27 -39.37
C ARG A 671 9.47 -6.15 -40.18
N ASN A 672 10.13 -5.66 -41.23
CA ASN A 672 9.56 -4.66 -42.14
C ASN A 672 9.26 -3.34 -41.45
N ILE A 673 9.85 -3.09 -40.28
CA ILE A 673 9.61 -1.83 -39.58
C ILE A 673 10.42 -0.69 -40.17
N CYS A 674 11.35 -0.98 -41.09
CA CYS A 674 12.24 0.04 -41.62
C CYS A 674 13.02 -0.56 -42.78
N ARG A 675 13.94 0.24 -43.31
CA ARG A 675 14.97 -0.29 -44.19
C ARG A 675 16.24 -0.56 -43.39
N ALA A 676 16.80 -1.75 -43.56
CA ALA A 676 18.01 -2.15 -42.85
C ALA A 676 19.12 -2.37 -43.87
N GLU A 677 20.32 -1.89 -43.53
CA GLU A 677 21.47 -2.03 -44.41
C GLU A 677 22.73 -2.18 -43.57
N THR A 678 23.78 -2.64 -44.22
CA THR A 678 25.09 -2.75 -43.58
C THR A 678 25.90 -1.50 -43.85
N ARG A 679 26.93 -1.27 -43.03
CA ARG A 679 27.76 -0.08 -43.19
C ARG A 679 28.24 0.07 -44.62
N LYS A 680 28.67 -1.02 -45.24
CA LYS A 680 29.19 -0.95 -46.61
C LYS A 680 28.09 -0.55 -47.59
N THR A 681 26.92 -1.18 -47.49
CA THR A 681 25.82 -0.81 -48.37
C THR A 681 25.40 0.64 -48.13
N PHE A 682 25.35 1.06 -46.86
CA PHE A 682 24.99 2.43 -46.55
C PHE A 682 25.97 3.41 -47.18
N LEU A 683 27.27 3.11 -47.11
CA LEU A 683 28.27 4.02 -47.66
C LEU A 683 28.28 3.99 -49.18
N ARG A 684 27.88 2.86 -49.78
CA ARG A 684 27.95 2.74 -51.23
C ARG A 684 26.74 3.37 -51.91
N GLU A 685 25.54 3.03 -51.47
CA GLU A 685 24.33 3.43 -52.17
C GLU A 685 23.91 4.85 -51.79
N ASN A 686 22.75 5.26 -52.31
CA ASN A 686 22.22 6.59 -52.11
C ASN A 686 20.98 6.52 -51.23
N PHE A 687 20.87 7.44 -50.28
CA PHE A 687 19.77 7.41 -49.32
C PHE A 687 19.16 8.79 -49.08
N GLU A 688 19.06 9.63 -50.11
CA GLU A 688 18.39 10.92 -49.94
C GLU A 688 16.92 10.75 -49.60
N HIS A 689 16.36 9.56 -49.82
CA HIS A 689 14.97 9.31 -49.47
C HIS A 689 14.79 9.08 -47.97
N ILE A 690 15.87 8.99 -47.21
CA ILE A 690 15.80 8.63 -45.79
C ILE A 690 15.70 9.88 -44.94
N GLN A 691 14.74 9.89 -44.02
CA GLN A 691 14.58 10.97 -43.05
C GLN A 691 15.31 10.67 -41.75
N HIS A 692 15.02 9.51 -41.15
CA HIS A 692 15.53 9.14 -39.84
C HIS A 692 16.49 7.97 -39.97
N ILE A 693 17.51 7.94 -39.13
CA ILE A 693 18.55 6.92 -39.16
C ILE A 693 18.80 6.40 -37.75
N VAL A 694 18.87 5.08 -37.62
CA VAL A 694 19.25 4.43 -36.37
C VAL A 694 20.44 3.53 -36.66
N ILE A 695 21.53 3.76 -35.94
CA ILE A 695 22.77 3.00 -36.09
C ILE A 695 22.94 2.13 -34.85
N ASP A 696 23.17 0.84 -35.06
CA ASP A 696 23.33 -0.11 -33.97
C ASP A 696 24.70 -0.74 -34.05
N GLU A 697 25.17 -1.24 -32.90
CA GLU A 697 26.52 -1.78 -32.75
C GLU A 697 27.56 -0.89 -33.43
N ALA A 698 27.44 0.42 -33.22
CA ALA A 698 28.32 1.37 -33.88
C ALA A 698 29.78 1.21 -33.44
N GLN A 699 30.03 0.58 -32.30
CA GLN A 699 31.40 0.36 -31.87
C GLN A 699 32.12 -0.64 -32.76
N ASN A 700 31.40 -1.41 -33.56
CA ASN A 700 32.00 -2.38 -34.46
C ASN A 700 32.14 -1.87 -35.89
N PHE A 701 31.77 -0.62 -36.15
CA PHE A 701 31.96 -0.05 -37.48
C PHE A 701 33.46 0.18 -37.74
N ARG A 702 33.77 0.55 -38.98
CA ARG A 702 35.15 0.83 -39.34
C ARG A 702 35.17 1.99 -40.35
N THR A 703 36.33 2.64 -40.43
CA THR A 703 36.45 3.89 -41.18
C THR A 703 36.96 3.71 -42.60
N GLU A 704 37.49 2.53 -42.93
CA GLU A 704 38.17 2.36 -44.23
C GLU A 704 37.23 2.71 -45.39
N ASP A 705 35.96 2.32 -45.30
CA ASP A 705 35.04 2.48 -46.41
C ASP A 705 34.46 3.89 -46.50
N GLY A 706 34.69 4.75 -45.51
CA GLY A 706 34.20 6.12 -45.58
C GLY A 706 33.83 6.71 -44.25
N ASP A 707 33.30 7.94 -44.28
CA ASP A 707 32.88 8.65 -43.07
C ASP A 707 31.38 8.45 -42.88
N TRP A 708 31.04 7.27 -42.35
CA TRP A 708 29.63 6.93 -42.19
C TRP A 708 28.92 7.87 -41.24
N TYR A 709 29.59 8.31 -40.17
CA TYR A 709 28.97 9.24 -39.25
C TYR A 709 28.64 10.56 -39.94
N GLY A 710 29.57 11.08 -40.73
CA GLY A 710 29.29 12.30 -41.48
C GLY A 710 28.17 12.12 -42.48
N LYS A 711 28.14 11.00 -43.17
CA LYS A 711 27.05 10.75 -44.12
C LYS A 711 25.71 10.69 -43.41
N ALA A 712 25.64 10.02 -42.26
CA ALA A 712 24.40 9.96 -41.52
C ALA A 712 23.98 11.34 -41.03
N LYS A 713 24.94 12.13 -40.52
CA LYS A 713 24.63 13.49 -40.12
C LYS A 713 24.02 14.28 -41.27
N SER A 714 24.66 14.23 -42.43
CA SER A 714 24.15 14.98 -43.58
C SER A 714 22.74 14.52 -43.95
N ILE A 715 22.54 13.20 -44.04
CA ILE A 715 21.25 12.68 -44.48
C ILE A 715 20.15 13.11 -43.51
N THR A 716 20.41 13.01 -42.21
CA THR A 716 19.38 13.33 -41.23
C THR A 716 19.16 14.84 -41.12
N ARG A 717 20.20 15.65 -41.36
CA ARG A 717 20.03 17.09 -41.31
C ARG A 717 19.29 17.64 -42.53
N ARG A 718 19.43 17.01 -43.70
CA ARG A 718 18.70 17.46 -44.87
C ARG A 718 17.24 17.04 -44.87
N ALA A 719 16.72 16.55 -43.75
CA ALA A 719 15.34 16.10 -43.69
C ALA A 719 14.39 17.29 -43.80
N LYS A 720 13.16 17.01 -44.21
CA LYS A 720 12.17 18.07 -44.40
C LYS A 720 11.74 18.68 -43.06
N GLY A 721 11.39 17.84 -42.09
CA GLY A 721 10.95 18.32 -40.81
C GLY A 721 12.11 18.65 -39.89
N GLY A 722 12.93 19.63 -40.29
CA GLY A 722 14.09 20.00 -39.51
C GLY A 722 15.19 19.00 -39.64
N PRO A 723 16.04 18.89 -38.61
CA PRO A 723 17.03 17.80 -38.60
C PRO A 723 16.44 16.51 -38.05
N GLY A 724 16.39 15.50 -38.92
CA GLY A 724 15.80 14.22 -38.56
C GLY A 724 16.51 13.54 -37.39
N ILE A 725 15.94 12.40 -37.01
CA ILE A 725 16.47 11.61 -35.90
C ILE A 725 17.76 10.92 -36.34
N LEU A 726 18.78 10.98 -35.50
CA LEU A 726 20.02 10.23 -35.69
C LEU A 726 20.44 9.66 -34.35
N TRP A 727 19.97 8.44 -34.05
CA TRP A 727 20.27 7.77 -32.79
C TRP A 727 21.27 6.67 -33.05
N ILE A 728 22.39 6.70 -32.35
CA ILE A 728 23.49 5.74 -32.53
C ILE A 728 23.57 4.90 -31.27
N PHE A 729 23.23 3.61 -31.39
CA PHE A 729 23.35 2.66 -30.31
C PHE A 729 24.72 2.01 -30.38
N LEU A 730 25.33 1.78 -29.22
CA LEU A 730 26.66 1.19 -29.18
C LEU A 730 26.92 0.64 -27.78
N ASP A 731 27.88 -0.27 -27.71
CA ASP A 731 28.26 -0.90 -26.44
C ASP A 731 29.76 -1.17 -26.50
N TYR A 732 30.52 -0.42 -25.70
CA TYR A 732 31.98 -0.52 -25.77
C TYR A 732 32.51 -1.81 -25.15
N PHE A 733 31.74 -2.46 -24.28
CA PHE A 733 32.14 -3.77 -23.79
C PHE A 733 32.14 -4.81 -24.90
N GLN A 734 31.31 -4.63 -25.93
CA GLN A 734 31.18 -5.59 -27.02
C GLN A 734 31.95 -5.15 -28.27
N THR A 735 33.09 -4.49 -28.08
CA THR A 735 33.94 -4.13 -29.21
C THR A 735 34.58 -5.38 -29.78
N SER A 736 34.53 -5.52 -31.11
CA SER A 736 35.02 -6.72 -31.78
C SER A 736 36.35 -6.52 -32.50
N HIS A 737 36.87 -5.29 -32.56
CA HIS A 737 38.13 -5.02 -33.22
C HIS A 737 38.83 -3.86 -32.54
N LEU A 738 40.14 -3.78 -32.77
CA LEU A 738 40.98 -2.75 -32.16
C LEU A 738 41.17 -1.54 -33.05
N ASP A 739 40.52 -1.50 -34.21
CA ASP A 739 40.68 -0.41 -35.15
C ASP A 739 39.79 0.78 -34.76
N CYS A 740 39.91 1.85 -35.53
CA CYS A 740 39.07 3.03 -35.30
C CYS A 740 37.67 2.78 -35.81
N SER A 741 36.67 3.09 -34.98
CA SER A 741 35.28 2.80 -35.32
C SER A 741 34.65 3.89 -36.17
N GLY A 742 35.24 5.09 -36.19
CA GLY A 742 34.66 6.21 -36.89
C GLY A 742 33.65 7.00 -36.09
N LEU A 743 33.43 6.65 -34.83
CA LEU A 743 32.56 7.45 -33.98
C LEU A 743 33.25 8.74 -33.57
N PRO A 744 32.49 9.75 -33.16
CA PRO A 744 33.10 10.95 -32.60
C PRO A 744 33.69 10.65 -31.23
N PRO A 745 34.54 11.54 -30.70
CA PRO A 745 35.14 11.28 -29.40
C PRO A 745 34.11 11.21 -28.28
N LEU A 746 34.50 10.54 -27.20
CA LEU A 746 33.62 10.40 -26.04
C LEU A 746 33.21 11.75 -25.46
N SER A 747 34.01 12.79 -25.70
CA SER A 747 33.62 14.13 -25.28
C SER A 747 32.53 14.71 -26.18
N ASP A 748 32.50 14.33 -27.45
CA ASP A 748 31.51 14.83 -28.40
C ASP A 748 30.30 13.92 -28.55
N GLN A 749 30.28 12.78 -27.87
CA GLN A 749 29.13 11.87 -27.94
C GLN A 749 28.05 12.34 -26.96
N TYR A 750 27.39 13.44 -27.34
CA TYR A 750 26.32 14.03 -26.55
C TYR A 750 25.23 14.52 -27.49
N PRO A 751 23.97 14.52 -27.04
CA PRO A 751 23.47 14.05 -25.74
C PRO A 751 23.57 12.53 -25.61
N ARG A 752 23.50 12.00 -24.40
CA ARG A 752 23.80 10.60 -24.14
C ARG A 752 22.68 9.97 -23.33
N GLU A 753 22.40 8.70 -23.62
CA GLU A 753 21.50 7.88 -22.82
C GLU A 753 22.21 6.58 -22.48
N GLU A 754 22.00 6.09 -21.27
CA GLU A 754 22.66 4.88 -20.78
C GLU A 754 21.63 3.83 -20.46
N LEU A 755 21.77 2.66 -21.09
CA LEU A 755 20.97 1.48 -20.76
C LEU A 755 21.85 0.59 -19.88
N THR A 756 21.59 0.60 -18.58
CA THR A 756 22.44 -0.09 -17.62
C THR A 756 21.76 -1.27 -16.94
N ARG A 757 20.44 -1.41 -17.08
CA ARG A 757 19.72 -2.52 -16.47
C ARG A 757 19.71 -3.71 -17.41
N ILE A 758 20.20 -4.85 -16.95
CA ILE A 758 20.16 -6.06 -17.75
C ILE A 758 18.75 -6.64 -17.71
N VAL A 759 18.16 -6.82 -18.89
CA VAL A 759 16.76 -7.23 -18.99
C VAL A 759 16.60 -8.38 -19.97
N ARG A 760 17.69 -8.85 -20.57
CA ARG A 760 17.63 -9.80 -21.65
C ARG A 760 18.17 -11.19 -21.28
N ASN A 761 18.77 -11.35 -20.11
CA ASN A 761 19.38 -12.61 -19.71
C ASN A 761 18.91 -12.99 -18.31
N ALA A 762 18.80 -14.29 -18.08
CA ALA A 762 18.43 -14.79 -16.76
C ALA A 762 19.49 -14.42 -15.73
N ASP A 763 19.19 -14.70 -14.46
CA ASP A 763 20.04 -14.24 -13.37
C ASP A 763 21.47 -14.79 -13.42
N PRO A 764 21.69 -16.10 -13.60
CA PRO A 764 23.09 -16.57 -13.71
C PRO A 764 23.85 -15.92 -14.85
N ILE A 765 23.20 -15.76 -16.00
CA ILE A 765 23.86 -15.13 -17.13
C ILE A 765 24.19 -13.69 -16.83
N ALA A 766 23.27 -12.98 -16.17
CA ALA A 766 23.51 -11.58 -15.84
C ALA A 766 24.67 -11.44 -14.86
N LYS A 767 24.74 -12.33 -13.87
CA LYS A 767 25.86 -12.29 -12.92
C LYS A 767 27.18 -12.56 -13.62
N TYR A 768 27.20 -13.56 -14.51
CA TYR A 768 28.41 -13.83 -15.28
C TYR A 768 28.79 -12.63 -16.13
N LEU A 769 27.80 -11.97 -16.74
CA LEU A 769 28.07 -10.78 -17.54
C LEU A 769 28.67 -9.67 -16.69
N GLN A 770 28.15 -9.49 -15.49
CA GLN A 770 28.69 -8.45 -14.62
C GLN A 770 30.13 -8.72 -14.24
N LYS A 771 30.45 -9.98 -13.90
CA LYS A 771 31.82 -10.31 -13.58
C LYS A 771 32.74 -10.09 -14.78
N GLU A 772 32.29 -10.50 -15.96
CA GLU A 772 33.11 -10.30 -17.16
C GLU A 772 33.26 -8.82 -17.48
N MET A 773 32.23 -8.01 -17.22
CA MET A 773 32.35 -6.58 -17.44
C MET A 773 33.38 -5.96 -16.49
N GLN A 774 33.39 -6.42 -15.24
CA GLN A 774 34.40 -5.94 -14.30
C GLN A 774 35.81 -6.33 -14.76
N VAL A 775 35.97 -7.55 -15.28
CA VAL A 775 37.27 -7.95 -15.81
C VAL A 775 37.67 -7.05 -16.98
N ILE A 776 36.73 -6.78 -17.88
CA ILE A 776 37.00 -5.85 -18.98
C ILE A 776 37.45 -4.50 -18.44
N ARG A 777 36.72 -3.96 -17.46
CA ARG A 777 37.10 -2.68 -16.90
C ARG A 777 38.52 -2.71 -16.36
N SER A 778 38.90 -3.80 -15.68
CA SER A 778 40.26 -3.94 -15.20
C SER A 778 41.28 -4.02 -16.33
N ASN A 779 40.92 -4.59 -17.48
CA ASN A 779 41.84 -4.69 -18.61
C ASN A 779 41.19 -4.18 -19.88
N PRO A 780 40.99 -2.86 -20.01
CA PRO A 780 40.28 -2.33 -21.18
C PRO A 780 41.09 -2.47 -22.46
N SER A 781 40.37 -2.62 -23.58
CA SER A 781 41.00 -2.59 -24.88
C SER A 781 41.47 -1.17 -25.18
N PHE A 782 42.64 -1.05 -25.83
CA PHE A 782 43.28 0.25 -25.97
C PHE A 782 42.60 1.13 -27.02
N ASN A 783 41.82 0.57 -27.93
CA ASN A 783 41.15 1.40 -28.92
C ASN A 783 39.92 2.10 -28.36
N ILE A 784 39.38 1.62 -27.25
CA ILE A 784 38.22 2.25 -26.61
C ILE A 784 38.70 3.48 -25.86
N PRO A 785 38.08 4.65 -26.03
CA PRO A 785 38.52 5.82 -25.27
C PRO A 785 38.44 5.56 -23.77
N THR A 786 39.31 6.24 -23.03
CA THR A 786 39.58 5.86 -21.64
C THR A 786 38.30 5.76 -20.80
N GLY A 787 37.45 6.78 -20.86
CA GLY A 787 36.33 6.86 -19.94
C GLY A 787 35.09 6.11 -20.34
N CYS A 788 35.13 5.35 -21.43
CA CYS A 788 33.93 4.70 -21.94
C CYS A 788 33.37 3.69 -20.95
N LEU A 789 34.21 2.77 -20.49
CA LEU A 789 33.76 1.60 -19.74
C LEU A 789 33.38 1.92 -18.30
N GLU A 790 33.34 3.19 -17.92
CA GLU A 790 32.97 3.56 -16.56
C GLU A 790 31.46 3.53 -16.34
N VAL A 791 30.70 3.01 -17.30
CA VAL A 791 29.26 2.81 -17.10
C VAL A 791 29.05 1.58 -16.23
N PHE A 792 28.29 1.73 -15.15
CA PHE A 792 28.12 0.65 -14.19
C PHE A 792 26.68 0.17 -14.18
N PRO A 793 26.46 -1.15 -14.09
CA PRO A 793 25.08 -1.66 -14.06
C PRO A 793 24.38 -1.29 -12.77
N GLU A 794 23.04 -1.28 -12.83
CA GLU A 794 22.24 -0.92 -11.68
C GLU A 794 22.62 -1.79 -10.48
N ALA A 795 22.83 -1.15 -9.33
CA ALA A 795 23.43 -1.86 -8.20
C ALA A 795 22.54 -3.00 -7.70
N GLU A 796 21.28 -2.71 -7.42
CA GLU A 796 20.37 -3.68 -6.81
C GLU A 796 19.51 -4.42 -7.82
N TRP A 797 19.75 -4.23 -9.12
CA TRP A 797 18.86 -4.79 -10.13
C TRP A 797 19.12 -6.27 -10.33
N SER A 798 18.05 -7.06 -10.30
CA SER A 798 18.09 -8.46 -10.69
C SER A 798 16.88 -8.73 -11.56
N GLN A 799 16.99 -9.77 -12.39
CA GLN A 799 15.93 -10.08 -13.34
C GLN A 799 14.84 -10.94 -12.72
N GLY A 800 15.12 -11.65 -11.65
CA GLY A 800 14.14 -12.54 -11.05
C GLY A 800 13.76 -13.71 -11.91
N VAL A 801 14.52 -13.98 -12.97
CA VAL A 801 14.26 -15.09 -13.89
C VAL A 801 15.42 -16.06 -13.74
N GLN A 802 15.10 -17.32 -13.45
CA GLN A 802 16.16 -18.30 -13.26
C GLN A 802 16.54 -18.95 -14.58
N GLY A 803 17.83 -19.26 -14.70
CA GLY A 803 18.35 -19.83 -15.90
C GLY A 803 19.37 -20.90 -15.60
N THR A 804 20.32 -21.06 -16.52
CA THR A 804 21.32 -22.11 -16.45
C THR A 804 22.64 -21.59 -16.97
N LEU A 805 23.73 -21.94 -16.29
CA LEU A 805 25.08 -21.59 -16.73
C LEU A 805 26.03 -22.70 -16.31
N ARG A 806 26.59 -23.40 -17.29
CA ARG A 806 27.55 -24.46 -17.06
C ARG A 806 28.80 -24.22 -17.89
N ILE A 807 29.96 -24.43 -17.28
CA ILE A 807 31.26 -24.35 -17.94
C ILE A 807 31.88 -25.74 -17.88
N LYS A 808 32.12 -26.32 -19.06
CA LYS A 808 32.61 -27.68 -19.19
C LYS A 808 33.98 -27.64 -19.88
N LYS A 809 35.03 -27.83 -19.10
CA LYS A 809 36.39 -27.64 -19.61
C LYS A 809 37.09 -28.98 -19.80
N TYR A 810 38.23 -28.93 -20.50
CA TYR A 810 39.12 -30.07 -20.69
C TYR A 810 38.55 -31.08 -21.67
N LEU A 811 37.34 -30.85 -22.17
CA LEU A 811 36.75 -31.78 -23.12
C LEU A 811 37.44 -31.65 -24.48
N THR A 812 37.42 -32.74 -25.23
CA THR A 812 37.86 -32.70 -26.62
C THR A 812 36.74 -32.15 -27.50
N VAL A 813 37.04 -31.95 -28.77
CA VAL A 813 36.01 -31.49 -29.70
C VAL A 813 34.90 -32.53 -29.81
N GLU A 814 35.28 -33.80 -29.93
CA GLU A 814 34.28 -34.86 -30.05
C GLU A 814 33.41 -34.94 -28.80
N GLN A 815 34.04 -34.86 -27.61
CA GLN A 815 33.27 -34.90 -26.37
C GLN A 815 32.34 -33.70 -26.25
N ILE A 816 32.85 -32.51 -26.58
CA ILE A 816 32.00 -31.32 -26.56
C ILE A 816 30.80 -31.53 -27.46
N MET A 817 31.03 -32.07 -28.66
CA MET A 817 29.93 -32.15 -29.62
C MET A 817 28.92 -33.18 -29.17
N THR A 818 29.39 -34.28 -28.59
CA THR A 818 28.48 -35.29 -28.03
C THR A 818 27.65 -34.71 -26.90
N CYS A 819 28.27 -33.94 -26.00
CA CYS A 819 27.53 -33.32 -24.92
C CYS A 819 26.48 -32.36 -25.45
N VAL A 820 26.85 -31.57 -26.47
CA VAL A 820 25.90 -30.63 -27.05
C VAL A 820 24.71 -31.37 -27.64
N ALA A 821 24.99 -32.46 -28.37
CA ALA A 821 23.91 -33.24 -28.97
C ALA A 821 23.00 -33.82 -27.90
N ASP A 822 23.59 -34.35 -26.83
CA ASP A 822 22.78 -34.94 -25.76
C ASP A 822 21.90 -33.89 -25.10
N THR A 823 22.46 -32.73 -24.79
CA THR A 823 21.68 -31.67 -24.16
C THR A 823 20.55 -31.20 -25.07
N CYS A 824 20.84 -31.03 -26.36
CA CYS A 824 19.81 -30.62 -27.30
C CYS A 824 18.71 -31.67 -27.39
N ARG A 825 19.08 -32.95 -27.40
CA ARG A 825 18.07 -34.00 -27.44
C ARG A 825 17.20 -33.99 -26.20
N ARG A 826 17.80 -33.78 -25.03
CA ARG A 826 17.01 -33.72 -23.80
C ARG A 826 16.04 -32.55 -23.84
N PHE A 827 16.51 -31.38 -24.29
CA PHE A 827 15.62 -30.24 -24.41
C PHE A 827 14.47 -30.53 -25.37
N PHE A 828 14.78 -31.10 -26.54
CA PHE A 828 13.75 -31.35 -27.54
C PHE A 828 12.75 -32.38 -27.04
N ASP A 829 13.22 -33.40 -26.32
CA ASP A 829 12.30 -34.37 -25.75
C ASP A 829 11.40 -33.71 -24.72
N ARG A 830 11.95 -32.82 -23.88
CA ARG A 830 11.10 -32.09 -22.94
C ARG A 830 10.14 -31.14 -23.64
N GLY A 831 10.42 -30.76 -24.88
CA GLY A 831 9.49 -29.97 -25.66
C GLY A 831 10.04 -28.68 -26.22
N TYR A 832 11.33 -28.45 -26.14
CA TYR A 832 11.92 -27.25 -26.72
C TYR A 832 12.10 -27.45 -28.23
N SER A 833 11.87 -26.40 -28.98
CA SER A 833 12.03 -26.46 -30.41
C SER A 833 13.48 -26.19 -30.80
N PRO A 834 13.92 -26.69 -31.96
CA PRO A 834 15.31 -26.41 -32.38
C PRO A 834 15.62 -24.94 -32.53
N LYS A 835 14.64 -24.13 -32.94
CA LYS A 835 14.87 -22.71 -33.15
C LYS A 835 15.15 -21.93 -31.88
N ASP A 836 15.18 -22.59 -30.73
CA ASP A 836 15.57 -21.97 -29.47
C ASP A 836 17.03 -22.24 -29.11
N VAL A 837 17.80 -22.84 -30.01
CA VAL A 837 19.17 -23.27 -29.73
C VAL A 837 20.10 -22.63 -30.74
N ALA A 838 21.25 -22.14 -30.24
CA ALA A 838 22.33 -21.65 -31.09
C ALA A 838 23.65 -22.19 -30.57
N VAL A 839 24.52 -22.58 -31.50
CA VAL A 839 25.87 -23.02 -31.18
C VAL A 839 26.83 -21.98 -31.76
N LEU A 840 27.61 -21.36 -30.89
CA LEU A 840 28.50 -20.27 -31.29
C LEU A 840 29.94 -20.70 -31.06
N VAL A 841 30.82 -20.39 -32.01
CA VAL A 841 32.18 -20.89 -32.03
C VAL A 841 33.15 -19.72 -32.00
N SER A 842 34.44 -20.04 -32.02
CA SER A 842 35.48 -19.03 -31.86
C SER A 842 35.53 -18.08 -33.05
N THR A 843 35.56 -18.61 -34.26
CA THR A 843 35.76 -17.79 -35.45
C THR A 843 35.05 -18.44 -36.62
N ALA A 844 34.81 -17.62 -37.67
CA ALA A 844 34.10 -18.11 -38.84
C ALA A 844 34.84 -19.22 -39.57
N LYS A 845 36.16 -19.30 -39.42
CA LYS A 845 36.93 -20.33 -40.11
C LYS A 845 36.68 -21.71 -39.52
N GLU A 846 36.45 -21.80 -38.22
CA GLU A 846 36.17 -23.07 -37.56
C GLU A 846 34.71 -23.48 -37.67
N VAL A 847 33.87 -22.64 -38.30
CA VAL A 847 32.44 -22.92 -38.35
C VAL A 847 32.17 -24.21 -39.11
N GLU A 848 32.83 -24.40 -40.26
CA GLU A 848 32.56 -25.59 -41.06
C GLU A 848 33.07 -26.86 -40.38
N HIS A 849 34.26 -26.80 -39.77
CA HIS A 849 34.78 -27.93 -39.03
C HIS A 849 33.84 -28.34 -37.91
N TYR A 850 33.45 -27.37 -37.08
CA TYR A 850 32.56 -27.69 -35.97
C TYR A 850 31.16 -28.06 -36.47
N LYS A 851 30.77 -27.59 -37.66
CA LYS A 851 29.48 -27.98 -38.21
C LYS A 851 29.49 -29.45 -38.62
N TYR A 852 30.55 -29.89 -39.31
CA TYR A 852 30.64 -31.29 -39.65
C TYR A 852 30.67 -32.16 -38.39
N GLU A 853 31.42 -31.73 -37.38
CA GLU A 853 31.45 -32.49 -36.13
C GLU A 853 30.09 -32.53 -35.44
N LEU A 854 29.38 -31.40 -35.42
CA LEU A 854 28.05 -31.37 -34.80
C LEU A 854 27.08 -32.27 -35.56
N LEU A 855 27.16 -32.29 -36.89
CA LEU A 855 26.30 -33.18 -37.66
C LEU A 855 26.63 -34.63 -37.37
N LYS A 856 27.92 -34.95 -37.27
CA LYS A 856 28.33 -36.31 -36.91
C LYS A 856 27.75 -36.71 -35.55
N ALA A 857 27.79 -35.80 -34.58
CA ALA A 857 27.27 -36.11 -33.25
C ALA A 857 25.75 -36.11 -33.21
N MET A 858 25.10 -35.40 -34.12
CA MET A 858 23.65 -35.21 -34.05
C MET A 858 22.89 -36.24 -34.88
N ARG A 859 23.52 -36.83 -35.90
CA ARG A 859 22.81 -37.85 -36.67
C ARG A 859 22.34 -38.99 -35.79
N LYS A 860 22.96 -39.15 -34.63
CA LYS A 860 22.51 -40.13 -33.65
C LYS A 860 21.27 -39.67 -32.91
N LYS A 861 20.93 -38.37 -32.99
CA LYS A 861 19.81 -37.79 -32.24
C LYS A 861 18.61 -37.49 -33.13
N ARG A 862 18.57 -38.03 -34.34
CA ARG A 862 17.40 -38.02 -35.22
C ARG A 862 17.16 -36.68 -35.89
N VAL A 863 18.08 -35.73 -35.79
CA VAL A 863 17.98 -34.45 -36.49
C VAL A 863 19.32 -34.15 -37.14
N VAL A 864 19.29 -33.69 -38.38
CA VAL A 864 20.49 -33.55 -39.19
C VAL A 864 20.57 -32.15 -39.80
N GLN A 865 19.65 -31.27 -39.44
CA GLN A 865 19.52 -29.97 -40.08
C GLN A 865 20.12 -28.88 -39.19
N LEU A 866 21.10 -28.16 -39.73
CA LEU A 866 21.67 -26.98 -39.09
C LEU A 866 21.46 -25.78 -40.00
N SER A 867 21.66 -24.59 -39.44
CA SER A 867 21.44 -23.35 -40.16
C SER A 867 22.55 -22.36 -39.84
N ASP A 868 22.79 -21.46 -40.78
CA ASP A 868 23.69 -20.34 -40.57
C ASP A 868 22.95 -19.21 -39.86
N ALA A 869 23.72 -18.27 -39.31
CA ALA A 869 23.12 -17.18 -38.54
C ALA A 869 22.17 -16.33 -39.37
N CYS A 870 22.25 -16.41 -40.70
CA CYS A 870 21.43 -15.57 -41.56
C CYS A 870 20.00 -16.10 -41.69
N ASP A 871 19.68 -17.24 -41.11
CA ASP A 871 18.36 -17.86 -41.25
C ASP A 871 17.69 -18.04 -39.89
N MET A 872 17.68 -16.99 -39.07
CA MET A 872 17.18 -17.11 -37.70
C MET A 872 15.72 -17.56 -37.65
N LEU A 873 14.93 -17.25 -38.68
CA LEU A 873 13.51 -17.61 -38.67
C LEU A 873 13.25 -19.06 -39.00
N GLY A 874 14.27 -19.83 -39.37
CA GLY A 874 14.06 -21.24 -39.64
C GLY A 874 13.86 -22.04 -38.37
N ASP A 875 13.30 -23.25 -38.53
CA ASP A 875 13.09 -24.14 -37.41
C ASP A 875 14.27 -25.09 -37.25
N HIS A 876 15.47 -24.54 -37.09
CA HIS A 876 16.68 -25.33 -37.01
C HIS A 876 17.64 -24.70 -36.03
N ILE A 877 18.61 -25.50 -35.58
CA ILE A 877 19.68 -24.97 -34.74
C ILE A 877 20.59 -24.08 -35.58
N VAL A 878 20.97 -22.95 -35.02
CA VAL A 878 21.89 -22.02 -35.67
C VAL A 878 23.29 -22.28 -35.17
N LEU A 879 24.22 -22.49 -36.09
CA LEU A 879 25.64 -22.62 -35.78
C LEU A 879 26.40 -21.55 -36.54
N ASP A 880 27.16 -20.74 -35.81
CA ASP A 880 27.92 -19.66 -36.42
C ASP A 880 28.97 -19.19 -35.42
N SER A 881 29.63 -18.09 -35.75
CA SER A 881 30.64 -17.53 -34.86
C SER A 881 30.02 -16.49 -33.94
N VAL A 882 30.70 -16.23 -32.83
CA VAL A 882 30.23 -15.23 -31.88
C VAL A 882 30.16 -13.87 -32.54
N ARG A 883 31.13 -13.56 -33.40
CA ARG A 883 31.14 -12.27 -34.08
C ARG A 883 29.90 -12.10 -34.96
N ARG A 884 29.53 -13.14 -35.70
CA ARG A 884 28.43 -13.01 -36.64
C ARG A 884 27.06 -13.09 -35.95
N PHE A 885 27.03 -13.39 -34.66
CA PHE A 885 25.78 -13.43 -33.92
C PHE A 885 25.50 -12.13 -33.15
N SER A 886 26.15 -11.04 -33.53
CA SER A 886 25.95 -9.77 -32.83
C SER A 886 24.51 -9.31 -32.96
N GLY A 887 23.91 -8.97 -31.83
CA GLY A 887 22.55 -8.46 -31.79
C GLY A 887 21.47 -9.50 -31.81
N LEU A 888 21.81 -10.78 -31.97
CA LEU A 888 20.84 -11.86 -32.00
C LEU A 888 20.84 -12.62 -30.68
N GLU A 889 19.70 -13.23 -30.38
CA GLU A 889 19.53 -13.93 -29.12
C GLU A 889 18.85 -15.26 -29.35
N ARG A 890 19.19 -16.24 -28.51
CA ARG A 890 18.52 -17.52 -28.46
C ARG A 890 18.37 -17.93 -27.00
N SER A 891 17.32 -18.71 -26.73
CA SER A 891 17.08 -19.15 -25.36
C SER A 891 18.23 -20.02 -24.85
N ILE A 892 18.71 -20.94 -25.69
CA ILE A 892 19.78 -21.86 -25.33
C ILE A 892 20.96 -21.59 -26.24
N VAL A 893 22.14 -21.41 -25.65
CA VAL A 893 23.36 -21.14 -26.39
C VAL A 893 24.45 -22.09 -25.91
N PHE A 894 25.18 -22.66 -26.85
CA PHE A 894 26.37 -23.47 -26.56
C PHE A 894 27.59 -22.72 -27.08
N GLY A 895 28.43 -22.27 -26.17
CA GLY A 895 29.64 -21.57 -26.55
C GLY A 895 30.85 -22.49 -26.59
N ILE A 896 31.42 -22.70 -27.77
CA ILE A 896 32.46 -23.69 -27.98
C ILE A 896 33.79 -22.99 -28.15
N HIS A 897 34.74 -23.29 -27.27
CA HIS A 897 36.12 -22.86 -27.39
C HIS A 897 36.24 -21.36 -27.69
N PRO A 898 35.74 -20.49 -26.79
CA PRO A 898 35.92 -19.05 -27.00
C PRO A 898 37.38 -18.65 -26.91
N ARG A 899 37.89 -18.06 -28.00
CA ARG A 899 39.30 -17.70 -28.09
C ARG A 899 39.47 -16.72 -29.25
N THR A 900 40.51 -15.90 -29.16
CA THR A 900 40.76 -14.88 -30.17
C THR A 900 42.27 -14.63 -30.23
N ALA A 901 42.65 -13.77 -31.18
CA ALA A 901 44.07 -13.51 -31.42
C ALA A 901 44.72 -12.86 -30.21
N ASP A 902 44.07 -11.88 -29.59
CA ASP A 902 44.63 -11.12 -28.48
C ASP A 902 44.01 -11.59 -27.17
N PRO A 903 44.79 -12.04 -26.18
CA PRO A 903 44.19 -12.44 -24.90
C PRO A 903 43.40 -11.30 -24.26
N ALA A 904 43.76 -10.06 -24.57
CA ALA A 904 43.01 -8.92 -24.06
C ALA A 904 41.57 -8.93 -24.56
N ILE A 905 41.33 -9.45 -25.77
CA ILE A 905 39.99 -9.49 -26.34
C ILE A 905 39.22 -10.74 -25.93
N LEU A 906 39.87 -11.70 -25.26
CA LEU A 906 39.15 -12.89 -24.82
C LEU A 906 38.03 -12.57 -23.85
N PRO A 907 38.21 -11.71 -22.86
CA PRO A 907 37.05 -11.30 -22.05
C PRO A 907 35.95 -10.65 -22.88
N ASN A 908 36.31 -9.89 -23.91
CA ASN A 908 35.30 -9.32 -24.79
C ASN A 908 34.52 -10.41 -25.51
N VAL A 909 35.21 -11.44 -26.01
CA VAL A 909 34.50 -12.49 -26.74
C VAL A 909 33.62 -13.28 -25.78
N LEU A 910 34.08 -13.46 -24.54
CA LEU A 910 33.24 -14.11 -23.54
C LEU A 910 31.99 -13.30 -23.26
N ILE A 911 32.10 -11.97 -23.14
CA ILE A 911 30.93 -11.13 -22.94
C ILE A 911 29.99 -11.25 -24.14
N CYS A 912 30.55 -11.14 -25.35
CA CYS A 912 29.73 -11.17 -26.55
C CYS A 912 29.01 -12.50 -26.69
N LEU A 913 29.63 -13.58 -26.23
CA LEU A 913 28.97 -14.88 -26.25
C LEU A 913 27.89 -14.97 -25.18
N ALA A 914 28.22 -14.60 -23.95
CA ALA A 914 27.30 -14.77 -22.84
C ALA A 914 26.05 -13.92 -23.01
N SER A 915 26.19 -12.73 -23.61
CA SER A 915 25.04 -11.84 -23.76
C SER A 915 24.04 -12.33 -24.80
N ARG A 916 24.37 -13.36 -25.58
CA ARG A 916 23.46 -13.89 -26.57
C ARG A 916 22.53 -14.95 -26.00
N ALA A 917 22.76 -15.41 -24.78
CA ALA A 917 21.99 -16.49 -24.18
C ALA A 917 20.96 -15.89 -23.24
N LYS A 918 19.69 -16.24 -23.44
CA LYS A 918 18.63 -15.66 -22.62
C LYS A 918 18.44 -16.44 -21.33
N GLN A 919 18.46 -17.76 -21.38
CA GLN A 919 18.18 -18.57 -20.20
C GLN A 919 19.23 -19.64 -19.90
N HIS A 920 19.78 -20.29 -20.93
CA HIS A 920 20.70 -21.40 -20.74
C HIS A 920 21.96 -21.14 -21.54
N LEU A 921 23.11 -21.19 -20.87
CA LEU A 921 24.40 -20.96 -21.50
C LEU A 921 25.35 -22.08 -21.13
N TYR A 922 25.94 -22.71 -22.14
CA TYR A 922 26.91 -23.78 -21.96
C TYR A 922 28.21 -23.36 -22.61
N ILE A 923 29.27 -23.26 -21.81
CA ILE A 923 30.57 -22.78 -22.28
C ILE A 923 31.56 -23.94 -22.21
N PHE A 924 32.35 -24.10 -23.27
CA PHE A 924 33.35 -25.16 -23.39
C PHE A 924 34.70 -24.51 -23.69
N PRO A 925 35.38 -24.00 -22.67
CA PRO A 925 36.65 -23.28 -22.91
C PRO A 925 37.76 -24.24 -23.29
N TRP A 926 38.91 -23.64 -23.61
CA TRP A 926 40.10 -24.41 -23.94
C TRP A 926 40.67 -25.09 -22.70
N GLY A 927 41.49 -26.11 -22.93
CA GLY A 927 42.13 -26.84 -21.84
C GLY A 927 43.62 -27.03 -22.05
N PRO B 35 -32.25 12.74 28.21
CA PRO B 35 -31.46 12.89 26.98
C PRO B 35 -29.97 13.06 27.26
N LEU B 36 -29.15 12.91 26.23
CA LEU B 36 -27.71 13.11 26.33
C LEU B 36 -27.32 14.34 25.53
N VAL B 37 -26.68 15.30 26.20
CA VAL B 37 -26.25 16.54 25.58
C VAL B 37 -24.84 16.84 26.06
N VAL B 38 -23.99 17.30 25.15
CA VAL B 38 -22.63 17.67 25.51
C VAL B 38 -22.64 18.96 26.32
N GLU B 39 -21.89 18.98 27.40
CA GLU B 39 -21.83 20.17 28.26
C GLU B 39 -21.06 21.28 27.55
N PRO B 40 -21.54 22.53 27.58
CA PRO B 40 -20.89 23.58 26.78
C PRO B 40 -19.69 24.23 27.43
N SER B 41 -19.46 24.01 28.73
CA SER B 41 -18.48 24.78 29.47
C SER B 41 -17.05 24.32 29.26
N TYR B 42 -16.82 23.27 28.47
CA TYR B 42 -15.54 22.60 28.47
C TYR B 42 -14.83 22.74 27.14
N PRO B 43 -13.49 22.67 27.13
CA PRO B 43 -12.75 22.69 25.86
C PRO B 43 -12.68 21.33 25.21
N ASP B 44 -13.54 20.41 25.64
CA ASP B 44 -13.62 19.07 25.07
C ASP B 44 -15.08 18.68 24.95
N LEU B 45 -15.32 17.55 24.28
CA LEU B 45 -16.64 16.94 24.28
C LEU B 45 -16.84 16.25 25.62
N VAL B 46 -17.78 16.76 26.41
CA VAL B 46 -18.10 16.21 27.73
C VAL B 46 -19.59 15.88 27.73
N ILE B 47 -19.91 14.61 27.95
CA ILE B 47 -21.28 14.16 28.02
C ILE B 47 -21.58 13.80 29.46
N ASN B 48 -22.66 14.37 30.00
CA ASN B 48 -23.10 14.09 31.36
C ASN B 48 -24.20 13.04 31.28
N VAL B 49 -23.94 11.85 31.83
CA VAL B 49 -24.91 10.76 31.82
C VAL B 49 -25.67 10.65 33.13
N GLY B 50 -25.40 11.54 34.10
CA GLY B 50 -26.18 11.56 35.32
C GLY B 50 -25.71 10.53 36.33
N GLU B 51 -26.62 10.18 37.24
CA GLU B 51 -26.32 9.19 38.27
C GLU B 51 -26.18 7.81 37.66
N VAL B 52 -25.15 7.08 38.09
CA VAL B 52 -24.87 5.73 37.63
C VAL B 52 -24.39 4.92 38.81
N THR B 53 -24.82 3.66 38.88
CA THR B 53 -24.39 2.76 39.94
C THR B 53 -23.10 2.08 39.52
N LEU B 54 -22.06 2.25 40.33
CA LEU B 54 -20.73 1.74 40.01
C LEU B 54 -20.31 0.71 41.06
N GLY B 55 -19.48 -0.24 40.62
CA GLY B 55 -19.10 -1.36 41.44
C GLY B 55 -19.91 -2.59 41.09
N GLU B 56 -19.25 -3.73 40.94
CA GLU B 56 -19.95 -4.95 40.55
C GLU B 56 -20.95 -5.38 41.61
N GLU B 57 -20.58 -5.29 42.89
CA GLU B 57 -21.49 -5.70 43.95
C GLU B 57 -22.70 -4.78 44.03
N ASN B 58 -22.51 -3.48 43.83
CA ASN B 58 -23.64 -2.55 43.85
C ASN B 58 -24.53 -2.74 42.63
N ARG B 59 -23.92 -3.03 41.47
CA ARG B 59 -24.71 -3.19 40.25
C ARG B 59 -25.46 -4.51 40.23
N LYS B 60 -24.96 -5.52 40.95
CA LYS B 60 -25.71 -6.77 41.07
C LYS B 60 -26.97 -6.60 41.89
N LYS B 61 -26.98 -5.67 42.85
CA LYS B 61 -28.17 -5.43 43.65
C LYS B 61 -29.29 -4.79 42.86
N LEU B 62 -28.98 -4.16 41.74
CA LEU B 62 -30.00 -3.47 40.95
C LEU B 62 -30.92 -4.47 40.28
N GLN B 63 -32.10 -3.99 39.88
CA GLN B 63 -32.94 -4.75 38.97
C GLN B 63 -32.34 -4.70 37.57
N LYS B 64 -32.60 -5.77 36.80
CA LYS B 64 -32.02 -5.85 35.47
C LYS B 64 -32.42 -4.66 34.61
N ILE B 65 -33.66 -4.18 34.77
CA ILE B 65 -34.13 -3.08 33.95
C ILE B 65 -33.28 -1.83 34.17
N GLN B 66 -33.07 -1.47 35.43
CA GLN B 66 -32.29 -0.27 35.73
C GLN B 66 -30.82 -0.47 35.38
N ARG B 67 -30.29 -1.65 35.67
CA ARG B 67 -28.90 -1.95 35.32
C ARG B 67 -28.68 -1.77 33.83
N ASP B 68 -29.55 -2.34 33.01
CA ASP B 68 -29.41 -2.25 31.56
C ASP B 68 -29.64 -0.84 31.06
N GLN B 69 -30.57 -0.09 31.67
CA GLN B 69 -30.78 1.29 31.25
C GLN B 69 -29.54 2.14 31.49
N GLU B 70 -28.93 2.02 32.67
CA GLU B 70 -27.70 2.76 32.94
C GLU B 70 -26.58 2.33 32.02
N LYS B 71 -26.43 1.02 31.80
CA LYS B 71 -25.39 0.54 30.91
C LYS B 71 -25.59 1.10 29.50
N GLU B 72 -26.83 1.11 29.02
CA GLU B 72 -27.11 1.63 27.69
C GLU B 72 -26.80 3.11 27.59
N ARG B 73 -27.12 3.88 28.63
CA ARG B 73 -26.80 5.30 28.61
C ARG B 73 -25.30 5.52 28.52
N VAL B 74 -24.53 4.80 29.34
CA VAL B 74 -23.08 4.96 29.33
C VAL B 74 -22.50 4.52 27.99
N MET B 75 -23.06 3.46 27.39
CA MET B 75 -22.54 2.98 26.12
C MET B 75 -22.92 3.91 24.98
N ARG B 76 -24.07 4.55 25.04
CA ARG B 76 -24.39 5.59 24.06
C ARG B 76 -23.38 6.71 24.13
N ALA B 77 -23.06 7.17 25.34
CA ALA B 77 -22.07 8.23 25.48
C ALA B 77 -20.72 7.80 24.94
N ALA B 78 -20.29 6.58 25.28
CA ALA B 78 -18.99 6.09 24.84
C ALA B 78 -18.93 5.95 23.33
N CYS B 79 -19.99 5.43 22.71
CA CYS B 79 -20.02 5.29 21.27
C CYS B 79 -19.97 6.65 20.59
N ALA B 80 -20.73 7.62 21.10
CA ALA B 80 -20.72 8.97 20.52
C ALA B 80 -19.33 9.57 20.60
N LEU B 81 -18.66 9.43 21.75
CA LEU B 81 -17.33 10.01 21.89
C LEU B 81 -16.31 9.29 21.02
N LEU B 82 -16.44 7.97 20.88
CA LEU B 82 -15.53 7.24 20.00
C LEU B 82 -15.68 7.70 18.57
N ASN B 83 -16.92 7.96 18.14
CA ASN B 83 -17.19 8.33 16.76
C ASN B 83 -17.05 9.82 16.49
N SER B 84 -16.87 10.66 17.52
CA SER B 84 -16.86 12.11 17.36
C SER B 84 -15.54 12.74 17.78
N GLY B 85 -14.46 11.97 17.86
CA GLY B 85 -13.16 12.52 18.14
C GLY B 85 -12.71 12.47 19.58
N GLY B 86 -13.41 11.75 20.45
CA GLY B 86 -13.00 11.62 21.83
C GLY B 86 -13.67 12.63 22.73
N GLY B 87 -13.52 12.40 24.04
CA GLY B 87 -14.13 13.29 25.01
C GLY B 87 -14.10 12.66 26.39
N VAL B 88 -14.98 13.16 27.26
CA VAL B 88 -15.09 12.68 28.63
C VAL B 88 -16.53 12.37 28.95
N ILE B 89 -16.75 11.24 29.60
CA ILE B 89 -18.06 10.88 30.15
C ILE B 89 -18.03 11.21 31.63
N ARG B 90 -18.96 12.04 32.07
CA ARG B 90 -19.09 12.41 33.48
C ARG B 90 -20.34 11.74 34.04
N MET B 91 -20.17 11.03 35.14
CA MET B 91 -21.30 10.44 35.85
C MET B 91 -21.13 10.63 37.34
N ALA B 92 -22.21 11.02 38.00
CA ALA B 92 -22.23 11.14 39.45
C ALA B 92 -22.44 9.77 40.07
N LYS B 93 -21.56 9.41 40.99
CA LYS B 93 -21.62 8.12 41.66
C LYS B 93 -22.14 8.30 43.09
N LYS B 94 -22.78 7.26 43.61
CA LYS B 94 -23.55 7.35 44.84
C LYS B 94 -22.72 7.14 46.09
N VAL B 95 -21.42 6.89 45.97
CA VAL B 95 -20.56 6.59 47.10
C VAL B 95 -19.36 7.53 47.07
N GLU B 96 -18.80 7.77 48.26
CA GLU B 96 -17.64 8.65 48.38
C GLU B 96 -16.36 7.96 47.92
N HIS B 97 -16.21 6.68 48.21
CA HIS B 97 -14.94 5.99 48.08
C HIS B 97 -14.74 5.46 46.67
N PRO B 98 -13.50 5.19 46.27
CA PRO B 98 -13.25 4.63 44.93
C PRO B 98 -13.94 3.29 44.74
N VAL B 99 -14.41 3.06 43.51
CA VAL B 99 -15.07 1.81 43.16
C VAL B 99 -14.60 1.39 41.77
N GLU B 100 -14.61 0.08 41.53
CA GLU B 100 -14.41 -0.43 40.20
C GLU B 100 -15.64 -0.16 39.35
N MET B 101 -15.44 -0.10 38.03
CA MET B 101 -16.53 0.24 37.13
C MET B 101 -17.65 -0.80 37.19
N GLY B 102 -17.30 -2.07 37.02
CA GLY B 102 -18.28 -3.13 36.96
C GLY B 102 -18.05 -4.00 35.74
N LEU B 103 -18.29 -5.30 35.91
CA LEU B 103 -17.99 -6.26 34.84
C LEU B 103 -18.84 -6.03 33.61
N ASP B 104 -20.13 -5.74 33.77
CA ASP B 104 -20.98 -5.54 32.59
C ASP B 104 -20.54 -4.32 31.80
N LEU B 105 -20.18 -3.23 32.49
CA LEU B 105 -19.68 -2.04 31.80
C LEU B 105 -18.36 -2.34 31.11
N GLU B 106 -17.46 -3.06 31.78
CA GLU B 106 -16.20 -3.45 31.16
C GLU B 106 -16.44 -4.24 29.88
N GLN B 107 -17.33 -5.22 29.96
CA GLN B 107 -17.56 -6.09 28.81
C GLN B 107 -18.23 -5.33 27.68
N SER B 108 -19.12 -4.39 28.00
CA SER B 108 -19.72 -3.58 26.95
C SER B 108 -18.69 -2.71 26.26
N LEU B 109 -17.76 -2.12 27.02
CA LEU B 109 -16.69 -1.34 26.39
C LEU B 109 -15.81 -2.23 25.52
N ARG B 110 -15.50 -3.43 25.99
CA ARG B 110 -14.70 -4.36 25.20
C ARG B 110 -15.41 -4.73 23.91
N GLU B 111 -16.73 -4.95 23.98
CA GLU B 111 -17.50 -5.22 22.77
C GLU B 111 -17.49 -4.01 21.84
N LEU B 112 -17.56 -2.81 22.41
CA LEU B 112 -17.62 -1.60 21.59
C LEU B 112 -16.33 -1.41 20.80
N ILE B 113 -15.18 -1.62 21.44
CA ILE B 113 -13.90 -1.47 20.72
C ILE B 113 -13.39 -2.78 20.13
N GLN B 114 -14.14 -3.87 20.26
CA GLN B 114 -13.76 -5.17 19.70
C GLN B 114 -12.35 -5.56 20.14
N SER B 115 -12.05 -5.33 21.40
CA SER B 115 -10.70 -5.61 21.91
C SER B 115 -10.74 -5.61 23.43
N SER B 116 -9.82 -6.36 24.02
CA SER B 116 -9.62 -6.33 25.47
C SER B 116 -8.62 -5.28 25.90
N ASP B 117 -7.99 -4.58 24.96
CA ASP B 117 -7.08 -3.49 25.27
C ASP B 117 -7.88 -2.22 25.59
N LEU B 118 -8.54 -2.25 26.73
CA LEU B 118 -9.43 -1.16 27.12
C LEU B 118 -8.65 0.13 27.35
N GLN B 119 -7.44 0.01 27.90
CA GLN B 119 -6.63 1.18 28.23
C GLN B 119 -6.30 2.03 27.01
N ALA B 120 -6.31 1.45 25.82
CA ALA B 120 -5.96 2.21 24.62
C ALA B 120 -7.00 3.28 24.30
N PHE B 121 -8.25 3.07 24.71
CA PHE B 121 -9.33 3.97 24.36
C PHE B 121 -10.08 4.55 25.54
N PHE B 122 -9.99 3.93 26.72
CA PHE B 122 -10.74 4.36 27.89
C PHE B 122 -9.81 4.47 29.08
N GLU B 123 -9.96 5.55 29.83
CA GLU B 123 -9.25 5.73 31.09
C GLU B 123 -10.20 6.39 32.06
N THR B 124 -10.18 5.92 33.30
CA THR B 124 -11.14 6.34 34.30
C THR B 124 -10.45 7.12 35.41
N LYS B 125 -11.14 8.15 35.90
CA LYS B 125 -10.73 8.86 37.11
C LYS B 125 -11.97 9.15 37.93
N GLN B 126 -11.78 9.27 39.23
CA GLN B 126 -12.88 9.58 40.13
C GLN B 126 -12.41 10.52 41.22
N GLN B 127 -13.20 11.56 41.48
CA GLN B 127 -12.89 12.57 42.50
C GLN B 127 -14.16 12.80 43.29
N GLY B 128 -14.20 12.25 44.51
CA GLY B 128 -15.36 12.42 45.35
C GLY B 128 -16.60 11.75 44.81
N ARG B 129 -17.55 12.54 44.34
CA ARG B 129 -18.84 12.02 43.87
C ARG B 129 -18.91 11.87 42.36
N CYS B 130 -17.84 12.17 41.63
CA CYS B 130 -17.85 12.16 40.18
C CYS B 130 -16.92 11.07 39.66
N PHE B 131 -17.35 10.40 38.60
CA PHE B 131 -16.58 9.36 37.96
C PHE B 131 -16.43 9.74 36.49
N TYR B 132 -15.20 9.79 36.01
CA TYR B 132 -14.89 10.24 34.67
C TYR B 132 -14.36 9.08 33.84
N ILE B 133 -14.84 8.97 32.60
CA ILE B 133 -14.27 8.10 31.60
C ILE B 133 -13.76 8.97 30.47
N PHE B 134 -12.45 8.95 30.24
CA PHE B 134 -11.83 9.70 29.16
C PHE B 134 -11.73 8.80 27.94
N VAL B 135 -12.40 9.19 26.86
CA VAL B 135 -12.54 8.37 25.67
C VAL B 135 -11.64 8.94 24.57
N LYS B 136 -10.86 8.06 23.95
CA LYS B 136 -10.09 8.44 22.79
C LYS B 136 -10.90 8.23 21.51
N SER B 137 -10.52 8.94 20.46
CA SER B 137 -11.16 8.77 19.17
C SER B 137 -10.91 7.37 18.63
N TRP B 138 -11.93 6.80 17.99
CA TRP B 138 -11.75 5.50 17.33
C TRP B 138 -10.87 5.62 16.10
N SER B 139 -11.17 6.60 15.23
CA SER B 139 -10.37 6.86 14.05
C SER B 139 -10.25 8.37 13.90
N SER B 140 -9.13 8.80 13.31
CA SER B 140 -8.79 10.20 13.24
C SER B 140 -8.43 10.60 11.82
N GLY B 141 -8.95 11.74 11.38
CA GLY B 141 -8.58 12.32 10.11
C GLY B 141 -9.48 11.88 8.98
N PRO B 142 -9.45 12.61 7.87
CA PRO B 142 -10.21 12.19 6.69
C PRO B 142 -9.59 11.01 5.98
N PHE B 143 -8.28 10.81 6.11
CA PHE B 143 -7.56 9.75 5.43
C PHE B 143 -6.73 8.95 6.45
N PRO B 144 -7.38 8.12 7.24
CA PRO B 144 -6.62 7.26 8.16
C PRO B 144 -5.76 6.25 7.41
N GLU B 145 -4.69 5.81 8.08
CA GLU B 145 -3.78 4.84 7.47
C GLU B 145 -4.39 3.45 7.42
N ASP B 146 -5.45 3.20 8.20
CA ASP B 146 -6.07 1.88 8.29
C ASP B 146 -7.43 1.84 7.58
N ARG B 147 -7.67 2.74 6.63
CA ARG B 147 -8.98 2.83 6.00
C ARG B 147 -9.47 1.48 5.48
N SER B 148 -8.60 0.73 4.81
CA SER B 148 -8.98 -0.54 4.24
C SER B 148 -9.09 -1.66 5.27
N VAL B 149 -8.64 -1.44 6.50
CA VAL B 149 -8.59 -2.47 7.52
C VAL B 149 -9.76 -2.37 8.49
N LYS B 150 -9.85 -1.27 9.23
CA LYS B 150 -10.82 -1.13 10.28
C LYS B 150 -11.95 -0.20 9.87
N PRO B 151 -13.17 -0.42 10.36
CA PRO B 151 -14.26 0.50 10.05
C PRO B 151 -14.04 1.86 10.71
N ARG B 152 -14.64 2.90 10.11
CA ARG B 152 -14.50 4.24 10.64
C ARG B 152 -15.38 4.47 11.87
N LEU B 153 -16.36 3.62 12.11
CA LEU B 153 -17.32 3.81 13.18
C LEU B 153 -17.26 2.67 14.18
N CYS B 154 -17.57 3.00 15.42
CA CYS B 154 -17.93 2.02 16.43
C CYS B 154 -19.44 2.02 16.59
N SER B 155 -20.01 0.85 16.87
CA SER B 155 -21.45 0.70 16.99
C SER B 155 -21.77 -0.15 18.21
N LEU B 156 -22.95 0.07 18.77
CA LEU B 156 -23.47 -0.85 19.77
C LEU B 156 -24.00 -2.12 19.10
N SER B 157 -24.57 -1.98 17.91
CA SER B 157 -24.94 -3.12 17.09
C SER B 157 -25.08 -2.63 15.65
N SER B 158 -24.67 -3.49 14.71
CA SER B 158 -24.80 -3.17 13.30
C SER B 158 -26.15 -3.53 12.73
N SER B 159 -26.94 -4.35 13.44
CA SER B 159 -28.23 -4.84 12.97
C SER B 159 -28.10 -5.66 11.69
N LEU B 160 -26.90 -6.16 11.41
CA LEU B 160 -26.65 -7.00 10.26
C LEU B 160 -26.49 -8.44 10.70
N TYR B 161 -27.28 -9.33 10.15
CA TYR B 161 -27.29 -10.73 10.53
C TYR B 161 -27.01 -11.60 9.31
N ARG B 162 -26.23 -12.62 9.54
CA ARG B 162 -25.95 -13.61 8.55
C ARG B 162 -26.34 -14.98 9.02
N ARG B 163 -26.78 -15.84 8.13
CA ARG B 163 -26.98 -17.24 8.46
C ARG B 163 -25.63 -17.92 8.54
N SER B 164 -25.35 -18.55 9.68
CA SER B 164 -24.07 -19.23 9.93
C SER B 164 -24.40 -20.68 10.24
N GLU B 165 -24.42 -21.50 9.20
CA GLU B 165 -24.93 -22.86 9.28
C GLU B 165 -26.37 -22.82 9.77
N THR B 166 -26.67 -23.38 10.94
CA THR B 166 -28.04 -23.47 11.43
C THR B 166 -28.39 -22.38 12.43
N SER B 167 -27.54 -21.37 12.57
CA SER B 167 -27.78 -20.30 13.53
C SER B 167 -27.61 -18.95 12.85
N VAL B 168 -28.25 -17.94 13.43
CA VAL B 168 -28.22 -16.57 12.93
C VAL B 168 -27.34 -15.77 13.87
N ARG B 169 -26.36 -15.06 13.30
CA ARG B 169 -25.39 -14.31 14.09
C ARG B 169 -25.31 -12.88 13.57
N SER B 170 -25.22 -11.93 14.50
CA SER B 170 -25.03 -10.54 14.11
C SER B 170 -23.56 -10.29 13.78
N MET B 171 -23.34 -9.43 12.79
CA MET B 171 -21.99 -9.05 12.42
C MET B 171 -21.49 -7.95 13.34
N ASP B 172 -20.29 -8.13 13.88
CA ASP B 172 -19.64 -7.04 14.59
C ASP B 172 -19.23 -5.95 13.61
N SER B 173 -18.57 -4.91 14.12
CA SER B 173 -18.19 -3.81 13.24
C SER B 173 -17.25 -4.28 12.14
N ARG B 174 -16.25 -5.08 12.49
CA ARG B 174 -15.30 -5.57 11.49
C ARG B 174 -15.98 -6.50 10.48
N GLU B 175 -16.85 -7.39 10.96
CA GLU B 175 -17.55 -8.31 10.08
C GLU B 175 -18.45 -7.55 9.12
N ALA B 176 -19.21 -6.58 9.63
CA ALA B 176 -20.08 -5.78 8.79
C ALA B 176 -19.28 -4.94 7.81
N PHE B 177 -18.12 -4.44 8.24
CA PHE B 177 -17.26 -3.68 7.35
C PHE B 177 -16.85 -4.52 6.16
N CYS B 178 -16.36 -5.74 6.42
CA CYS B 178 -15.98 -6.63 5.32
C CYS B 178 -17.18 -7.01 4.46
N PHE B 179 -18.33 -7.25 5.08
CA PHE B 179 -19.52 -7.66 4.34
C PHE B 179 -20.00 -6.56 3.40
N LEU B 180 -20.09 -5.33 3.91
CA LEU B 180 -20.52 -4.22 3.06
C LEU B 180 -19.46 -3.90 2.01
N LYS B 181 -18.19 -4.08 2.35
CA LYS B 181 -17.13 -3.93 1.34
C LYS B 181 -17.32 -4.91 0.21
N THR B 182 -17.68 -6.16 0.51
CA THR B 182 -17.94 -7.14 -0.53
C THR B 182 -19.17 -6.76 -1.35
N LYS B 183 -20.27 -6.40 -0.67
CA LYS B 183 -21.49 -6.06 -1.40
C LYS B 183 -21.32 -4.82 -2.26
N ARG B 184 -20.41 -3.92 -1.87
CA ARG B 184 -20.22 -2.66 -2.57
C ARG B 184 -19.73 -2.85 -4.01
N LYS B 185 -19.16 -4.01 -4.31
CA LYS B 185 -18.62 -4.23 -5.64
C LYS B 185 -19.76 -4.34 -6.66
N PRO B 186 -19.61 -3.76 -7.86
CA PRO B 186 -20.65 -3.90 -8.88
C PRO B 186 -20.69 -5.30 -9.48
N ASP B 216 -31.60 -28.59 -4.57
CA ASP B 216 -31.68 -28.86 -3.15
C ASP B 216 -32.89 -29.72 -2.82
N PRO B 217 -32.75 -30.66 -1.88
CA PRO B 217 -33.93 -31.42 -1.43
C PRO B 217 -35.00 -30.55 -0.79
N ALA B 218 -34.64 -29.37 -0.28
CA ALA B 218 -35.63 -28.49 0.33
C ALA B 218 -36.61 -27.95 -0.70
N ASP B 219 -36.13 -27.70 -1.93
CA ASP B 219 -37.01 -27.23 -2.98
C ASP B 219 -38.06 -28.27 -3.34
N LEU B 220 -37.73 -29.56 -3.22
CA LEU B 220 -38.71 -30.60 -3.51
C LEU B 220 -39.87 -30.56 -2.53
N ILE B 221 -39.61 -30.17 -1.27
CA ILE B 221 -40.69 -30.02 -0.31
C ILE B 221 -41.41 -28.70 -0.51
N PHE B 222 -40.66 -27.66 -0.89
CA PHE B 222 -41.28 -26.36 -1.13
C PHE B 222 -42.28 -26.40 -2.27
N GLN B 223 -41.94 -27.09 -3.37
CA GLN B 223 -42.81 -27.09 -4.53
C GLN B 223 -44.15 -27.76 -4.25
N LYS B 224 -44.26 -28.53 -3.17
CA LYS B 224 -45.47 -29.29 -2.89
C LYS B 224 -46.66 -28.37 -2.63
N ASP B 225 -47.82 -28.78 -3.13
CA ASP B 225 -49.07 -28.05 -2.91
C ASP B 225 -49.67 -28.29 -1.53
N TYR B 226 -49.39 -29.45 -0.93
CA TYR B 226 -49.94 -29.80 0.37
C TYR B 226 -48.99 -30.73 1.07
N LEU B 227 -49.19 -30.89 2.37
CA LEU B 227 -48.36 -31.75 3.20
C LEU B 227 -49.23 -32.66 4.04
N GLU B 228 -48.71 -33.85 4.33
CA GLU B 228 -49.41 -34.79 5.20
C GLU B 228 -48.93 -34.63 6.63
N TYR B 229 -49.88 -34.55 7.56
CA TYR B 229 -49.54 -34.44 8.97
C TYR B 229 -48.64 -35.60 9.37
N GLY B 230 -47.56 -35.29 10.08
CA GLY B 230 -46.59 -36.30 10.47
C GLY B 230 -45.58 -36.63 9.41
N GLU B 231 -45.65 -36.00 8.25
CA GLU B 231 -44.66 -36.23 7.19
C GLU B 231 -43.27 -35.87 7.69
N ILE B 232 -42.30 -36.74 7.42
CA ILE B 232 -40.92 -36.49 7.85
C ILE B 232 -40.18 -35.79 6.71
N LEU B 233 -39.64 -34.61 6.99
CA LEU B 233 -38.79 -33.93 6.02
C LEU B 233 -37.44 -34.65 5.96
N PRO B 234 -36.93 -34.95 4.76
CA PRO B 234 -35.74 -35.80 4.69
C PRO B 234 -34.41 -35.07 4.83
N PHE B 235 -34.43 -33.84 5.33
CA PHE B 235 -33.21 -33.05 5.48
C PHE B 235 -33.22 -32.37 6.84
N PRO B 236 -32.05 -32.04 7.39
CA PRO B 236 -32.01 -31.29 8.64
C PRO B 236 -31.98 -29.79 8.39
N GLU B 237 -32.00 -29.04 9.49
CA GLU B 237 -31.73 -27.61 9.41
C GLU B 237 -30.27 -27.40 9.00
N SER B 238 -30.06 -26.45 8.10
CA SER B 238 -28.73 -26.23 7.54
C SER B 238 -28.58 -24.75 7.22
N GLN B 239 -27.53 -24.45 6.43
CA GLN B 239 -27.31 -23.09 5.95
C GLN B 239 -28.50 -22.56 5.17
N LEU B 240 -29.31 -23.45 4.59
CA LEU B 240 -30.38 -23.05 3.69
C LEU B 240 -31.76 -23.36 4.25
N VAL B 241 -31.88 -24.01 5.40
CA VAL B 241 -33.16 -24.47 5.92
C VAL B 241 -33.28 -24.10 7.39
N GLU B 242 -34.43 -23.57 7.76
CA GLU B 242 -34.78 -23.31 9.16
C GLU B 242 -36.19 -23.83 9.41
N PHE B 243 -36.35 -24.58 10.50
CA PHE B 243 -37.65 -25.11 10.90
C PHE B 243 -38.20 -24.33 12.09
N LYS B 244 -39.52 -24.15 12.11
CA LYS B 244 -40.22 -23.57 13.24
C LYS B 244 -41.54 -24.30 13.43
N GLN B 245 -41.97 -24.41 14.68
CA GLN B 245 -43.22 -25.09 15.01
C GLN B 245 -43.89 -24.45 16.13
N PHE B 246 -44.87 -23.63 15.84
CA PHE B 246 -45.71 -22.96 16.82
C PHE B 246 -47.06 -23.68 16.81
N SER B 247 -47.47 -24.18 17.97
CA SER B 247 -48.60 -25.10 18.07
C SER B 247 -49.84 -24.47 18.71
N THR B 248 -49.80 -23.19 19.05
CA THR B 248 -50.86 -22.57 19.84
C THR B 248 -51.39 -21.35 19.11
N LYS B 249 -52.42 -20.74 19.70
CA LYS B 249 -52.83 -19.41 19.29
C LYS B 249 -51.65 -18.47 19.51
N HIS B 250 -51.65 -17.32 18.85
CA HIS B 250 -50.50 -16.44 18.73
C HIS B 250 -49.50 -16.97 17.70
N PHE B 251 -49.87 -18.01 16.95
CA PHE B 251 -49.04 -18.49 15.84
C PHE B 251 -48.72 -17.35 14.89
N GLN B 252 -49.70 -16.49 14.62
CA GLN B 252 -49.48 -15.37 13.72
C GLN B 252 -48.43 -14.42 14.26
N GLU B 253 -48.51 -14.07 15.54
CA GLU B 253 -47.51 -13.16 16.11
C GLU B 253 -46.14 -13.82 16.14
N TYR B 254 -46.09 -15.11 16.45
CA TYR B 254 -44.81 -15.81 16.48
C TYR B 254 -44.14 -15.77 15.10
N VAL B 255 -44.89 -16.07 14.04
CA VAL B 255 -44.30 -16.05 12.71
C VAL B 255 -43.95 -14.61 12.30
N LYS B 256 -44.80 -13.65 12.69
CA LYS B 256 -44.52 -12.26 12.35
C LYS B 256 -43.20 -11.80 12.95
N ARG B 257 -42.93 -12.18 14.19
CA ARG B 257 -41.65 -11.81 14.81
C ARG B 257 -40.53 -12.78 14.46
N THR B 258 -40.86 -13.91 13.83
CA THR B 258 -39.84 -14.77 13.25
C THR B 258 -39.26 -14.17 11.97
N ILE B 259 -40.10 -13.48 11.20
CA ILE B 259 -39.64 -12.92 9.92
C ILE B 259 -38.39 -12.04 10.09
N PRO B 260 -38.38 -11.06 11.00
CA PRO B 260 -37.24 -10.11 11.04
C PRO B 260 -35.91 -10.74 11.39
N GLU B 261 -35.88 -11.92 11.99
CA GLU B 261 -34.62 -12.52 12.40
C GLU B 261 -34.08 -13.54 11.41
N TYR B 262 -34.95 -14.12 10.58
CA TYR B 262 -34.50 -15.13 9.63
C TYR B 262 -34.47 -14.63 8.20
N VAL B 263 -35.42 -13.78 7.80
CA VAL B 263 -35.46 -13.33 6.41
C VAL B 263 -34.19 -12.55 6.11
N PRO B 264 -33.78 -11.57 6.93
CA PRO B 264 -32.55 -10.85 6.62
C PRO B 264 -31.31 -11.73 6.57
N ALA B 265 -31.21 -12.74 7.43
CA ALA B 265 -30.02 -13.59 7.43
C ALA B 265 -29.92 -14.39 6.13
N PHE B 266 -31.03 -15.01 5.71
CA PHE B 266 -31.05 -15.72 4.44
C PHE B 266 -30.75 -14.76 3.29
N ALA B 267 -31.37 -13.58 3.30
CA ALA B 267 -31.17 -12.63 2.22
C ALA B 267 -29.72 -12.21 2.11
N ASN B 268 -29.05 -11.99 3.24
CA ASN B 268 -27.66 -11.58 3.24
C ASN B 268 -26.71 -12.75 2.99
N THR B 269 -27.14 -13.99 3.16
CA THR B 269 -26.22 -15.13 3.11
C THR B 269 -26.67 -16.17 2.10
N GLY B 270 -27.06 -15.74 0.90
CA GLY B 270 -27.32 -16.66 -0.17
C GLY B 270 -28.71 -17.28 -0.21
N GLY B 271 -29.65 -16.77 0.56
CA GLY B 271 -31.01 -17.27 0.53
C GLY B 271 -31.20 -18.52 1.38
N GLY B 272 -32.44 -18.94 1.48
CA GLY B 272 -32.76 -20.13 2.25
C GLY B 272 -34.25 -20.33 2.35
N TYR B 273 -34.61 -21.37 3.11
CA TYR B 273 -35.99 -21.78 3.29
C TYR B 273 -36.38 -21.66 4.76
N LEU B 274 -37.60 -21.20 5.02
CA LEU B 274 -38.15 -21.12 6.36
C LEU B 274 -39.46 -21.88 6.38
N PHE B 275 -39.47 -23.03 7.02
CA PHE B 275 -40.66 -23.86 7.15
C PHE B 275 -41.23 -23.70 8.54
N ILE B 276 -42.40 -23.06 8.64
CA ILE B 276 -43.12 -22.94 9.89
C ILE B 276 -44.16 -24.04 9.93
N GLY B 277 -44.16 -24.81 11.02
CA GLY B 277 -44.99 -25.99 11.14
C GLY B 277 -44.24 -27.30 11.13
N VAL B 278 -42.93 -27.28 11.30
CA VAL B 278 -42.09 -28.48 11.25
C VAL B 278 -41.45 -28.67 12.61
N ASP B 279 -41.71 -29.83 13.23
CA ASP B 279 -41.14 -30.13 14.53
C ASP B 279 -39.62 -30.15 14.46
N ASP B 280 -38.93 -29.55 15.36
CA ASP B 280 -37.50 -29.43 15.22
C ASP B 280 -36.81 -30.63 15.45
N LYS B 281 -37.27 -31.34 16.42
CA LYS B 281 -36.52 -32.51 16.86
C LYS B 281 -36.75 -33.70 15.94
N SER B 282 -38.01 -33.94 15.56
CA SER B 282 -38.34 -35.07 14.69
C SER B 282 -38.43 -34.69 13.23
N ARG B 283 -38.54 -33.41 12.91
CA ARG B 283 -38.72 -32.90 11.55
C ARG B 283 -40.08 -33.24 10.98
N GLU B 284 -41.04 -33.66 11.81
CA GLU B 284 -42.38 -33.96 11.33
C GLU B 284 -43.14 -32.69 11.01
N VAL B 285 -43.92 -32.72 9.94
CA VAL B 285 -44.79 -31.60 9.62
C VAL B 285 -46.02 -31.68 10.52
N LEU B 286 -46.18 -30.70 11.40
CA LEU B 286 -47.35 -30.61 12.26
C LEU B 286 -48.26 -29.44 11.93
N GLY B 287 -47.71 -28.29 11.56
CA GLY B 287 -48.54 -27.17 11.19
C GLY B 287 -49.27 -26.60 12.39
N CYS B 288 -50.27 -25.78 12.10
CA CYS B 288 -51.10 -25.15 13.11
C CYS B 288 -52.57 -25.44 12.79
N ALA B 289 -53.34 -25.74 13.84
CA ALA B 289 -54.72 -26.10 13.65
C ALA B 289 -55.46 -25.00 12.89
N LYS B 290 -56.38 -25.41 12.02
CA LYS B 290 -57.07 -24.45 11.16
C LYS B 290 -57.71 -23.34 11.96
N GLU B 291 -58.18 -23.64 13.16
CA GLU B 291 -58.94 -22.66 13.95
C GLU B 291 -58.07 -21.50 14.40
N ASN B 292 -56.75 -21.62 14.31
CA ASN B 292 -55.84 -20.58 14.79
C ASN B 292 -55.33 -19.66 13.70
N VAL B 293 -55.47 -20.04 12.42
CA VAL B 293 -54.80 -19.35 11.34
C VAL B 293 -55.80 -18.99 10.25
N ASP B 294 -55.75 -17.75 9.79
CA ASP B 294 -56.47 -17.30 8.61
C ASP B 294 -55.46 -17.05 7.50
N PRO B 295 -55.38 -17.89 6.46
CA PRO B 295 -54.27 -17.78 5.51
C PRO B 295 -54.11 -16.40 4.91
N ASP B 296 -55.21 -15.71 4.58
CA ASP B 296 -55.09 -14.39 3.98
C ASP B 296 -54.45 -13.41 4.94
N SER B 297 -54.93 -13.35 6.18
CA SER B 297 -54.36 -12.45 7.16
C SER B 297 -52.89 -12.80 7.42
N LEU B 298 -52.60 -14.08 7.53
CA LEU B 298 -51.22 -14.53 7.76
C LEU B 298 -50.30 -14.06 6.64
N ARG B 299 -50.74 -14.24 5.38
CA ARG B 299 -49.95 -13.79 4.25
C ARG B 299 -49.73 -12.29 4.31
N ARG B 300 -50.78 -11.53 4.66
CA ARG B 300 -50.63 -10.09 4.75
C ARG B 300 -49.60 -9.70 5.80
N LYS B 301 -49.66 -10.32 6.98
CA LYS B 301 -48.69 -9.97 8.02
C LYS B 301 -47.28 -10.32 7.59
N ILE B 302 -47.09 -11.48 6.98
CA ILE B 302 -45.75 -11.91 6.58
C ILE B 302 -45.19 -10.96 5.54
N GLU B 303 -45.98 -10.62 4.52
CA GLU B 303 -45.49 -9.73 3.47
C GLU B 303 -45.21 -8.33 4.02
N GLN B 304 -46.08 -7.82 4.90
CA GLN B 304 -45.84 -6.51 5.48
C GLN B 304 -44.55 -6.51 6.30
N ALA B 305 -44.33 -7.55 7.09
CA ALA B 305 -43.10 -7.63 7.88
C ALA B 305 -41.88 -7.71 6.98
N ILE B 306 -41.96 -8.48 5.90
CA ILE B 306 -40.80 -8.62 5.02
C ILE B 306 -40.47 -7.28 4.37
N TYR B 307 -41.49 -6.58 3.89
CA TYR B 307 -41.24 -5.30 3.23
C TYR B 307 -40.91 -4.18 4.22
N LYS B 308 -41.18 -4.39 5.52
CA LYS B 308 -40.77 -3.42 6.52
C LYS B 308 -39.26 -3.45 6.77
N LEU B 309 -38.56 -4.48 6.32
CA LEU B 309 -37.14 -4.62 6.63
C LEU B 309 -36.33 -3.55 5.91
N PRO B 310 -35.50 -2.77 6.60
CA PRO B 310 -34.67 -1.78 5.90
C PRO B 310 -33.64 -2.46 5.02
N CYS B 311 -33.45 -1.89 3.83
CA CYS B 311 -32.45 -2.37 2.87
C CYS B 311 -31.64 -1.20 2.35
N VAL B 312 -30.39 -1.46 2.02
CA VAL B 312 -29.49 -0.47 1.43
C VAL B 312 -28.92 -1.05 0.16
N HIS B 313 -28.91 -0.26 -0.90
CA HIS B 313 -28.47 -0.69 -2.22
C HIS B 313 -27.21 0.06 -2.63
N PHE B 314 -26.20 -0.70 -3.06
CA PHE B 314 -25.03 -0.12 -3.72
C PHE B 314 -25.08 -0.27 -5.23
N CYS B 315 -26.16 -0.81 -5.77
CA CYS B 315 -26.21 -1.23 -7.16
C CYS B 315 -27.29 -0.48 -7.93
N GLN B 316 -27.45 -0.87 -9.19
CA GLN B 316 -28.62 -0.56 -10.00
C GLN B 316 -29.03 -1.84 -10.72
N PRO B 317 -30.32 -2.18 -10.74
CA PRO B 317 -31.47 -1.47 -10.17
C PRO B 317 -31.60 -1.68 -8.67
N GLN B 318 -32.26 -0.77 -7.97
CA GLN B 318 -32.50 -0.89 -6.54
C GLN B 318 -33.81 -1.62 -6.27
N ARG B 319 -33.92 -2.81 -6.86
CA ARG B 319 -35.12 -3.61 -6.72
C ARG B 319 -35.26 -4.13 -5.29
N PRO B 320 -36.48 -4.39 -4.83
CA PRO B 320 -36.69 -4.79 -3.44
C PRO B 320 -36.31 -6.23 -3.20
N ILE B 321 -36.61 -6.68 -1.98
CA ILE B 321 -36.30 -8.05 -1.57
C ILE B 321 -37.24 -9.02 -2.28
N THR B 322 -36.68 -10.11 -2.79
CA THR B 322 -37.43 -11.11 -3.53
C THR B 322 -37.61 -12.36 -2.67
N PHE B 323 -38.84 -12.86 -2.61
CA PHE B 323 -39.15 -14.03 -1.81
C PHE B 323 -40.39 -14.70 -2.38
N THR B 324 -40.59 -15.96 -2.00
CA THR B 324 -41.79 -16.72 -2.35
C THR B 324 -42.41 -17.24 -1.06
N LEU B 325 -43.69 -16.93 -0.85
CA LEU B 325 -44.41 -17.35 0.34
C LEU B 325 -45.55 -18.28 -0.07
N LYS B 326 -45.69 -19.39 0.65
CA LYS B 326 -46.74 -20.37 0.39
C LYS B 326 -47.37 -20.79 1.70
N ILE B 327 -48.70 -20.74 1.75
CA ILE B 327 -49.47 -21.30 2.85
C ILE B 327 -50.13 -22.58 2.34
N VAL B 328 -49.54 -23.72 2.66
CA VAL B 328 -49.95 -25.01 2.13
C VAL B 328 -50.88 -25.69 3.10
N ASN B 329 -51.78 -26.51 2.59
CA ASN B 329 -52.74 -27.21 3.42
C ASN B 329 -52.12 -28.46 4.02
N VAL B 330 -52.26 -28.63 5.33
CA VAL B 330 -51.75 -29.81 6.02
C VAL B 330 -52.93 -30.78 6.18
N LEU B 331 -52.85 -31.91 5.47
CA LEU B 331 -53.94 -32.87 5.42
C LEU B 331 -53.72 -33.99 6.42
N LYS B 332 -54.82 -34.55 6.92
CA LYS B 332 -54.79 -35.64 7.90
C LYS B 332 -55.75 -36.72 7.38
N ARG B 333 -55.18 -37.79 6.81
CA ARG B 333 -55.97 -38.85 6.20
C ARG B 333 -56.88 -38.29 5.11
N GLY B 334 -56.38 -37.30 4.39
CA GLY B 334 -57.15 -36.62 3.37
C GLY B 334 -58.00 -35.49 3.89
N GLU B 335 -58.24 -35.44 5.20
CA GLU B 335 -59.01 -34.35 5.78
C GLU B 335 -58.09 -33.19 6.13
N LEU B 336 -58.59 -31.98 5.91
CA LEU B 336 -57.82 -30.77 6.18
C LEU B 336 -57.66 -30.60 7.68
N TYR B 337 -56.42 -30.47 8.15
CA TYR B 337 -56.15 -30.31 9.57
C TYR B 337 -55.64 -28.91 9.94
N GLY B 338 -54.79 -28.33 9.12
CA GLY B 338 -54.23 -27.04 9.46
C GLY B 338 -53.41 -26.48 8.31
N TYR B 339 -52.58 -25.50 8.63
CA TYR B 339 -51.75 -24.82 7.64
C TYR B 339 -50.28 -24.90 8.01
N ALA B 340 -49.44 -24.96 6.98
CA ALA B 340 -48.01 -24.82 7.14
C ALA B 340 -47.53 -23.70 6.22
N CYS B 341 -46.66 -22.85 6.75
CA CYS B 341 -46.18 -21.67 6.05
C CYS B 341 -44.73 -21.89 5.64
N MET B 342 -44.44 -21.67 4.36
CA MET B 342 -43.10 -21.86 3.82
C MET B 342 -42.68 -20.59 3.09
N ILE B 343 -41.50 -20.08 3.40
CA ILE B 343 -40.94 -18.92 2.74
C ILE B 343 -39.63 -19.34 2.07
N ARG B 344 -39.49 -19.00 0.80
CA ARG B 344 -38.22 -19.14 0.10
C ARG B 344 -37.64 -17.75 -0.11
N VAL B 345 -36.51 -17.48 0.54
CA VAL B 345 -35.86 -16.18 0.47
C VAL B 345 -34.72 -16.27 -0.54
N ASN B 346 -34.78 -15.46 -1.57
CA ASN B 346 -33.73 -15.48 -2.57
C ASN B 346 -32.57 -14.60 -2.11
N PRO B 347 -31.35 -14.87 -2.58
CA PRO B 347 -30.22 -14.01 -2.23
C PRO B 347 -30.48 -12.58 -2.67
N PHE B 348 -30.08 -11.64 -1.82
CA PHE B 348 -30.35 -10.23 -2.05
C PHE B 348 -29.07 -9.56 -2.55
N CYS B 349 -29.24 -8.64 -3.50
CA CYS B 349 -28.08 -8.02 -4.14
C CYS B 349 -27.20 -7.29 -3.13
N CYS B 350 -27.79 -6.81 -2.04
CA CYS B 350 -27.12 -5.89 -1.12
C CYS B 350 -27.42 -6.26 0.33
N ALA B 351 -27.19 -5.32 1.24
CA ALA B 351 -27.36 -5.56 2.68
C ALA B 351 -28.82 -5.38 3.07
N VAL B 352 -29.32 -6.31 3.88
CA VAL B 352 -30.64 -6.21 4.50
C VAL B 352 -30.45 -6.08 6.00
N PHE B 353 -31.03 -5.05 6.58
CA PHE B 353 -30.95 -4.81 8.01
C PHE B 353 -32.24 -5.24 8.68
N SER B 354 -32.11 -5.85 9.86
CA SER B 354 -33.30 -6.16 10.65
C SER B 354 -33.92 -4.90 11.21
N GLU B 355 -33.11 -3.90 11.52
CA GLU B 355 -33.57 -2.60 11.98
C GLU B 355 -32.43 -1.62 11.73
N ALA B 356 -32.61 -0.39 12.20
CA ALA B 356 -31.57 0.60 12.05
C ALA B 356 -30.35 0.22 12.90
N PRO B 357 -29.13 0.49 12.42
CA PRO B 357 -27.96 0.23 13.25
C PRO B 357 -27.96 1.11 14.49
N ASN B 358 -27.37 0.58 15.57
CA ASN B 358 -27.30 1.29 16.84
C ASN B 358 -25.91 1.93 16.97
N SER B 359 -25.74 3.05 16.28
CA SER B 359 -24.50 3.81 16.31
C SER B 359 -24.83 5.26 16.64
N TRP B 360 -23.97 5.88 17.44
CA TRP B 360 -24.23 7.21 17.97
C TRP B 360 -23.07 8.14 17.67
N ILE B 361 -23.37 9.44 17.64
CA ILE B 361 -22.40 10.46 17.26
C ILE B 361 -22.85 11.79 17.86
N VAL B 362 -21.88 12.67 18.08
CA VAL B 362 -22.15 14.02 18.59
C VAL B 362 -22.13 14.98 17.41
N GLU B 363 -23.28 15.59 17.13
CA GLU B 363 -23.37 16.65 16.14
C GLU B 363 -24.11 17.82 16.75
N ASP B 364 -23.58 19.02 16.56
CA ASP B 364 -24.03 20.22 17.27
C ASP B 364 -23.82 19.93 18.76
N LYS B 365 -24.81 20.14 19.62
CA LYS B 365 -24.69 19.91 21.06
C LYS B 365 -25.40 18.64 21.51
N TYR B 366 -25.85 17.80 20.59
CA TYR B 366 -26.69 16.66 20.92
C TYR B 366 -25.98 15.36 20.55
N VAL B 367 -26.28 14.30 21.30
CA VAL B 367 -25.85 12.95 20.95
C VAL B 367 -26.94 12.34 20.08
N CYS B 368 -26.64 12.11 18.82
CA CYS B 368 -27.63 11.68 17.84
C CYS B 368 -27.27 10.29 17.32
N SER B 369 -28.31 9.53 16.97
CA SER B 369 -28.11 8.23 16.36
C SER B 369 -28.04 8.35 14.84
N LEU B 370 -27.12 7.63 14.24
CA LEU B 370 -26.99 7.63 12.79
C LEU B 370 -28.15 6.87 12.16
N THR B 371 -28.65 7.39 11.04
CA THR B 371 -29.62 6.66 10.25
C THR B 371 -28.93 5.51 9.51
N THR B 372 -29.75 4.62 8.92
CA THR B 372 -29.19 3.48 8.21
C THR B 372 -28.29 3.93 7.06
N GLU B 373 -28.77 4.88 6.27
CA GLU B 373 -28.03 5.30 5.09
C GLU B 373 -26.74 6.03 5.47
N LYS B 374 -26.81 6.90 6.48
CA LYS B 374 -25.62 7.60 6.94
C LYS B 374 -24.61 6.61 7.51
N TRP B 375 -25.09 5.62 8.27
CA TRP B 375 -24.21 4.61 8.83
C TRP B 375 -23.51 3.83 7.74
N VAL B 376 -24.25 3.40 6.72
CA VAL B 376 -23.64 2.65 5.62
C VAL B 376 -22.65 3.53 4.87
N GLY B 377 -22.98 4.81 4.67
CA GLY B 377 -22.03 5.70 4.03
C GLY B 377 -20.74 5.83 4.81
N MET B 378 -20.85 6.04 6.12
CA MET B 378 -19.66 6.19 6.95
C MET B 378 -18.88 4.88 7.06
N MET B 379 -19.54 3.75 6.84
CA MET B 379 -18.87 2.46 6.92
C MET B 379 -18.26 2.01 5.60
N THR B 380 -18.73 2.54 4.47
CA THR B 380 -18.21 2.10 3.18
C THR B 380 -17.32 3.14 2.53
N ASP B 381 -17.73 4.41 2.57
CA ASP B 381 -17.00 5.46 1.87
C ASP B 381 -15.68 5.76 2.56
N VAL B 409 -10.20 22.76 4.98
CA VAL B 409 -9.75 22.11 3.75
C VAL B 409 -8.78 20.98 4.08
N TYR B 410 -9.05 19.80 3.52
CA TYR B 410 -8.19 18.63 3.71
C TYR B 410 -7.02 18.71 2.74
N SER B 411 -5.86 19.07 3.29
CA SER B 411 -4.66 19.28 2.48
C SER B 411 -3.91 17.96 2.33
N LYS B 412 -4.01 17.35 1.15
CA LYS B 412 -3.29 16.10 0.91
C LYS B 412 -1.80 16.33 0.80
N LYS B 413 -1.37 17.47 0.26
CA LYS B 413 0.05 17.80 0.26
C LYS B 413 0.57 17.95 1.68
N GLY B 414 -0.21 18.60 2.56
CA GLY B 414 0.18 18.68 3.94
C GLY B 414 0.26 17.31 4.60
N LEU B 415 -0.72 16.45 4.32
CA LEU B 415 -0.67 15.10 4.87
C LEU B 415 0.59 14.38 4.40
N GLU B 416 0.98 14.59 3.15
CA GLU B 416 2.15 13.91 2.60
C GLU B 416 3.44 14.43 3.23
N HIS B 417 3.55 15.75 3.42
CA HIS B 417 4.81 16.37 3.82
C HIS B 417 4.85 16.76 5.30
N LYS B 418 3.88 16.32 6.10
CA LYS B 418 3.77 16.79 7.47
C LYS B 418 5.07 16.70 8.24
N LYS B 419 5.84 15.63 8.06
CA LYS B 419 7.06 15.46 8.85
C LYS B 419 8.10 16.52 8.50
N GLU B 420 8.34 16.73 7.21
CA GLU B 420 9.29 17.76 6.80
C GLU B 420 8.80 19.15 7.19
N LEU B 421 7.51 19.40 7.00
CA LEU B 421 6.96 20.71 7.35
C LEU B 421 7.08 20.97 8.83
N GLN B 422 6.89 19.95 9.66
CA GLN B 422 7.04 20.10 11.10
C GLN B 422 8.50 20.36 11.47
N GLN B 423 9.43 19.57 10.93
CA GLN B 423 10.83 19.85 11.21
C GLN B 423 11.29 21.20 10.69
N LEU B 424 10.57 21.77 9.72
CA LEU B 424 10.92 23.10 9.23
C LEU B 424 10.38 24.19 10.14
N LEU B 425 9.07 24.20 10.38
CA LEU B 425 8.45 25.32 11.09
C LEU B 425 8.36 25.11 12.60
N PHE B 426 8.01 23.90 13.04
CA PHE B 426 7.75 23.61 14.45
C PHE B 426 8.76 22.61 15.00
N SER B 427 10.02 22.77 14.64
CA SER B 427 11.06 21.91 15.21
C SER B 427 11.18 22.18 16.69
N VAL B 428 10.99 21.13 17.50
CA VAL B 428 11.09 21.25 18.95
C VAL B 428 12.56 21.17 19.33
N PRO B 429 13.11 22.16 20.03
CA PRO B 429 14.51 22.11 20.39
C PRO B 429 14.73 21.23 21.61
N PRO B 430 15.94 20.72 21.82
CA PRO B 430 16.22 19.98 23.05
C PRO B 430 16.69 20.93 24.15
N GLY B 431 15.90 21.02 25.22
CA GLY B 431 16.38 21.66 26.43
C GLY B 431 16.01 23.13 26.61
N TYR B 432 15.14 23.69 25.78
CA TYR B 432 14.66 25.04 26.01
C TYR B 432 13.33 25.25 25.30
N LEU B 433 12.62 26.29 25.71
CA LEU B 433 11.28 26.60 25.22
C LEU B 433 11.39 27.69 24.16
N ARG B 434 10.76 27.46 23.01
CA ARG B 434 10.91 28.30 21.83
C ARG B 434 9.61 29.02 21.54
N TYR B 435 9.71 30.31 21.21
CA TYR B 435 8.55 31.13 20.85
C TYR B 435 8.54 31.35 19.36
N THR B 436 7.40 31.10 18.72
CA THR B 436 7.23 31.35 17.30
C THR B 436 5.84 31.91 17.05
N PRO B 437 5.68 32.75 16.02
CA PRO B 437 6.70 33.34 15.16
C PRO B 437 7.52 34.38 15.92
N GLU B 438 8.83 34.45 15.65
CA GLU B 438 9.69 35.35 16.40
C GLU B 438 9.37 36.82 16.10
N SER B 439 9.10 37.15 14.83
CA SER B 439 8.76 38.51 14.50
C SER B 439 7.45 38.94 15.16
N LEU B 440 6.44 38.06 15.15
CA LEU B 440 5.18 38.38 15.79
C LEU B 440 5.36 38.54 17.30
N TRP B 441 6.18 37.69 17.90
CA TRP B 441 6.44 37.80 19.33
C TRP B 441 7.11 39.13 19.65
N ARG B 442 8.09 39.52 18.85
CA ARG B 442 8.75 40.80 19.06
C ARG B 442 7.77 41.96 18.91
N ASP B 443 6.91 41.91 17.89
CA ASP B 443 5.91 42.96 17.70
C ASP B 443 4.98 43.04 18.91
N LEU B 444 4.55 41.88 19.42
CA LEU B 444 3.62 41.88 20.53
C LEU B 444 4.25 42.49 21.78
N ILE B 445 5.47 42.05 22.13
CA ILE B 445 6.12 42.59 23.32
C ILE B 445 6.54 44.03 23.15
N SER B 446 6.73 44.51 21.92
CA SER B 446 7.00 45.92 21.71
C SER B 446 5.73 46.75 21.83
N GLU B 447 4.59 46.21 21.41
CA GLU B 447 3.33 46.95 21.50
C GLU B 447 2.83 47.03 22.93
N HIS B 448 2.95 45.93 23.68
CA HIS B 448 2.30 45.81 24.99
C HIS B 448 3.35 45.73 26.08
N ARG B 449 3.23 46.63 27.06
CA ARG B 449 4.18 46.68 28.17
C ARG B 449 3.77 45.67 29.24
N GLY B 450 4.72 44.81 29.62
CA GLY B 450 4.47 43.77 30.59
C GLY B 450 4.03 42.45 30.01
N LEU B 451 3.75 42.39 28.71
CA LEU B 451 3.41 41.12 28.08
C LEU B 451 4.56 40.14 28.17
N GLU B 452 5.80 40.62 27.97
CA GLU B 452 6.94 39.73 28.04
C GLU B 452 7.08 39.09 29.41
N GLU B 453 7.02 39.90 30.47
CA GLU B 453 7.13 39.33 31.81
C GLU B 453 5.94 38.41 32.12
N LEU B 454 4.74 38.80 31.71
CA LEU B 454 3.58 37.94 31.90
C LEU B 454 3.84 36.55 31.32
N ILE B 455 4.25 36.50 30.05
CA ILE B 455 4.44 35.21 29.39
C ILE B 455 5.59 34.43 30.01
N ASN B 456 6.72 35.12 30.28
CA ASN B 456 7.87 34.42 30.82
C ASN B 456 7.60 33.86 32.20
N LYS B 457 6.87 34.59 33.04
CA LYS B 457 6.52 34.05 34.35
C LYS B 457 5.52 32.90 34.22
N GLN B 458 4.60 32.99 33.26
CA GLN B 458 3.68 31.88 33.06
C GLN B 458 4.39 30.65 32.52
N MET B 459 5.56 30.83 31.90
CA MET B 459 6.26 29.75 31.22
C MET B 459 7.35 29.12 32.08
N GLN B 460 7.48 29.50 33.34
CA GLN B 460 8.56 28.97 34.17
C GLN B 460 8.51 27.45 34.31
N PRO B 461 7.36 26.82 34.54
CA PRO B 461 7.37 25.36 34.79
C PRO B 461 7.87 24.53 33.62
N PHE B 462 7.87 25.07 32.41
CA PHE B 462 8.14 24.30 31.21
C PHE B 462 9.59 24.48 30.80
N PHE B 463 10.29 23.36 30.57
CA PHE B 463 11.71 23.43 30.23
C PHE B 463 11.95 23.17 28.75
N ARG B 464 11.09 22.41 28.09
CA ARG B 464 11.26 22.06 26.69
C ARG B 464 9.92 22.13 25.99
N GLY B 465 9.91 22.73 24.81
CA GLY B 465 8.70 22.80 24.02
C GLY B 465 8.73 24.00 23.09
N ILE B 466 7.55 24.32 22.57
CA ILE B 466 7.36 25.43 21.64
C ILE B 466 6.06 26.13 22.00
N LEU B 467 6.08 27.46 21.97
CA LEU B 467 4.91 28.29 22.24
C LEU B 467 4.61 29.05 20.96
N ILE B 468 3.45 28.80 20.36
CA ILE B 468 3.12 29.27 19.02
C ILE B 468 2.12 30.42 19.18
N PHE B 469 2.57 31.63 18.84
CA PHE B 469 1.77 32.82 19.04
C PHE B 469 0.91 33.15 17.83
N SER B 470 -0.13 33.93 18.05
CA SER B 470 -1.00 34.40 16.99
C SER B 470 -1.77 35.61 17.49
N ARG B 471 -2.18 36.47 16.54
CA ARG B 471 -3.05 37.57 16.88
C ARG B 471 -4.40 37.05 17.38
N SER B 472 -4.93 36.03 16.73
CA SER B 472 -6.15 35.37 17.20
C SER B 472 -6.19 33.97 16.62
N TRP B 473 -5.94 32.97 17.45
CA TRP B 473 -6.11 31.59 17.01
C TRP B 473 -7.55 31.32 16.60
N ALA B 474 -8.50 32.02 17.22
CA ALA B 474 -9.90 31.89 16.82
C ALA B 474 -10.09 32.33 15.38
N VAL B 475 -9.50 33.45 15.00
CA VAL B 475 -9.56 33.89 13.61
C VAL B 475 -8.84 32.89 12.72
N ASP B 476 -7.68 32.39 13.16
CA ASP B 476 -6.96 31.38 12.37
C ASP B 476 -7.80 30.15 12.12
N LEU B 477 -8.71 29.80 13.04
CA LEU B 477 -9.53 28.60 12.90
C LEU B 477 -10.93 28.92 12.37
N ASN B 478 -11.09 30.07 11.71
CA ASN B 478 -12.35 30.46 11.08
C ASN B 478 -13.44 30.71 12.12
N LEU B 479 -13.06 31.18 13.30
CA LEU B 479 -14.01 31.64 14.29
C LEU B 479 -14.05 33.17 14.31
N GLN B 480 -14.89 33.73 15.17
CA GLN B 480 -15.06 35.16 15.21
C GLN B 480 -13.96 35.83 16.01
N GLU B 481 -13.59 37.04 15.58
CA GLU B 481 -12.60 37.83 16.31
C GLU B 481 -13.23 38.49 17.53
N LYS B 482 -12.46 38.57 18.61
CA LYS B 482 -12.90 39.17 19.86
C LYS B 482 -12.05 40.40 20.18
N PRO B 483 -12.63 41.59 20.23
CA PRO B 483 -11.84 42.75 20.68
C PRO B 483 -11.39 42.58 22.12
N GLY B 484 -10.18 43.03 22.41
CA GLY B 484 -9.60 42.91 23.73
C GLY B 484 -8.59 41.79 23.88
N VAL B 485 -8.59 40.82 22.96
CA VAL B 485 -7.60 39.75 23.02
C VAL B 485 -6.30 40.25 22.41
N ILE B 486 -5.28 40.40 23.24
CA ILE B 486 -3.98 40.85 22.74
C ILE B 486 -3.37 39.81 21.82
N CYS B 487 -3.36 38.55 22.25
CA CYS B 487 -2.78 37.48 21.46
C CYS B 487 -3.23 36.14 22.02
N ASP B 488 -3.11 35.12 21.20
CA ASP B 488 -3.32 33.74 21.61
C ASP B 488 -2.02 32.97 21.41
N ALA B 489 -1.74 32.05 22.32
CA ALA B 489 -0.53 31.24 22.24
C ALA B 489 -0.89 29.79 22.51
N LEU B 490 -0.36 28.89 21.69
CA LEU B 490 -0.54 27.46 21.87
C LEU B 490 0.76 26.88 22.40
N LEU B 491 0.71 26.35 23.62
CA LEU B 491 1.87 25.73 24.24
C LEU B 491 1.87 24.24 23.95
N ILE B 492 2.99 23.73 23.46
CA ILE B 492 3.19 22.31 23.26
C ILE B 492 4.53 21.98 23.91
N ALA B 493 4.50 21.54 25.16
CA ALA B 493 5.69 21.34 25.96
C ALA B 493 5.70 19.93 26.53
N GLN B 494 6.89 19.47 26.88
CA GLN B 494 7.05 18.13 27.43
C GLN B 494 6.48 18.05 28.84
N ASN B 495 5.96 16.87 29.18
CA ASN B 495 5.40 16.59 30.50
C ASN B 495 4.22 17.51 30.82
N SER B 496 3.47 17.90 29.79
CA SER B 496 2.31 18.77 29.95
C SER B 496 1.30 18.45 28.86
N THR B 497 0.04 18.80 29.11
CA THR B 497 -0.94 18.76 28.06
C THR B 497 -0.83 20.04 27.23
N PRO B 498 -1.29 20.01 25.98
CA PRO B 498 -1.39 21.25 25.21
C PRO B 498 -2.26 22.27 25.95
N ILE B 499 -1.83 23.52 25.93
CA ILE B 499 -2.55 24.62 26.56
C ILE B 499 -2.68 25.74 25.54
N LEU B 500 -3.89 26.24 25.38
CA LEU B 500 -4.13 27.45 24.60
C LEU B 500 -4.28 28.61 25.57
N TYR B 501 -3.38 29.58 25.47
CA TYR B 501 -3.40 30.77 26.29
C TYR B 501 -4.08 31.90 25.53
N THR B 502 -5.01 32.58 26.19
CA THR B 502 -5.62 33.80 25.66
C THR B 502 -5.21 34.95 26.57
N ILE B 503 -4.53 35.94 26.00
CA ILE B 503 -4.05 37.09 26.77
C ILE B 503 -5.00 38.26 26.50
N LEU B 504 -5.66 38.71 27.55
CA LEU B 504 -6.54 39.88 27.47
C LEU B 504 -5.81 41.12 27.96
N ARG B 505 -6.16 42.27 27.38
CA ARG B 505 -5.67 43.53 27.91
C ARG B 505 -6.25 43.79 29.29
N GLU B 506 -7.53 43.50 29.48
CA GLU B 506 -8.22 43.72 30.74
C GLU B 506 -9.16 42.56 30.99
N GLN B 507 -9.42 42.29 32.27
CA GLN B 507 -10.27 41.17 32.64
C GLN B 507 -11.64 41.29 31.98
N ASP B 508 -12.13 40.16 31.44
CA ASP B 508 -13.40 40.14 30.75
C ASP B 508 -14.18 38.89 31.17
N ALA B 509 -15.50 38.97 31.05
CA ALA B 509 -16.35 37.82 31.39
C ALA B 509 -16.31 36.77 30.29
N GLU B 510 -16.36 37.21 29.02
CA GLU B 510 -16.44 36.31 27.90
C GLU B 510 -15.06 35.82 27.43
N GLY B 511 -13.98 36.25 28.07
CA GLY B 511 -12.66 35.79 27.69
C GLY B 511 -12.50 34.29 27.86
N GLN B 512 -13.00 33.76 28.98
CA GLN B 512 -12.91 32.32 29.22
C GLN B 512 -13.74 31.55 28.21
N ASP B 513 -14.93 32.04 27.86
CA ASP B 513 -15.72 31.38 26.84
C ASP B 513 -14.99 31.38 25.51
N TYR B 514 -14.39 32.50 25.15
CA TYR B 514 -13.64 32.59 23.90
C TYR B 514 -12.49 31.60 23.88
N CYS B 515 -11.72 31.54 24.97
CA CYS B 515 -10.59 30.62 25.05
C CYS B 515 -11.05 29.17 24.99
N THR B 516 -12.12 28.84 25.73
CA THR B 516 -12.61 27.47 25.73
C THR B 516 -13.10 27.06 24.36
N ARG B 517 -13.82 27.94 23.67
CA ARG B 517 -14.31 27.63 22.34
C ARG B 517 -13.14 27.43 21.37
N THR B 518 -12.13 28.29 21.45
CA THR B 518 -10.98 28.14 20.57
C THR B 518 -10.24 26.84 20.84
N ALA B 519 -10.07 26.48 22.12
CA ALA B 519 -9.38 25.24 22.45
C ALA B 519 -10.17 24.02 21.99
N PHE B 520 -11.49 24.06 22.17
CA PHE B 520 -12.33 22.95 21.70
C PHE B 520 -12.20 22.79 20.19
N THR B 521 -12.28 23.90 19.45
CA THR B 521 -12.14 23.84 18.00
C THR B 521 -10.77 23.30 17.62
N LEU B 522 -9.72 23.75 18.30
CA LEU B 522 -8.37 23.30 17.98
C LEU B 522 -8.21 21.80 18.21
N LYS B 523 -8.71 21.29 19.34
CA LYS B 523 -8.58 19.88 19.64
C LYS B 523 -9.38 19.04 18.64
N GLN B 524 -10.61 19.46 18.35
CA GLN B 524 -11.44 18.73 17.41
C GLN B 524 -10.81 18.72 16.03
N LYS B 525 -10.20 19.83 15.60
CA LYS B 525 -9.49 19.84 14.32
C LYS B 525 -8.27 18.94 14.35
N LEU B 526 -7.48 19.01 15.43
CA LEU B 526 -6.29 18.18 15.54
C LEU B 526 -6.64 16.71 15.38
N VAL B 527 -7.81 16.30 15.85
CA VAL B 527 -8.20 14.90 15.71
C VAL B 527 -8.83 14.64 14.35
N ASN B 528 -9.93 15.33 14.04
CA ASN B 528 -10.77 14.97 12.90
C ASN B 528 -10.25 15.49 11.57
N MET B 529 -9.27 16.35 11.57
CA MET B 529 -8.72 16.92 10.35
C MET B 529 -7.21 16.77 10.27
N GLY B 530 -6.51 16.87 11.40
CA GLY B 530 -5.09 16.59 11.44
C GLY B 530 -4.75 15.13 11.62
N GLY B 531 -5.74 14.30 11.91
CA GLY B 531 -5.51 12.87 12.01
C GLY B 531 -4.67 12.42 13.18
N TYR B 532 -4.75 13.11 14.33
CA TYR B 532 -3.99 12.71 15.49
C TYR B 532 -4.66 11.53 16.17
N THR B 533 -3.93 10.42 16.28
CA THR B 533 -4.49 9.18 16.79
C THR B 533 -4.16 8.93 18.26
N GLY B 534 -3.42 9.82 18.90
CA GLY B 534 -3.12 9.68 20.31
C GLY B 534 -4.19 10.31 21.18
N LYS B 535 -3.91 10.30 22.49
CA LYS B 535 -4.80 10.92 23.46
C LYS B 535 -4.47 12.40 23.56
N VAL B 536 -5.42 13.26 23.18
CA VAL B 536 -5.17 14.68 23.05
C VAL B 536 -6.24 15.45 23.81
N CYS B 537 -5.81 16.47 24.54
CA CYS B 537 -6.68 17.47 25.12
C CYS B 537 -5.96 18.81 25.08
N VAL B 538 -6.70 19.88 24.85
CA VAL B 538 -6.16 21.23 24.84
C VAL B 538 -6.79 21.98 25.99
N ARG B 539 -5.97 22.38 26.97
CA ARG B 539 -6.45 23.18 28.08
C ARG B 539 -6.57 24.63 27.66
N ALA B 540 -7.51 25.33 28.26
CA ALA B 540 -7.82 26.72 27.93
C ALA B 540 -7.59 27.58 29.17
N LYS B 541 -6.54 28.39 29.15
CA LYS B 541 -6.22 29.29 30.25
C LYS B 541 -6.25 30.72 29.73
N VAL B 542 -6.93 31.59 30.47
CA VAL B 542 -6.99 33.01 30.15
C VAL B 542 -6.02 33.77 31.02
N LEU B 543 -5.22 34.64 30.41
CA LEU B 543 -4.31 35.52 31.12
C LEU B 543 -4.73 36.96 30.92
N CYS B 544 -4.56 37.76 31.97
CA CYS B 544 -4.89 39.18 31.96
C CYS B 544 -3.61 39.99 32.05
N LEU B 545 -3.40 40.88 31.10
CA LEU B 545 -2.20 41.74 31.16
C LEU B 545 -2.30 42.72 32.31
N SER B 546 -3.47 43.34 32.50
CA SER B 546 -3.67 44.27 33.60
C SER B 546 -4.04 43.48 34.85
N PRO B 547 -3.27 43.58 35.95
CA PRO B 547 -3.64 42.82 37.15
C PRO B 547 -4.97 43.28 37.74
N VAL B 558 -16.31 27.31 35.66
CA VAL B 558 -16.25 25.87 35.89
C VAL B 558 -14.80 25.44 36.01
N SER B 559 -14.51 24.66 37.06
CA SER B 559 -13.14 24.26 37.33
C SER B 559 -12.59 23.39 36.19
N PRO B 560 -11.30 23.49 35.90
CA PRO B 560 -10.74 22.67 34.82
C PRO B 560 -10.69 21.20 35.20
N MET B 561 -10.89 20.35 34.20
CA MET B 561 -10.89 18.92 34.42
C MET B 561 -9.46 18.39 34.46
N ASP B 562 -9.21 17.43 35.34
CA ASP B 562 -7.90 16.82 35.49
C ASP B 562 -7.84 15.58 34.61
N TYR B 563 -6.94 15.60 33.63
CA TYR B 563 -6.84 14.49 32.69
C TYR B 563 -5.84 13.44 33.19
N PRO B 564 -5.96 12.21 32.73
CA PRO B 564 -4.96 11.19 33.07
C PRO B 564 -3.58 11.59 32.57
N ALA B 565 -2.56 10.95 33.16
CA ALA B 565 -1.19 11.28 32.81
C ALA B 565 -0.86 10.95 31.36
N SER B 566 -1.62 10.06 30.72
CA SER B 566 -1.35 9.69 29.35
C SER B 566 -1.67 10.81 28.36
N TYR B 567 -2.34 11.86 28.80
CA TYR B 567 -2.62 13.01 27.96
C TYR B 567 -1.52 14.05 27.98
N SER B 568 -0.53 13.89 28.87
CA SER B 568 0.63 14.77 28.87
C SER B 568 1.62 14.29 27.83
N LEU B 569 2.25 15.24 27.14
CA LEU B 569 3.21 14.92 26.09
C LEU B 569 4.48 14.39 26.73
N ALA B 570 4.69 13.08 26.64
CA ALA B 570 5.82 12.44 27.31
C ALA B 570 7.15 12.90 26.77
N GLY B 571 7.27 13.11 25.46
CA GLY B 571 8.53 13.58 24.91
C GLY B 571 8.45 13.82 23.42
N THR B 572 9.59 13.61 22.77
CA THR B 572 9.77 14.07 21.40
C THR B 572 8.77 13.42 20.45
N GLN B 573 8.52 12.12 20.61
CA GLN B 573 7.62 11.43 19.69
C GLN B 573 6.22 12.04 19.75
N HIS B 574 5.65 12.16 20.95
CA HIS B 574 4.31 12.71 21.07
C HIS B 574 4.25 14.16 20.60
N MET B 575 5.24 14.96 20.98
CA MET B 575 5.23 16.38 20.61
C MET B 575 5.33 16.54 19.11
N GLU B 576 6.19 15.74 18.45
CA GLU B 576 6.34 15.85 17.01
C GLU B 576 5.10 15.35 16.28
N ALA B 577 4.48 14.27 16.77
CA ALA B 577 3.25 13.80 16.13
C ALA B 577 2.15 14.84 16.25
N LEU B 578 2.00 15.45 17.43
CA LEU B 578 0.99 16.48 17.61
C LEU B 578 1.29 17.70 16.74
N LEU B 579 2.56 18.07 16.61
CA LEU B 579 2.89 19.21 15.77
C LEU B 579 2.70 18.91 14.29
N GLN B 580 2.88 17.67 13.87
CA GLN B 580 2.57 17.30 12.49
C GLN B 580 1.07 17.36 12.22
N SER B 581 0.26 16.90 13.17
CA SER B 581 -1.18 17.09 13.05
C SER B 581 -1.53 18.57 12.99
N LEU B 582 -0.85 19.39 13.79
CA LEU B 582 -1.08 20.83 13.75
C LEU B 582 -0.71 21.40 12.39
N VAL B 583 0.37 20.91 11.79
CA VAL B 583 0.74 21.34 10.44
C VAL B 583 -0.39 21.04 9.46
N ILE B 584 -0.93 19.83 9.54
CA ILE B 584 -2.03 19.47 8.63
C ILE B 584 -3.23 20.37 8.87
N VAL B 585 -3.55 20.64 10.14
CA VAL B 585 -4.69 21.50 10.46
C VAL B 585 -4.47 22.91 9.91
N LEU B 586 -3.27 23.45 10.11
CA LEU B 586 -3.00 24.82 9.70
C LEU B 586 -3.04 24.96 8.18
N LEU B 587 -2.56 23.94 7.46
CA LEU B 587 -2.57 24.03 6.00
C LEU B 587 -3.97 24.12 5.42
N GLY B 588 -5.00 23.80 6.20
CA GLY B 588 -6.37 23.91 5.74
C GLY B 588 -7.06 25.21 6.07
N PHE B 589 -6.33 26.20 6.58
CA PHE B 589 -6.90 27.48 6.98
C PHE B 589 -6.06 28.61 6.39
N ARG B 590 -6.50 29.84 6.64
CA ARG B 590 -5.78 31.05 6.23
C ARG B 590 -5.20 31.68 7.49
N SER B 591 -3.88 31.84 7.52
CA SER B 591 -3.20 32.46 8.64
C SER B 591 -1.74 32.61 8.27
N LEU B 592 -0.99 33.31 9.14
CA LEU B 592 0.43 33.52 8.89
C LEU B 592 1.16 32.19 8.83
N LEU B 593 0.91 31.31 9.79
CA LEU B 593 1.56 30.01 9.79
C LEU B 593 1.10 29.15 8.63
N SER B 594 -0.17 29.25 8.25
CA SER B 594 -0.65 28.53 7.08
C SER B 594 0.07 28.99 5.82
N ASP B 595 0.29 30.29 5.68
CA ASP B 595 1.00 30.81 4.52
C ASP B 595 2.46 30.38 4.51
N GLN B 596 3.11 30.38 5.68
CA GLN B 596 4.48 29.91 5.74
C GLN B 596 4.57 28.43 5.39
N LEU B 597 3.62 27.63 5.87
CA LEU B 597 3.58 26.22 5.50
C LEU B 597 3.33 26.05 4.01
N GLY B 598 2.48 26.88 3.43
CA GLY B 598 2.25 26.79 2.00
C GLY B 598 3.49 27.14 1.19
N CYS B 599 4.24 28.15 1.64
CA CYS B 599 5.51 28.47 0.99
C CYS B 599 6.46 27.28 1.06
N GLU B 600 6.55 26.63 2.22
CA GLU B 600 7.43 25.47 2.32
C GLU B 600 6.94 24.30 1.46
N VAL B 601 5.62 24.13 1.33
CA VAL B 601 5.09 23.09 0.46
C VAL B 601 5.46 23.36 -1.00
N LEU B 602 5.34 24.63 -1.41
CA LEU B 602 5.77 25.01 -2.76
C LEU B 602 7.25 24.71 -2.95
N ASN B 603 8.07 25.02 -1.95
CA ASN B 603 9.50 24.73 -2.04
C ASN B 603 9.76 23.23 -2.17
N LEU B 604 9.02 22.42 -1.41
CA LEU B 604 9.21 20.97 -1.48
C LEU B 604 8.80 20.41 -2.83
N LEU B 605 7.70 20.91 -3.39
CA LEU B 605 7.31 20.50 -4.73
C LEU B 605 8.37 20.89 -5.75
N THR B 606 8.90 22.10 -5.63
CA THR B 606 9.97 22.53 -6.53
C THR B 606 11.19 21.63 -6.38
N ALA B 607 11.50 21.22 -5.16
CA ALA B 607 12.65 20.34 -4.94
C ALA B 607 12.42 18.96 -5.56
N GLN B 608 11.20 18.44 -5.48
CA GLN B 608 10.91 17.18 -6.15
C GLN B 608 11.10 17.30 -7.65
N GLN B 609 10.54 18.36 -8.24
CA GLN B 609 10.70 18.54 -9.67
C GLN B 609 12.15 18.75 -10.06
N TYR B 610 12.94 19.41 -9.20
CA TYR B 610 14.36 19.59 -9.50
C TYR B 610 15.12 18.27 -9.41
N GLU B 611 14.78 17.41 -8.44
CA GLU B 611 15.39 16.09 -8.42
C GLU B 611 15.08 15.31 -9.69
N ILE B 612 13.85 15.41 -10.20
CA ILE B 612 13.55 14.78 -11.48
C ILE B 612 14.36 15.42 -12.60
N PHE B 613 14.53 16.74 -12.53
CA PHE B 613 15.12 17.49 -13.64
C PHE B 613 16.63 17.33 -13.72
N SER B 614 17.31 17.24 -12.58
CA SER B 614 18.76 17.32 -12.53
C SER B 614 19.45 16.07 -13.09
N ARG B 615 18.70 15.01 -13.36
CA ARG B 615 19.29 13.84 -13.99
C ARG B 615 19.77 14.13 -15.41
N SER B 616 19.36 15.27 -15.98
CA SER B 616 19.80 15.64 -17.31
C SER B 616 21.22 16.17 -17.34
N LEU B 617 21.82 16.45 -16.17
CA LEU B 617 23.16 17.00 -16.15
C LEU B 617 24.19 16.03 -16.71
N ARG B 618 24.09 14.76 -16.31
CA ARG B 618 25.01 13.75 -16.84
C ARG B 618 24.80 13.52 -18.32
N LYS B 619 23.56 13.63 -18.79
CA LYS B 619 23.20 13.24 -20.14
C LYS B 619 23.36 14.35 -21.18
N ASN B 620 23.61 15.58 -20.76
CA ASN B 620 23.64 16.70 -21.69
C ASN B 620 24.82 17.60 -21.40
N ARG B 621 25.34 18.20 -22.48
CA ARG B 621 26.27 19.33 -22.38
C ARG B 621 25.56 20.60 -22.82
N GLU B 622 24.99 20.60 -24.03
CA GLU B 622 24.06 21.66 -24.43
C GLU B 622 22.63 21.22 -24.13
N LEU B 623 21.86 22.09 -23.50
CA LEU B 623 20.48 21.78 -23.19
C LEU B 623 19.65 23.06 -23.25
N PHE B 624 18.56 23.01 -23.99
CA PHE B 624 17.57 24.08 -24.03
C PHE B 624 16.42 23.70 -23.13
N VAL B 625 16.22 24.44 -22.05
CA VAL B 625 15.18 24.16 -21.07
C VAL B 625 14.01 25.08 -21.39
N HIS B 626 12.86 24.49 -21.70
CA HIS B 626 11.64 25.24 -22.01
C HIS B 626 10.69 25.10 -20.84
N GLY B 627 10.59 26.15 -20.02
CA GLY B 627 9.69 26.13 -18.88
C GLY B 627 8.42 26.92 -19.16
N LEU B 628 7.33 26.44 -18.57
CA LEU B 628 6.09 27.19 -18.55
C LEU B 628 6.10 28.18 -17.39
N PRO B 629 5.22 29.18 -17.42
CA PRO B 629 5.14 30.11 -16.30
C PRO B 629 4.86 29.39 -14.99
N GLY B 630 5.55 29.81 -13.93
CA GLY B 630 5.38 29.21 -12.62
C GLY B 630 5.97 27.83 -12.47
N SER B 631 6.89 27.43 -13.35
CA SER B 631 7.46 26.09 -13.33
C SER B 631 8.79 26.02 -12.59
N GLY B 632 9.25 27.11 -12.00
CA GLY B 632 10.47 27.09 -11.20
C GLY B 632 11.75 27.20 -11.99
N LYS B 633 11.72 27.81 -13.18
CA LYS B 633 12.87 27.85 -14.07
C LYS B 633 14.13 28.39 -13.39
N THR B 634 14.01 29.55 -12.74
CA THR B 634 15.17 30.17 -12.10
C THR B 634 15.68 29.36 -10.92
N ILE B 635 14.77 28.75 -10.15
CA ILE B 635 15.19 27.88 -9.06
C ILE B 635 15.96 26.69 -9.61
N MET B 636 15.47 26.09 -10.70
CA MET B 636 16.19 24.99 -11.33
C MET B 636 17.57 25.44 -11.77
N ALA B 637 17.67 26.64 -12.35
CA ALA B 637 18.97 27.14 -12.80
C ALA B 637 19.93 27.28 -11.64
N MET B 638 19.47 27.87 -10.54
CA MET B 638 20.33 28.05 -9.37
C MET B 638 20.80 26.70 -8.83
N LYS B 639 19.87 25.76 -8.63
CA LYS B 639 20.25 24.46 -8.12
C LYS B 639 21.15 23.70 -9.08
N ILE B 640 20.97 23.88 -10.39
CA ILE B 640 21.81 23.19 -11.35
C ILE B 640 23.23 23.76 -11.32
N MET B 641 23.36 25.07 -11.10
CA MET B 641 24.70 25.63 -10.92
C MET B 641 25.36 25.06 -9.67
N GLU B 642 24.60 24.99 -8.58
CA GLU B 642 25.13 24.39 -7.35
C GLU B 642 25.60 22.97 -7.61
N LYS B 643 24.85 22.20 -8.40
CA LYS B 643 25.23 20.83 -8.70
C LYS B 643 26.39 20.76 -9.69
N ILE B 644 26.49 21.72 -10.62
CA ILE B 644 27.62 21.75 -11.54
C ILE B 644 28.91 21.92 -10.75
N ARG B 645 28.92 22.86 -9.81
CA ARG B 645 30.12 23.03 -9.01
C ARG B 645 30.50 21.74 -8.28
N ASN B 646 29.54 21.10 -7.62
CA ASN B 646 29.79 19.87 -6.88
C ASN B 646 30.22 18.69 -7.76
N VAL B 647 29.68 18.59 -8.97
CA VAL B 647 29.94 17.44 -9.82
C VAL B 647 31.23 17.59 -10.61
N PHE B 648 31.47 18.76 -11.20
CA PHE B 648 32.69 19.00 -11.94
C PHE B 648 33.84 19.46 -11.05
N HIS B 649 33.60 19.64 -9.75
CA HIS B 649 34.63 20.05 -8.80
C HIS B 649 35.31 21.35 -9.19
N CYS B 650 34.69 22.14 -10.06
CA CYS B 650 35.25 23.42 -10.47
C CYS B 650 34.82 24.52 -9.52
N GLU B 651 35.67 25.54 -9.38
CA GLU B 651 35.37 26.63 -8.47
C GLU B 651 34.15 27.41 -8.96
N ALA B 652 33.42 28.00 -8.02
CA ALA B 652 32.15 28.63 -8.35
C ALA B 652 32.31 29.72 -9.39
N HIS B 653 33.41 30.47 -9.37
CA HIS B 653 33.59 31.54 -10.34
C HIS B 653 33.81 31.01 -11.75
N ARG B 654 34.08 29.71 -11.92
CA ARG B 654 34.16 29.13 -13.24
C ARG B 654 32.81 29.04 -13.93
N ILE B 655 31.71 29.06 -13.17
CA ILE B 655 30.36 28.97 -13.71
C ILE B 655 29.84 30.38 -13.91
N LEU B 656 29.27 30.64 -15.08
CA LEU B 656 28.76 31.96 -15.44
C LEU B 656 27.25 31.89 -15.61
N TYR B 657 26.57 32.90 -15.06
CA TYR B 657 25.14 33.07 -15.25
C TYR B 657 24.87 34.35 -16.02
N VAL B 658 24.08 34.26 -17.08
CA VAL B 658 23.76 35.40 -17.94
C VAL B 658 22.25 35.56 -17.99
N CYS B 659 21.77 36.77 -17.71
CA CYS B 659 20.36 37.10 -17.79
C CYS B 659 20.22 38.46 -18.45
N GLU B 660 18.98 38.87 -18.69
CA GLU B 660 18.71 40.12 -19.37
C GLU B 660 18.52 41.30 -18.42
N ASN B 661 18.07 41.06 -17.19
CA ASN B 661 17.62 42.12 -16.30
C ASN B 661 18.54 42.28 -15.09
N GLN B 662 18.82 43.54 -14.76
CA GLN B 662 19.70 43.84 -13.64
C GLN B 662 19.18 43.34 -12.30
N PRO B 663 17.88 43.47 -11.96
CA PRO B 663 17.44 42.94 -10.66
C PRO B 663 17.64 41.44 -10.52
N LEU B 664 17.32 40.66 -11.56
CA LEU B 664 17.59 39.22 -11.51
C LEU B 664 19.09 38.99 -11.46
N ARG B 665 19.88 39.76 -12.19
CA ARG B 665 21.32 39.63 -12.06
C ARG B 665 21.73 39.76 -10.65
N ASN B 666 21.33 40.86 -10.01
CA ASN B 666 21.72 41.10 -8.62
C ASN B 666 21.26 39.98 -7.69
N PHE B 667 20.02 39.52 -7.86
CA PHE B 667 19.49 38.48 -6.99
C PHE B 667 20.32 37.21 -7.09
N ILE B 668 20.69 36.83 -8.31
CA ILE B 668 21.51 35.63 -8.48
C ILE B 668 22.92 35.86 -7.97
N SER B 669 23.48 37.06 -8.21
CA SER B 669 24.84 37.34 -7.81
C SER B 669 24.99 37.29 -6.30
N ASP B 670 24.00 37.78 -5.56
CA ASP B 670 24.07 37.75 -4.11
C ASP B 670 24.08 36.34 -3.53
N ARG B 671 23.72 35.32 -4.33
CA ARG B 671 23.75 33.95 -3.84
C ARG B 671 25.15 33.39 -3.73
N ASN B 672 26.12 33.98 -4.44
CA ASN B 672 27.52 33.53 -4.42
C ASN B 672 27.67 32.10 -4.94
N ILE B 673 26.72 31.64 -5.75
CA ILE B 673 26.82 30.31 -6.36
C ILE B 673 27.52 30.33 -7.70
N CYS B 674 27.86 31.50 -8.23
CA CYS B 674 28.44 31.61 -9.56
C CYS B 674 28.83 33.06 -9.80
N ARG B 675 29.43 33.29 -10.97
CA ARG B 675 29.51 34.64 -11.51
C ARG B 675 28.27 34.92 -12.34
N ALA B 676 27.59 36.02 -12.05
CA ALA B 676 26.39 36.40 -12.75
C ALA B 676 26.61 37.73 -13.44
N GLU B 677 26.08 37.87 -14.66
CA GLU B 677 26.26 39.08 -15.44
C GLU B 677 25.05 39.28 -16.34
N THR B 678 24.89 40.50 -16.82
CA THR B 678 23.85 40.82 -17.79
C THR B 678 24.35 40.53 -19.21
N ARG B 679 23.41 40.46 -20.15
CA ARG B 679 23.79 40.17 -21.53
C ARG B 679 24.84 41.15 -22.03
N LYS B 680 24.59 42.46 -21.88
CA LYS B 680 25.49 43.45 -22.42
C LYS B 680 26.88 43.33 -21.81
N THR B 681 26.96 43.12 -20.50
CA THR B 681 28.25 42.90 -19.86
C THR B 681 28.92 41.65 -20.42
N PHE B 682 28.13 40.60 -20.68
CA PHE B 682 28.68 39.37 -21.24
C PHE B 682 29.30 39.61 -22.60
N LEU B 683 28.61 40.35 -23.47
CA LEU B 683 29.19 40.68 -24.77
C LEU B 683 30.45 41.54 -24.62
N ARG B 684 30.42 42.51 -23.71
CA ARG B 684 31.52 43.45 -23.62
C ARG B 684 32.79 42.80 -23.07
N GLU B 685 32.66 42.04 -21.99
CA GLU B 685 33.82 41.62 -21.21
C GLU B 685 34.40 40.31 -21.77
N ASN B 686 35.45 39.84 -21.09
CA ASN B 686 36.17 38.63 -21.47
C ASN B 686 35.93 37.54 -20.43
N PHE B 687 35.81 36.30 -20.90
CA PHE B 687 35.42 35.20 -20.01
C PHE B 687 36.20 33.91 -20.27
N GLU B 688 37.47 34.00 -20.66
CA GLU B 688 38.25 32.80 -20.95
C GLU B 688 38.36 31.88 -19.73
N HIS B 689 38.27 32.44 -18.52
CA HIS B 689 38.35 31.60 -17.33
C HIS B 689 37.05 30.84 -17.05
N ILE B 690 35.99 31.14 -17.80
CA ILE B 690 34.70 30.49 -17.56
C ILE B 690 34.66 29.14 -18.24
N GLN B 691 34.25 28.11 -17.50
CA GLN B 691 34.04 26.79 -18.06
C GLN B 691 32.59 26.56 -18.49
N HIS B 692 31.64 26.83 -17.59
CA HIS B 692 30.23 26.53 -17.80
C HIS B 692 29.43 27.82 -17.84
N ILE B 693 28.40 27.85 -18.67
CA ILE B 693 27.52 29.01 -18.81
C ILE B 693 26.08 28.56 -18.67
N VAL B 694 25.34 29.23 -17.80
CA VAL B 694 23.90 29.05 -17.67
C VAL B 694 23.22 30.35 -18.08
N ILE B 695 22.28 30.27 -19.00
CA ILE B 695 21.57 31.43 -19.52
C ILE B 695 20.09 31.27 -19.17
N ASP B 696 19.52 32.30 -18.57
CA ASP B 696 18.14 32.28 -18.13
C ASP B 696 17.37 33.39 -18.82
N GLU B 697 16.05 33.22 -18.91
CA GLU B 697 15.18 34.15 -19.62
C GLU B 697 15.79 34.54 -20.95
N ALA B 698 16.21 33.54 -21.72
CA ALA B 698 16.86 33.78 -23.00
C ALA B 698 15.92 34.41 -24.03
N GLN B 699 14.61 34.19 -23.89
CA GLN B 699 13.68 34.78 -24.85
C GLN B 699 13.64 36.29 -24.74
N ASN B 700 14.18 36.87 -23.67
CA ASN B 700 14.24 38.32 -23.51
C ASN B 700 15.54 38.93 -24.01
N PHE B 701 16.49 38.11 -24.47
CA PHE B 701 17.75 38.64 -24.96
C PHE B 701 17.53 39.39 -26.28
N ARG B 702 18.55 40.15 -26.68
CA ARG B 702 18.46 40.95 -27.89
C ARG B 702 19.74 40.79 -28.70
N THR B 703 19.61 40.99 -30.01
CA THR B 703 20.71 40.74 -30.94
C THR B 703 21.60 41.96 -31.15
N GLU B 704 21.23 43.13 -30.62
CA GLU B 704 21.92 44.36 -30.98
C GLU B 704 23.39 44.32 -30.60
N ASP B 705 23.69 43.89 -29.37
CA ASP B 705 25.06 43.95 -28.87
C ASP B 705 25.97 42.87 -29.44
N GLY B 706 25.43 41.90 -30.17
CA GLY B 706 26.26 40.88 -30.78
C GLY B 706 25.66 39.49 -30.68
N ASP B 707 26.40 38.49 -31.17
CA ASP B 707 25.96 37.10 -31.15
C ASP B 707 26.31 36.49 -29.81
N TRP B 708 25.42 36.70 -28.83
CA TRP B 708 25.65 36.18 -27.49
C TRP B 708 25.64 34.65 -27.50
N TYR B 709 24.75 34.05 -28.29
CA TYR B 709 24.71 32.59 -28.37
C TYR B 709 26.02 32.04 -28.95
N GLY B 710 26.52 32.66 -30.01
CA GLY B 710 27.80 32.23 -30.57
C GLY B 710 28.94 32.41 -29.60
N LYS B 711 28.94 33.53 -28.88
CA LYS B 711 29.97 33.75 -27.87
C LYS B 711 29.92 32.68 -26.79
N ALA B 712 28.72 32.33 -26.33
CA ALA B 712 28.60 31.30 -25.30
C ALA B 712 29.07 29.95 -25.82
N LYS B 713 28.70 29.61 -27.06
CA LYS B 713 29.21 28.39 -27.68
C LYS B 713 30.74 28.38 -27.67
N SER B 714 31.34 29.47 -28.13
CA SER B 714 32.79 29.56 -28.23
C SER B 714 33.44 29.41 -26.86
N ILE B 715 32.88 30.08 -25.85
CA ILE B 715 33.48 30.04 -24.52
C ILE B 715 33.39 28.63 -23.96
N THR B 716 32.23 27.98 -24.10
CA THR B 716 32.03 26.69 -23.46
C THR B 716 32.76 25.56 -24.18
N ARG B 717 32.88 25.64 -25.51
CA ARG B 717 33.42 24.51 -26.25
C ARG B 717 34.84 24.15 -25.81
N ARG B 718 35.60 25.15 -25.34
CA ARG B 718 37.02 24.95 -25.05
C ARG B 718 37.28 24.73 -23.56
N ALA B 719 36.42 24.00 -22.86
CA ALA B 719 36.63 23.71 -21.46
C ALA B 719 37.52 22.48 -21.30
N LYS B 720 38.03 22.30 -20.08
CA LYS B 720 38.91 21.17 -19.78
C LYS B 720 38.16 19.84 -19.81
N GLY B 721 36.93 19.80 -19.32
CA GLY B 721 36.13 18.59 -19.38
C GLY B 721 35.43 18.46 -20.71
N GLY B 722 36.20 18.50 -21.80
CA GLY B 722 35.62 18.53 -23.12
C GLY B 722 34.82 19.80 -23.31
N PRO B 723 33.77 19.76 -24.13
CA PRO B 723 32.88 20.92 -24.21
C PRO B 723 32.15 21.13 -22.90
N GLY B 724 32.19 22.36 -22.42
CA GLY B 724 31.59 22.68 -21.13
C GLY B 724 30.08 22.73 -21.20
N ILE B 725 29.47 22.86 -20.02
CA ILE B 725 28.02 22.95 -19.93
C ILE B 725 27.55 24.27 -20.53
N LEU B 726 26.51 24.20 -21.35
CA LEU B 726 25.82 25.39 -21.87
C LEU B 726 24.33 25.10 -21.82
N TRP B 727 23.69 25.47 -20.71
CA TRP B 727 22.26 25.28 -20.54
C TRP B 727 21.56 26.63 -20.66
N ILE B 728 20.52 26.68 -21.48
CA ILE B 728 19.81 27.91 -21.80
C ILE B 728 18.37 27.72 -21.37
N PHE B 729 18.00 28.35 -20.26
CA PHE B 729 16.62 28.34 -19.80
C PHE B 729 15.84 29.45 -20.49
N LEU B 730 14.59 29.19 -20.81
CA LEU B 730 13.76 30.19 -21.47
C LEU B 730 12.30 29.81 -21.33
N ASP B 731 11.44 30.83 -21.45
CA ASP B 731 9.98 30.61 -21.43
C ASP B 731 9.39 31.55 -22.48
N TYR B 732 8.77 30.96 -23.50
CA TYR B 732 8.23 31.77 -24.59
C TYR B 732 6.93 32.46 -24.21
N PHE B 733 6.15 31.89 -23.28
CA PHE B 733 4.97 32.60 -22.80
C PHE B 733 5.33 33.91 -22.12
N GLN B 734 6.56 34.05 -21.63
CA GLN B 734 7.01 35.24 -20.92
C GLN B 734 7.93 36.11 -21.77
N THR B 735 7.65 36.23 -23.05
CA THR B 735 8.44 37.11 -23.91
C THR B 735 8.15 38.57 -23.55
N SER B 736 9.15 39.43 -23.77
CA SER B 736 9.05 40.84 -23.39
C SER B 736 9.14 41.80 -24.57
N HIS B 737 9.41 41.30 -25.78
CA HIS B 737 9.53 42.17 -26.94
C HIS B 737 9.16 41.39 -28.20
N LEU B 738 8.91 42.13 -29.27
CA LEU B 738 8.58 41.56 -30.57
C LEU B 738 9.79 41.41 -31.48
N ASP B 739 10.98 41.69 -30.96
CA ASP B 739 12.19 41.69 -31.77
C ASP B 739 12.89 40.34 -31.63
N CYS B 740 13.83 40.07 -32.54
CA CYS B 740 14.55 38.80 -32.53
C CYS B 740 15.33 38.65 -31.23
N SER B 741 15.34 37.42 -30.68
CA SER B 741 16.01 37.18 -29.41
C SER B 741 17.46 36.76 -29.59
N GLY B 742 17.83 36.25 -30.76
CA GLY B 742 19.16 35.73 -30.98
C GLY B 742 19.33 34.27 -30.69
N LEU B 743 18.29 33.58 -30.24
CA LEU B 743 18.37 32.14 -30.02
C LEU B 743 18.42 31.42 -31.36
N PRO B 744 18.91 30.18 -31.38
CA PRO B 744 18.85 29.39 -32.60
C PRO B 744 17.43 28.99 -32.92
N PRO B 745 17.14 28.62 -34.16
CA PRO B 745 15.76 28.24 -34.51
C PRO B 745 15.22 27.18 -33.57
N LEU B 746 13.89 27.06 -33.54
CA LEU B 746 13.25 26.07 -32.68
C LEU B 746 13.70 24.66 -33.06
N SER B 747 13.82 24.39 -34.36
CA SER B 747 14.33 23.10 -34.80
C SER B 747 15.76 22.86 -34.35
N ASP B 748 16.58 23.91 -34.28
CA ASP B 748 17.95 23.79 -33.81
C ASP B 748 18.06 23.75 -32.29
N GLN B 749 16.99 24.06 -31.58
CA GLN B 749 17.01 24.06 -30.12
C GLN B 749 16.86 22.64 -29.57
N TYR B 750 17.88 21.81 -29.73
CA TYR B 750 17.89 20.46 -29.21
C TYR B 750 19.27 20.17 -28.63
N PRO B 751 19.35 19.30 -27.62
CA PRO B 751 18.27 18.58 -26.93
C PRO B 751 17.43 19.50 -26.06
N ARG B 752 16.21 19.11 -25.69
CA ARG B 752 15.31 19.94 -24.91
C ARG B 752 14.90 19.25 -23.62
N GLU B 753 14.68 20.06 -22.60
CA GLU B 753 13.99 19.67 -21.38
C GLU B 753 12.84 20.63 -21.18
N GLU B 754 11.67 20.10 -20.83
CA GLU B 754 10.46 20.89 -20.67
C GLU B 754 9.99 20.79 -19.24
N LEU B 755 9.86 21.95 -18.58
CA LEU B 755 9.30 22.04 -17.24
C LEU B 755 7.85 22.45 -17.39
N THR B 756 6.94 21.49 -17.20
CA THR B 756 5.51 21.71 -17.39
C THR B 756 4.71 21.71 -16.10
N ARG B 757 5.27 21.38 -14.96
CA ARG B 757 4.50 21.36 -13.76
C ARG B 757 4.71 22.63 -13.01
N ILE B 758 3.64 23.30 -12.66
CA ILE B 758 3.67 24.57 -11.92
C ILE B 758 3.91 24.27 -10.45
N VAL B 759 4.98 24.85 -9.90
CA VAL B 759 5.41 24.49 -8.55
C VAL B 759 5.68 25.74 -7.71
N ARG B 760 5.55 26.92 -8.30
CA ARG B 760 5.95 28.15 -7.65
C ARG B 760 4.78 29.03 -7.24
N ASN B 761 3.55 28.64 -7.54
CA ASN B 761 2.38 29.45 -7.22
C ASN B 761 1.30 28.59 -6.58
N ALA B 762 0.47 29.22 -5.77
CA ALA B 762 -0.65 28.53 -5.15
C ALA B 762 -1.72 28.22 -6.20
N ASP B 763 -2.68 27.39 -5.80
CA ASP B 763 -3.65 26.85 -6.75
C ASP B 763 -4.42 27.90 -7.54
N PRO B 764 -4.99 28.94 -6.92
CA PRO B 764 -5.68 29.95 -7.72
C PRO B 764 -4.78 30.64 -8.73
N ILE B 765 -3.55 30.97 -8.33
CA ILE B 765 -2.62 31.63 -9.25
C ILE B 765 -2.27 30.69 -10.39
N ALA B 766 -2.07 29.41 -10.09
CA ALA B 766 -1.73 28.44 -11.13
C ALA B 766 -2.88 28.28 -12.11
N LYS B 767 -4.12 28.21 -11.62
CA LYS B 767 -5.26 28.10 -12.50
C LYS B 767 -5.41 29.34 -13.37
N TYR B 768 -5.17 30.52 -12.80
CA TYR B 768 -5.19 31.74 -13.59
C TYR B 768 -4.11 31.73 -14.66
N LEU B 769 -2.90 31.27 -14.32
CA LEU B 769 -1.83 31.19 -15.31
C LEU B 769 -2.21 30.24 -16.44
N GLN B 770 -2.80 29.10 -16.08
CA GLN B 770 -3.24 28.15 -17.11
C GLN B 770 -4.28 28.78 -18.01
N LYS B 771 -5.24 29.51 -17.43
CA LYS B 771 -6.27 30.14 -18.25
C LYS B 771 -5.67 31.17 -19.21
N GLU B 772 -4.72 31.98 -18.73
CA GLU B 772 -4.13 33.01 -19.59
C GLU B 772 -3.19 32.41 -20.63
N MET B 773 -2.61 31.24 -20.36
CA MET B 773 -1.72 30.65 -21.36
C MET B 773 -2.50 30.27 -22.60
N GLN B 774 -3.76 29.87 -22.44
CA GLN B 774 -4.62 29.63 -23.60
C GLN B 774 -4.87 30.90 -24.40
N VAL B 775 -5.07 32.03 -23.70
CA VAL B 775 -5.23 33.30 -24.40
C VAL B 775 -3.97 33.60 -25.21
N ILE B 776 -2.80 33.34 -24.65
CA ILE B 776 -1.57 33.52 -25.42
C ILE B 776 -1.56 32.59 -26.63
N ARG B 777 -1.87 31.31 -26.42
CA ARG B 777 -1.84 30.36 -27.52
C ARG B 777 -2.77 30.78 -28.65
N SER B 778 -3.87 31.45 -28.33
CA SER B 778 -4.83 31.85 -29.35
C SER B 778 -4.19 32.76 -30.40
N ASN B 779 -3.35 33.71 -29.97
CA ASN B 779 -2.75 34.66 -30.90
C ASN B 779 -1.31 34.96 -30.48
N PRO B 780 -0.36 34.09 -30.83
CA PRO B 780 1.04 34.34 -30.45
C PRO B 780 1.67 35.47 -31.25
N SER B 781 2.71 36.07 -30.68
CA SER B 781 3.44 37.12 -31.36
C SER B 781 4.13 36.57 -32.60
N PHE B 782 4.34 37.45 -33.59
CA PHE B 782 4.94 37.00 -34.85
C PHE B 782 6.39 36.59 -34.70
N ASN B 783 7.15 37.24 -33.80
CA ASN B 783 8.55 36.89 -33.61
C ASN B 783 8.70 35.55 -32.89
N ILE B 784 7.68 35.10 -32.19
CA ILE B 784 7.75 33.83 -31.46
C ILE B 784 7.75 32.68 -32.46
N PRO B 785 8.49 31.59 -32.23
CA PRO B 785 8.46 30.46 -33.17
C PRO B 785 7.06 29.88 -33.29
N THR B 786 6.80 29.27 -34.45
CA THR B 786 5.44 28.85 -34.78
C THR B 786 4.91 27.80 -33.80
N GLY B 787 5.73 26.81 -33.47
CA GLY B 787 5.25 25.67 -32.71
C GLY B 787 5.67 25.62 -31.25
N CYS B 788 6.40 26.65 -30.79
CA CYS B 788 6.97 26.58 -29.44
C CYS B 788 5.90 26.56 -28.37
N LEU B 789 4.85 27.36 -28.52
CA LEU B 789 3.82 27.47 -27.48
C LEU B 789 2.91 26.26 -27.40
N GLU B 790 3.19 25.18 -28.13
CA GLU B 790 2.37 23.98 -28.07
C GLU B 790 2.65 23.14 -26.83
N VAL B 791 3.49 23.63 -25.92
CA VAL B 791 3.69 22.95 -24.63
C VAL B 791 2.47 23.21 -23.76
N PHE B 792 2.15 22.25 -22.90
CA PHE B 792 0.96 22.34 -22.07
C PHE B 792 1.27 22.00 -20.61
N PRO B 793 0.53 22.58 -19.67
CA PRO B 793 0.72 22.20 -18.27
C PRO B 793 0.37 20.74 -18.05
N GLU B 794 0.98 20.14 -17.03
CA GLU B 794 0.61 18.79 -16.64
C GLU B 794 -0.88 18.74 -16.35
N ALA B 795 -1.56 17.72 -16.89
CA ALA B 795 -3.01 17.69 -16.84
C ALA B 795 -3.52 17.64 -15.39
N GLU B 796 -3.20 16.58 -14.66
CA GLU B 796 -3.76 16.34 -13.35
C GLU B 796 -2.91 16.95 -12.23
N TRP B 797 -2.01 17.87 -12.55
CA TRP B 797 -1.12 18.43 -11.54
C TRP B 797 -1.79 19.56 -10.78
N SER B 798 -1.72 19.48 -9.45
CA SER B 798 -2.13 20.57 -8.59
C SER B 798 -1.11 20.70 -7.48
N GLN B 799 -0.90 21.93 -7.01
CA GLN B 799 0.03 22.16 -5.92
C GLN B 799 -0.56 21.78 -4.58
N GLY B 800 -1.88 21.88 -4.43
CA GLY B 800 -2.49 21.66 -3.14
C GLY B 800 -2.22 22.77 -2.15
N VAL B 801 -1.91 23.97 -2.62
CA VAL B 801 -1.56 25.10 -1.77
C VAL B 801 -2.65 26.15 -1.93
N GLN B 802 -3.21 26.61 -0.82
CA GLN B 802 -4.22 27.65 -0.86
C GLN B 802 -3.60 29.01 -1.17
N GLY B 803 -4.29 29.79 -1.99
CA GLY B 803 -3.83 31.12 -2.32
C GLY B 803 -4.99 32.06 -2.54
N THR B 804 -4.70 33.30 -2.93
CA THR B 804 -5.71 34.33 -3.13
C THR B 804 -5.49 35.00 -4.47
N LEU B 805 -6.55 35.12 -5.26
CA LEU B 805 -6.54 35.89 -6.49
C LEU B 805 -7.74 36.85 -6.45
N ARG B 806 -7.45 38.14 -6.42
CA ARG B 806 -8.47 39.17 -6.39
C ARG B 806 -8.24 40.15 -7.52
N ILE B 807 -9.23 40.29 -8.40
CA ILE B 807 -9.20 41.25 -9.49
C ILE B 807 -10.23 42.33 -9.16
N LYS B 808 -9.73 43.54 -8.89
CA LYS B 808 -10.57 44.67 -8.51
C LYS B 808 -10.50 45.72 -9.62
N LYS B 809 -11.63 45.95 -10.27
CA LYS B 809 -11.71 46.83 -11.43
C LYS B 809 -12.72 47.95 -11.15
N TYR B 810 -12.83 48.87 -12.10
CA TYR B 810 -13.67 50.05 -11.95
C TYR B 810 -13.26 50.86 -10.72
N LEU B 811 -11.96 51.10 -10.58
CA LEU B 811 -11.42 51.87 -9.46
C LEU B 811 -10.44 52.90 -9.98
N THR B 812 -10.43 54.07 -9.33
CA THR B 812 -9.48 55.12 -9.67
C THR B 812 -8.14 54.86 -8.99
N VAL B 813 -7.14 55.64 -9.38
CA VAL B 813 -5.77 55.38 -8.95
C VAL B 813 -5.63 55.53 -7.44
N GLU B 814 -6.24 56.57 -6.87
CA GLU B 814 -6.17 56.73 -5.42
C GLU B 814 -6.89 55.60 -4.71
N GLN B 815 -7.97 55.08 -5.29
CA GLN B 815 -8.61 53.90 -4.73
C GLN B 815 -7.67 52.71 -4.76
N ILE B 816 -6.94 52.53 -5.86
CA ILE B 816 -5.96 51.45 -5.94
C ILE B 816 -4.94 51.58 -4.82
N MET B 817 -4.39 52.79 -4.65
CA MET B 817 -3.38 53.00 -3.64
C MET B 817 -3.92 52.75 -2.23
N THR B 818 -5.13 53.23 -1.94
CA THR B 818 -5.71 53.02 -0.62
C THR B 818 -5.95 51.53 -0.36
N CYS B 819 -6.48 50.80 -1.36
CA CYS B 819 -6.70 49.37 -1.18
C CYS B 819 -5.39 48.64 -0.94
N VAL B 820 -4.35 48.99 -1.69
CA VAL B 820 -3.05 48.33 -1.51
C VAL B 820 -2.52 48.60 -0.11
N ALA B 821 -2.57 49.86 0.33
CA ALA B 821 -2.06 50.21 1.66
C ALA B 821 -2.85 49.51 2.75
N ASP B 822 -4.18 49.45 2.62
CA ASP B 822 -4.99 48.79 3.64
C ASP B 822 -4.69 47.31 3.72
N THR B 823 -4.57 46.65 2.56
CA THR B 823 -4.26 45.23 2.55
C THR B 823 -2.88 44.97 3.15
N CYS B 824 -1.90 45.80 2.81
CA CYS B 824 -0.56 45.64 3.38
C CYS B 824 -0.58 45.81 4.90
N ARG B 825 -1.34 46.80 5.37
CA ARG B 825 -1.43 47.01 6.82
C ARG B 825 -2.08 45.81 7.50
N ARG B 826 -3.13 45.25 6.90
CA ARG B 826 -3.75 44.07 7.49
C ARG B 826 -2.77 42.91 7.56
N PHE B 827 -2.03 42.68 6.47
CA PHE B 827 -1.03 41.60 6.48
C PHE B 827 0.01 41.83 7.57
N PHE B 828 0.55 43.05 7.64
CA PHE B 828 1.59 43.33 8.62
C PHE B 828 1.06 43.20 10.03
N ASP B 829 -0.21 43.55 10.26
CA ASP B 829 -0.82 43.32 11.56
C ASP B 829 -0.86 41.84 11.88
N ARG B 830 -1.30 41.02 10.92
CA ARG B 830 -1.33 39.58 11.16
C ARG B 830 0.06 39.00 11.35
N GLY B 831 1.11 39.70 10.93
CA GLY B 831 2.47 39.28 11.18
C GLY B 831 3.32 39.05 9.96
N TYR B 832 2.84 39.40 8.78
CA TYR B 832 3.64 39.26 7.57
C TYR B 832 4.72 40.34 7.53
N SER B 833 5.78 40.05 6.79
CA SER B 833 6.87 40.99 6.68
C SER B 833 6.72 41.87 5.44
N PRO B 834 7.26 43.08 5.45
CA PRO B 834 7.26 43.89 4.21
C PRO B 834 8.04 43.26 3.07
N LYS B 835 9.01 42.40 3.36
CA LYS B 835 9.73 41.72 2.29
C LYS B 835 8.94 40.58 1.66
N ASP B 836 7.67 40.41 2.01
CA ASP B 836 6.79 39.46 1.34
C ASP B 836 5.89 40.12 0.30
N VAL B 837 6.03 41.43 0.11
CA VAL B 837 5.11 42.21 -0.72
C VAL B 837 5.86 42.84 -1.86
N ALA B 838 5.24 42.84 -3.04
CA ALA B 838 5.73 43.57 -4.20
C ALA B 838 4.56 44.25 -4.89
N VAL B 839 4.78 45.48 -5.32
CA VAL B 839 3.79 46.24 -6.09
C VAL B 839 4.37 46.46 -7.48
N LEU B 840 3.79 45.82 -8.48
CA LEU B 840 4.32 45.79 -9.83
C LEU B 840 3.46 46.65 -10.74
N VAL B 841 4.11 47.52 -11.52
CA VAL B 841 3.40 48.44 -12.42
C VAL B 841 3.77 48.12 -13.85
N SER B 842 3.16 48.83 -14.79
CA SER B 842 3.34 48.51 -16.21
C SER B 842 4.75 48.81 -16.69
N THR B 843 5.26 49.99 -16.37
CA THR B 843 6.52 50.43 -16.95
C THR B 843 7.31 51.23 -15.92
N ALA B 844 8.61 51.38 -16.18
CA ALA B 844 9.48 52.13 -15.28
C ALA B 844 9.18 53.63 -15.31
N LYS B 845 8.57 54.13 -16.39
CA LYS B 845 8.22 55.55 -16.42
C LYS B 845 7.09 55.87 -15.46
N GLU B 846 6.13 54.97 -15.30
CA GLU B 846 5.04 55.17 -14.35
C GLU B 846 5.42 54.80 -12.93
N VAL B 847 6.62 54.23 -12.74
CA VAL B 847 7.06 53.84 -11.41
C VAL B 847 7.19 55.05 -10.50
N GLU B 848 7.75 56.14 -11.03
CA GLU B 848 7.94 57.34 -10.22
C GLU B 848 6.60 57.93 -9.77
N HIS B 849 5.62 57.97 -10.67
CA HIS B 849 4.29 58.45 -10.29
C HIS B 849 3.68 57.56 -9.21
N TYR B 850 3.69 56.24 -9.44
CA TYR B 850 3.03 55.34 -8.51
C TYR B 850 3.77 55.26 -7.18
N LYS B 851 5.07 55.49 -7.15
CA LYS B 851 5.80 55.43 -5.89
C LYS B 851 5.37 56.55 -4.96
N TYR B 852 5.33 57.78 -5.49
CA TYR B 852 4.83 58.90 -4.71
C TYR B 852 3.39 58.68 -4.29
N GLU B 853 2.56 58.20 -5.23
CA GLU B 853 1.16 57.97 -4.90
C GLU B 853 1.00 56.91 -3.81
N LEU B 854 1.83 55.87 -3.83
CA LEU B 854 1.73 54.82 -2.83
C LEU B 854 2.24 55.28 -1.47
N LEU B 855 3.30 56.09 -1.47
CA LEU B 855 3.75 56.68 -0.20
C LEU B 855 2.66 57.59 0.37
N LYS B 856 1.93 58.28 -0.50
CA LYS B 856 0.86 59.17 -0.06
C LYS B 856 -0.20 58.43 0.74
N ALA B 857 -0.29 57.10 0.58
CA ALA B 857 -1.21 56.29 1.36
C ALA B 857 -0.51 55.55 2.49
N MET B 858 0.71 55.07 2.25
CA MET B 858 1.41 54.28 3.25
C MET B 858 1.84 55.15 4.44
N ARG B 859 2.00 56.46 4.23
CA ARG B 859 2.30 57.33 5.35
C ARG B 859 1.15 57.39 6.34
N LYS B 860 -0.05 57.00 5.93
CA LYS B 860 -1.16 56.84 6.85
C LYS B 860 -1.14 55.48 7.54
N LYS B 861 -0.42 54.50 6.98
CA LYS B 861 -0.30 53.17 7.57
C LYS B 861 1.02 52.98 8.29
N ARG B 862 1.84 54.02 8.38
CA ARG B 862 3.03 54.03 9.23
C ARG B 862 4.16 53.19 8.66
N VAL B 863 4.24 53.09 7.33
CA VAL B 863 5.39 52.55 6.63
C VAL B 863 5.75 53.51 5.51
N VAL B 864 7.02 53.90 5.45
CA VAL B 864 7.46 54.93 4.52
C VAL B 864 8.71 54.47 3.78
N GLN B 865 8.98 53.16 3.82
CA GLN B 865 10.17 52.59 3.19
C GLN B 865 9.75 51.77 1.99
N LEU B 866 10.24 52.15 0.82
CA LEU B 866 10.05 51.39 -0.41
C LEU B 866 11.40 51.20 -1.09
N SER B 867 11.43 50.34 -2.10
CA SER B 867 12.66 50.06 -2.82
C SER B 867 12.31 49.53 -4.20
N ASP B 868 13.28 49.62 -5.11
CA ASP B 868 13.12 49.03 -6.43
C ASP B 868 13.58 47.57 -6.41
N ALA B 869 13.48 46.93 -7.57
CA ALA B 869 13.73 45.49 -7.65
C ALA B 869 15.18 45.12 -7.34
N CYS B 870 16.09 46.10 -7.32
CA CYS B 870 17.50 45.80 -7.10
C CYS B 870 17.85 45.59 -5.64
N ASP B 871 16.92 45.80 -4.72
CA ASP B 871 17.13 45.67 -3.28
C ASP B 871 16.24 44.58 -2.70
N MET B 872 16.16 43.43 -3.36
CA MET B 872 15.22 42.39 -2.98
C MET B 872 15.53 41.80 -1.61
N LEU B 873 16.75 41.94 -1.10
CA LEU B 873 17.11 41.35 0.19
C LEU B 873 16.85 42.29 1.36
N GLY B 874 16.27 43.46 1.14
CA GLY B 874 15.97 44.35 2.23
C GLY B 874 14.63 44.04 2.88
N ASP B 875 14.35 44.77 3.96
CA ASP B 875 13.10 44.59 4.71
C ASP B 875 12.07 45.63 4.28
N HIS B 876 11.76 45.70 2.99
CA HIS B 876 10.89 46.76 2.49
C HIS B 876 10.00 46.23 1.38
N ILE B 877 8.95 47.00 1.09
CA ILE B 877 8.06 46.69 -0.02
C ILE B 877 8.75 47.08 -1.32
N VAL B 878 8.75 46.17 -2.29
CA VAL B 878 9.38 46.42 -3.58
C VAL B 878 8.33 46.97 -4.54
N LEU B 879 8.63 48.12 -5.15
CA LEU B 879 7.82 48.66 -6.22
C LEU B 879 8.69 48.78 -7.46
N ASP B 880 8.19 48.28 -8.59
CA ASP B 880 8.95 48.31 -9.83
C ASP B 880 8.05 47.85 -10.96
N SER B 881 8.60 47.88 -12.18
CA SER B 881 7.86 47.43 -13.34
C SER B 881 7.78 45.91 -13.38
N VAL B 882 6.77 45.40 -14.09
CA VAL B 882 6.59 43.95 -14.21
C VAL B 882 7.78 43.33 -14.93
N ARG B 883 8.18 43.93 -16.06
CA ARG B 883 9.30 43.37 -16.82
C ARG B 883 10.60 43.45 -16.01
N ARG B 884 10.79 44.54 -15.27
CA ARG B 884 11.99 44.66 -14.45
C ARG B 884 12.00 43.66 -13.30
N PHE B 885 10.86 43.02 -13.01
CA PHE B 885 10.77 42.00 -11.96
C PHE B 885 10.86 40.59 -12.53
N SER B 886 11.40 40.43 -13.73
CA SER B 886 11.51 39.12 -14.34
C SER B 886 12.43 38.22 -13.51
N GLY B 887 12.00 36.98 -13.29
CA GLY B 887 12.77 36.01 -12.55
C GLY B 887 12.64 36.08 -11.05
N LEU B 888 12.03 37.12 -10.50
CA LEU B 888 11.86 37.28 -9.07
C LEU B 888 10.42 36.95 -8.69
N GLU B 889 10.19 36.75 -7.40
CA GLU B 889 8.85 36.42 -6.93
C GLU B 889 8.71 36.79 -5.46
N ARG B 890 7.47 37.06 -5.06
CA ARG B 890 7.13 37.43 -3.69
C ARG B 890 5.83 36.76 -3.31
N SER B 891 5.60 36.62 -2.00
CA SER B 891 4.38 35.98 -1.54
C SER B 891 3.13 36.78 -1.92
N ILE B 892 3.20 38.10 -1.75
CA ILE B 892 2.08 38.99 -2.02
C ILE B 892 2.48 39.95 -3.12
N VAL B 893 1.70 39.99 -4.19
CA VAL B 893 1.98 40.87 -5.32
C VAL B 893 0.73 41.68 -5.61
N PHE B 894 0.89 42.99 -5.75
CA PHE B 894 -0.16 43.88 -6.20
C PHE B 894 0.18 44.32 -7.62
N GLY B 895 -0.56 43.80 -8.60
CA GLY B 895 -0.37 44.18 -9.98
C GLY B 895 -1.29 45.31 -10.37
N ILE B 896 -0.72 46.45 -10.75
CA ILE B 896 -1.47 47.68 -10.94
C ILE B 896 -1.40 48.09 -12.40
N HIS B 897 -2.56 48.26 -13.03
CA HIS B 897 -2.71 48.81 -14.37
C HIS B 897 -1.64 48.27 -15.33
N PRO B 898 -1.71 46.99 -15.69
CA PRO B 898 -0.81 46.48 -16.73
C PRO B 898 -0.99 47.23 -18.03
N ARG B 899 0.12 47.50 -18.72
CA ARG B 899 0.09 48.35 -19.90
C ARG B 899 1.27 48.03 -20.81
N THR B 900 1.11 48.35 -22.08
CA THR B 900 2.18 48.24 -23.07
C THR B 900 1.82 49.11 -24.26
N ALA B 901 2.83 49.36 -25.11
CA ALA B 901 2.65 50.28 -26.22
C ALA B 901 2.01 49.64 -27.44
N ASP B 902 1.90 48.30 -27.48
CA ASP B 902 1.38 47.60 -28.65
C ASP B 902 0.48 46.45 -28.20
N PRO B 903 -0.69 46.27 -28.81
CA PRO B 903 -1.54 45.12 -28.45
C PRO B 903 -0.88 43.78 -28.71
N ALA B 904 0.17 43.77 -29.52
CA ALA B 904 0.88 42.52 -29.80
C ALA B 904 1.71 42.04 -28.63
N ILE B 905 2.05 42.92 -27.69
CA ILE B 905 2.83 42.56 -26.51
C ILE B 905 1.89 42.48 -25.31
N LEU B 906 0.69 43.03 -25.46
CA LEU B 906 -0.27 43.08 -24.35
C LEU B 906 -0.55 41.73 -23.72
N PRO B 907 -0.73 40.64 -24.47
CA PRO B 907 -1.11 39.37 -23.84
C PRO B 907 -0.13 38.88 -22.79
N ASN B 908 1.17 39.12 -22.96
CA ASN B 908 2.16 38.54 -22.07
C ASN B 908 2.11 39.13 -20.67
N VAL B 909 1.79 40.42 -20.55
CA VAL B 909 1.98 41.13 -19.29
C VAL B 909 1.22 40.47 -18.14
N LEU B 910 0.00 40.00 -18.37
CA LEU B 910 -0.76 39.46 -17.26
C LEU B 910 -0.15 38.17 -16.73
N ILE B 911 0.35 37.30 -17.61
CA ILE B 911 1.09 36.12 -17.18
C ILE B 911 2.38 36.53 -16.49
N CYS B 912 3.14 37.44 -17.10
CA CYS B 912 4.41 37.86 -16.54
C CYS B 912 4.23 38.47 -15.16
N LEU B 913 3.03 38.96 -14.86
CA LEU B 913 2.73 39.51 -13.55
C LEU B 913 2.28 38.41 -12.59
N ALA B 914 1.31 37.59 -13.01
CA ALA B 914 0.76 36.58 -12.13
C ALA B 914 1.80 35.56 -11.71
N SER B 915 2.77 35.28 -12.58
CA SER B 915 3.78 34.28 -12.25
C SER B 915 4.70 34.77 -11.13
N ARG B 916 4.72 36.02 -10.83
CA ARG B 916 5.61 36.53 -9.81
C ARG B 916 5.01 36.43 -8.41
N ALA B 917 3.75 36.09 -8.29
CA ALA B 917 3.10 35.94 -6.99
C ALA B 917 3.08 34.47 -6.57
N LYS B 918 3.50 34.22 -5.33
CA LYS B 918 3.51 32.84 -4.85
C LYS B 918 2.17 32.43 -4.26
N GLN B 919 1.56 33.30 -3.46
CA GLN B 919 0.35 32.93 -2.73
C GLN B 919 -0.80 33.91 -2.89
N HIS B 920 -0.50 35.22 -2.94
CA HIS B 920 -1.54 36.24 -2.98
C HIS B 920 -1.26 37.18 -4.15
N LEU B 921 -2.25 37.34 -5.03
CA LEU B 921 -2.15 38.22 -6.17
C LEU B 921 -3.37 39.15 -6.21
N TYR B 922 -3.11 40.44 -6.31
CA TYR B 922 -4.16 41.46 -6.44
C TYR B 922 -3.93 42.22 -7.74
N ILE B 923 -4.89 42.17 -8.65
CA ILE B 923 -4.80 42.81 -9.96
C ILE B 923 -5.74 44.00 -9.97
N PHE B 924 -5.27 45.13 -10.52
CA PHE B 924 -6.07 46.35 -10.67
C PHE B 924 -5.99 46.79 -12.13
N PRO B 925 -6.85 46.27 -12.99
CA PRO B 925 -6.80 46.61 -14.42
C PRO B 925 -7.42 47.98 -14.69
N TRP B 926 -7.52 48.30 -15.97
CA TRP B 926 -8.19 49.52 -16.40
C TRP B 926 -9.71 49.34 -16.32
N GLY B 927 -10.42 50.46 -16.49
CA GLY B 927 -11.87 50.44 -16.47
C GLY B 927 -12.48 51.79 -16.82
#